data_1O4O
# 
_entry.id   1O4O 
# 
_audit_conform.dict_name       mmcif_pdbx.dic 
_audit_conform.dict_version    5.376 
_audit_conform.dict_location   http://mmcif.pdb.org/dictionaries/ascii/mmcif_pdbx.dic 
# 
loop_
_database_2.database_id 
_database_2.database_code 
_database_2.pdbx_database_accession 
_database_2.pdbx_DOI 
PDB   1O4O         pdb_00001o4o 10.2210/pdb1o4o/pdb 
RCSB  RCSB001799   ?            ?                   
WWPDB D_1000001799 ?            ?                   
# 
_pdbx_database_status.status_code                     REL 
_pdbx_database_status.entry_id                        1O4O 
_pdbx_database_status.recvd_initial_deposition_date   2003-06-15 
_pdbx_database_status.deposit_site                    RCSB 
_pdbx_database_status.process_site                    RCSB 
_pdbx_database_status.SG_entry                        . 
_pdbx_database_status.pdb_format_compatible           Y 
_pdbx_database_status.status_code_mr                  ? 
_pdbx_database_status.status_code_sf                  ? 
_pdbx_database_status.status_code_cs                  ? 
_pdbx_database_status.status_code_nmr_data            ? 
_pdbx_database_status.methods_development_category    ? 
# 
loop_
_audit_author.name 
_audit_author.pdbx_ordinal 
'Lange, G.'  1 
'Loenze, P.' 2 
'Liesum, A.' 3 
# 
_citation.id                        primary 
_citation.title                     
;Requirements for specific binding of low affinity inhibitor fragments to the SH2 domain of (pp60)Src are identical to those for high affinity binding of full length inhibitors.
;
_citation.journal_abbrev            J.Med.Chem. 
_citation.journal_volume            46 
_citation.page_first                5184 
_citation.page_last                 5195 
_citation.year                      2003 
_citation.journal_id_ASTM           JMCMAR 
_citation.country                   US 
_citation.journal_id_ISSN           0022-2623 
_citation.journal_id_CSD            0151 
_citation.book_publisher            ? 
_citation.pdbx_database_id_PubMed   14613321 
_citation.pdbx_database_id_DOI      10.1021/jm020970s 
# 
loop_
_citation_author.citation_id 
_citation_author.name 
_citation_author.ordinal 
_citation_author.identifier_ORCID 
primary 'Lange, G.'       1  ? 
primary 'Lesuisse, D.'    2  ? 
primary 'Deprez, P.'      3  ? 
primary 'Schoot, B.'      4  ? 
primary 'Loenze, P.'      5  ? 
primary 'Benard, D.'      6  ? 
primary 'Marquette, J.P.' 7  ? 
primary 'Broto, P.'       8  ? 
primary 'Sarubbi, E.'     9  ? 
primary 'Mandine, E.'     10 ? 
# 
_cell.entry_id           1O4O 
_cell.length_a           26.447 
_cell.length_b           58.868 
_cell.length_c           64.460 
_cell.angle_alpha        90.00 
_cell.angle_beta         90.00 
_cell.angle_gamma        90.00 
_cell.Z_PDB              4 
_cell.pdbx_unique_axis   ? 
# 
_symmetry.entry_id                         1O4O 
_symmetry.space_group_name_H-M             'P 21 21 21' 
_symmetry.pdbx_full_space_group_name_H-M   ? 
_symmetry.cell_setting                     ? 
_symmetry.Int_Tables_number                19 
# 
loop_
_entity.id 
_entity.type 
_entity.src_method 
_entity.pdbx_description 
_entity.formula_weight 
_entity.pdbx_number_of_molecules 
_entity.pdbx_ec 
_entity.pdbx_mutation 
_entity.pdbx_fragment 
_entity.details 
1 polymer     man 'PROTO-ONCOGENE TYROSINE-PROTEIN KINASE SRC' 12374.964 1   2.7.1.112 ? 'SH2 DOMAIN' ? 
2 non-polymer syn 'PHENYL DIHYDROGEN PHOSPHATE'                174.091   2   ?         ? ?            ? 
3 water       nat water                                        18.015    162 ?         ? ?            ? 
# 
_entity_name_com.entity_id   1 
_entity_name_com.name        'P60-SRC, C-SRC' 
# 
_entity_poly.entity_id                      1 
_entity_poly.type                           'polypeptide(L)' 
_entity_poly.nstd_linkage                   no 
_entity_poly.nstd_monomer                   no 
_entity_poly.pdbx_seq_one_letter_code       
;SIQAEEWYFGKITRRESERLLLNAENPRGTFLVRESETTKGAYCLSVSDFDNAKGLNVKHYKIRKLDSGGFYITSRTQFN
SLQQLVAYYSKHADGLCHRLTTVCPTSK
;
_entity_poly.pdbx_seq_one_letter_code_can   
;SIQAEEWYFGKITRRESERLLLNAENPRGTFLVRESETTKGAYCLSVSDFDNAKGLNVKHYKIRKLDSGGFYITSRTQFN
SLQQLVAYYSKHADGLCHRLTTVCPTSK
;
_entity_poly.pdbx_strand_id                 A 
_entity_poly.pdbx_target_identifier         ? 
# 
loop_
_entity_poly_seq.entity_id 
_entity_poly_seq.num 
_entity_poly_seq.mon_id 
_entity_poly_seq.hetero 
1 1   SER n 
1 2   ILE n 
1 3   GLN n 
1 4   ALA n 
1 5   GLU n 
1 6   GLU n 
1 7   TRP n 
1 8   TYR n 
1 9   PHE n 
1 10  GLY n 
1 11  LYS n 
1 12  ILE n 
1 13  THR n 
1 14  ARG n 
1 15  ARG n 
1 16  GLU n 
1 17  SER n 
1 18  GLU n 
1 19  ARG n 
1 20  LEU n 
1 21  LEU n 
1 22  LEU n 
1 23  ASN n 
1 24  ALA n 
1 25  GLU n 
1 26  ASN n 
1 27  PRO n 
1 28  ARG n 
1 29  GLY n 
1 30  THR n 
1 31  PHE n 
1 32  LEU n 
1 33  VAL n 
1 34  ARG n 
1 35  GLU n 
1 36  SER n 
1 37  GLU n 
1 38  THR n 
1 39  THR n 
1 40  LYS n 
1 41  GLY n 
1 42  ALA n 
1 43  TYR n 
1 44  CYS n 
1 45  LEU n 
1 46  SER n 
1 47  VAL n 
1 48  SER n 
1 49  ASP n 
1 50  PHE n 
1 51  ASP n 
1 52  ASN n 
1 53  ALA n 
1 54  LYS n 
1 55  GLY n 
1 56  LEU n 
1 57  ASN n 
1 58  VAL n 
1 59  LYS n 
1 60  HIS n 
1 61  TYR n 
1 62  LYS n 
1 63  ILE n 
1 64  ARG n 
1 65  LYS n 
1 66  LEU n 
1 67  ASP n 
1 68  SER n 
1 69  GLY n 
1 70  GLY n 
1 71  PHE n 
1 72  TYR n 
1 73  ILE n 
1 74  THR n 
1 75  SER n 
1 76  ARG n 
1 77  THR n 
1 78  GLN n 
1 79  PHE n 
1 80  ASN n 
1 81  SER n 
1 82  LEU n 
1 83  GLN n 
1 84  GLN n 
1 85  LEU n 
1 86  VAL n 
1 87  ALA n 
1 88  TYR n 
1 89  TYR n 
1 90  SER n 
1 91  LYS n 
1 92  HIS n 
1 93  ALA n 
1 94  ASP n 
1 95  GLY n 
1 96  LEU n 
1 97  CYS n 
1 98  HIS n 
1 99  ARG n 
1 100 LEU n 
1 101 THR n 
1 102 THR n 
1 103 VAL n 
1 104 CYS n 
1 105 PRO n 
1 106 THR n 
1 107 SER n 
1 108 LYS n 
# 
_entity_src_gen.entity_id                          1 
_entity_src_gen.pdbx_src_id                        1 
_entity_src_gen.pdbx_alt_source_flag               sample 
_entity_src_gen.pdbx_seq_type                      ? 
_entity_src_gen.pdbx_beg_seq_num                   ? 
_entity_src_gen.pdbx_end_seq_num                   ? 
_entity_src_gen.gene_src_common_name               human 
_entity_src_gen.gene_src_genus                     Homo 
_entity_src_gen.pdbx_gene_src_gene                 SRC 
_entity_src_gen.gene_src_species                   ? 
_entity_src_gen.gene_src_strain                    ? 
_entity_src_gen.gene_src_tissue                    ? 
_entity_src_gen.gene_src_tissue_fraction           ? 
_entity_src_gen.gene_src_details                   ? 
_entity_src_gen.pdbx_gene_src_fragment             ? 
_entity_src_gen.pdbx_gene_src_scientific_name      'Homo sapiens' 
_entity_src_gen.pdbx_gene_src_ncbi_taxonomy_id     9606 
_entity_src_gen.pdbx_gene_src_variant              ? 
_entity_src_gen.pdbx_gene_src_cell_line            ? 
_entity_src_gen.pdbx_gene_src_atcc                 ? 
_entity_src_gen.pdbx_gene_src_organ                ? 
_entity_src_gen.pdbx_gene_src_organelle            ? 
_entity_src_gen.pdbx_gene_src_cell                 ? 
_entity_src_gen.pdbx_gene_src_cellular_location    ? 
_entity_src_gen.host_org_common_name               ? 
_entity_src_gen.pdbx_host_org_scientific_name      'Escherichia coli' 
_entity_src_gen.pdbx_host_org_ncbi_taxonomy_id     562 
_entity_src_gen.host_org_genus                     Escherichia 
_entity_src_gen.pdbx_host_org_gene                 ? 
_entity_src_gen.pdbx_host_org_organ                ? 
_entity_src_gen.host_org_species                   ? 
_entity_src_gen.pdbx_host_org_tissue               ? 
_entity_src_gen.pdbx_host_org_tissue_fraction      ? 
_entity_src_gen.pdbx_host_org_strain               ? 
_entity_src_gen.pdbx_host_org_variant              ? 
_entity_src_gen.pdbx_host_org_cell_line            ? 
_entity_src_gen.pdbx_host_org_atcc                 ? 
_entity_src_gen.pdbx_host_org_culture_collection   ? 
_entity_src_gen.pdbx_host_org_cell                 ? 
_entity_src_gen.pdbx_host_org_organelle            ? 
_entity_src_gen.pdbx_host_org_cellular_location    ? 
_entity_src_gen.pdbx_host_org_vector_type          ? 
_entity_src_gen.pdbx_host_org_vector               ? 
_entity_src_gen.host_org_details                   ? 
_entity_src_gen.expression_system_id               ? 
_entity_src_gen.plasmid_name                       'BL21 (DE3)' 
_entity_src_gen.plasmid_details                    ? 
_entity_src_gen.pdbx_description                   ? 
# 
_struct_ref.id                         1 
_struct_ref.db_name                    UNP 
_struct_ref.db_code                    SRC_HUMAN 
_struct_ref.pdbx_db_accession          P12931 
_struct_ref.entity_id                  1 
_struct_ref.pdbx_seq_one_letter_code   
;SIQAEEWYFGKITRRESERLLLNAENPRGTFLVRESETTKGAYCLSVSDFDNAKGLNVKHYKIRKLDSGGFYITSRTQFN
SLQQLVAYYSKHADGLCHRLTTVCPTSK
;
_struct_ref.pdbx_align_begin           144 
_struct_ref.pdbx_db_isoform            ? 
# 
_struct_ref_seq.align_id                      1 
_struct_ref_seq.ref_id                        1 
_struct_ref_seq.pdbx_PDB_id_code              1O4O 
_struct_ref_seq.pdbx_strand_id                A 
_struct_ref_seq.seq_align_beg                 1 
_struct_ref_seq.pdbx_seq_align_beg_ins_code   ? 
_struct_ref_seq.seq_align_end                 108 
_struct_ref_seq.pdbx_seq_align_end_ins_code   ? 
_struct_ref_seq.pdbx_db_accession             P12931 
_struct_ref_seq.db_align_beg                  144 
_struct_ref_seq.pdbx_db_align_beg_ins_code    ? 
_struct_ref_seq.db_align_end                  251 
_struct_ref_seq.pdbx_db_align_end_ins_code    ? 
_struct_ref_seq.pdbx_auth_seq_align_beg       1 
_struct_ref_seq.pdbx_auth_seq_align_end       108 
# 
loop_
_chem_comp.id 
_chem_comp.type 
_chem_comp.mon_nstd_flag 
_chem_comp.name 
_chem_comp.pdbx_synonyms 
_chem_comp.formula 
_chem_comp.formula_weight 
ALA 'L-peptide linking' y ALANINE                       ?               'C3 H7 N O2'     89.093  
ARG 'L-peptide linking' y ARGININE                      ?               'C6 H15 N4 O2 1' 175.209 
ASN 'L-peptide linking' y ASPARAGINE                    ?               'C4 H8 N2 O3'    132.118 
ASP 'L-peptide linking' y 'ASPARTIC ACID'               ?               'C4 H7 N O4'     133.103 
CYS 'L-peptide linking' y CYSTEINE                      ?               'C3 H7 N O2 S'   121.158 
GLN 'L-peptide linking' y GLUTAMINE                     ?               'C5 H10 N2 O3'   146.144 
GLU 'L-peptide linking' y 'GLUTAMIC ACID'               ?               'C5 H9 N O4'     147.129 
GLY 'peptide linking'   y GLYCINE                       ?               'C2 H5 N O2'     75.067  
HIS 'L-peptide linking' y HISTIDINE                     ?               'C6 H10 N3 O2 1' 156.162 
HOH non-polymer         . WATER                         ?               'H2 O'           18.015  
HPS non-polymer         . 'PHENYL DIHYDROGEN PHOSPHATE' PHENYLPHOSPHATE 'C6 H7 O4 P'     174.091 
ILE 'L-peptide linking' y ISOLEUCINE                    ?               'C6 H13 N O2'    131.173 
LEU 'L-peptide linking' y LEUCINE                       ?               'C6 H13 N O2'    131.173 
LYS 'L-peptide linking' y LYSINE                        ?               'C6 H15 N2 O2 1' 147.195 
PHE 'L-peptide linking' y PHENYLALANINE                 ?               'C9 H11 N O2'    165.189 
PRO 'L-peptide linking' y PROLINE                       ?               'C5 H9 N O2'     115.130 
SER 'L-peptide linking' y SERINE                        ?               'C3 H7 N O3'     105.093 
THR 'L-peptide linking' y THREONINE                     ?               'C4 H9 N O3'     119.119 
TRP 'L-peptide linking' y TRYPTOPHAN                    ?               'C11 H12 N2 O2'  204.225 
TYR 'L-peptide linking' y TYROSINE                      ?               'C9 H11 N O3'    181.189 
VAL 'L-peptide linking' y VALINE                        ?               'C5 H11 N O2'    117.146 
# 
_exptl.entry_id          1O4O 
_exptl.method            'X-RAY DIFFRACTION' 
_exptl.crystals_number   1 
# 
_exptl_crystal.id                    1 
_exptl_crystal.density_meas          ? 
_exptl_crystal.density_Matthews      2.2 
_exptl_crystal.density_percent_sol   41.9 
_exptl_crystal.description           ? 
# 
_exptl_crystal_grow.crystal_id      1 
_exptl_crystal_grow.method          ? 
_exptl_crystal_grow.temp            ? 
_exptl_crystal_grow.temp_details    ? 
_exptl_crystal_grow.pH              5.50 
_exptl_crystal_grow.pdbx_pH_range   ? 
_exptl_crystal_grow.pdbx_details    'pH 5.50' 
# 
_diffrn.id                     1 
_diffrn.ambient_temp           100.0 
_diffrn.ambient_temp_details   ? 
_diffrn.crystal_id             1 
# 
_diffrn_detector.diffrn_id              1 
_diffrn_detector.detector               'IMAGE PLATE' 
_diffrn_detector.type                   'MAR scanner 345 mm plate' 
_diffrn_detector.pdbx_collection_date   1998-04-22 
_diffrn_detector.details                ? 
# 
_diffrn_radiation.diffrn_id                        1 
_diffrn_radiation.wavelength_id                    1 
_diffrn_radiation.pdbx_monochromatic_or_laue_m_l   M 
_diffrn_radiation.monochromator                    GRAPHITE 
_diffrn_radiation.pdbx_diffrn_protocol             'SINGLE WAVELENGTH' 
_diffrn_radiation.pdbx_scattering_type             x-ray 
# 
_diffrn_radiation_wavelength.id           1 
_diffrn_radiation_wavelength.wavelength   1.5418 
_diffrn_radiation_wavelength.wt           1.0 
# 
_diffrn_source.diffrn_id                   1 
_diffrn_source.source                      'ROTATING ANODE' 
_diffrn_source.type                        'ELLIOTT GX-21' 
_diffrn_source.pdbx_synchrotron_site       ? 
_diffrn_source.pdbx_synchrotron_beamline   ? 
_diffrn_source.pdbx_wavelength             1.5418 
_diffrn_source.pdbx_wavelength_list        ? 
# 
_reflns.entry_id                     1O4O 
_reflns.observed_criterion_sigma_I   -3.000 
_reflns.observed_criterion_sigma_F   ? 
_reflns.d_resolution_low             40.000 
_reflns.d_resolution_high            1.70 
_reflns.number_obs                   11484 
_reflns.number_all                   ? 
_reflns.percent_possible_obs         98.5 
_reflns.pdbx_Rmerge_I_obs            0.068 
_reflns.pdbx_Rsym_value              ? 
_reflns.pdbx_netI_over_sigmaI        15 
_reflns.B_iso_Wilson_estimate        ? 
_reflns.pdbx_redundancy              ? 
_reflns.pdbx_diffrn_id               1 
_reflns.pdbx_ordinal                 1 
# 
_reflns_shell.d_res_high             1.70 
_reflns_shell.d_res_low              1.75 
_reflns_shell.percent_possible_all   94.1 
_reflns_shell.Rmerge_I_obs           0.206 
_reflns_shell.pdbx_Rsym_value        ? 
_reflns_shell.meanI_over_sigI_obs    6 
_reflns_shell.pdbx_redundancy        ? 
_reflns_shell.pdbx_diffrn_id         ? 
_reflns_shell.pdbx_ordinal           1 
# 
_refine.entry_id                                 1O4O 
_refine.ls_number_reflns_obs                     11484 
_refine.ls_number_reflns_all                     ? 
_refine.pdbx_ls_sigma_I                          ? 
_refine.pdbx_ls_sigma_F                          ? 
_refine.pdbx_data_cutoff_high_absF               1000000.000 
_refine.pdbx_data_cutoff_low_absF                0.1000 
_refine.pdbx_data_cutoff_high_rms_absF           ? 
_refine.ls_d_res_low                             8.00 
_refine.ls_d_res_high                            1.70 
_refine.ls_percent_reflns_obs                    98.5 
_refine.ls_R_factor_obs                          0.202 
_refine.ls_R_factor_all                          ? 
_refine.ls_R_factor_R_work                       0.202 
_refine.ls_R_factor_R_free                       ? 
_refine.ls_R_factor_R_free_error                 ? 
_refine.ls_R_factor_R_free_error_details         ? 
_refine.ls_percent_reflns_R_free                 ? 
_refine.ls_number_reflns_R_free                  ? 
_refine.ls_number_parameters                     ? 
_refine.ls_number_restraints                     ? 
_refine.occupancy_min                            ? 
_refine.occupancy_max                            ? 
_refine.correlation_coeff_Fo_to_Fc               ? 
_refine.correlation_coeff_Fo_to_Fc_free          ? 
_refine.B_iso_mean                               19.5 
_refine.aniso_B[1][1]                            ? 
_refine.aniso_B[2][2]                            ? 
_refine.aniso_B[3][3]                            ? 
_refine.aniso_B[1][2]                            ? 
_refine.aniso_B[1][3]                            ? 
_refine.aniso_B[2][3]                            ? 
_refine.solvent_model_details                    ? 
_refine.solvent_model_param_ksol                 ? 
_refine.solvent_model_param_bsol                 ? 
_refine.pdbx_solvent_vdw_probe_radii             ? 
_refine.pdbx_solvent_ion_probe_radii             ? 
_refine.pdbx_solvent_shrinkage_radii             ? 
_refine.pdbx_ls_cross_valid_method               ? 
_refine.details                                  ? 
_refine.pdbx_starting_model                      1SHD 
_refine.pdbx_method_to_determine_struct          MR 
_refine.pdbx_isotropic_thermal_model             ? 
_refine.pdbx_stereochemistry_target_values       ? 
_refine.pdbx_stereochem_target_val_spec_case     ? 
_refine.pdbx_R_Free_selection_details            ? 
_refine.pdbx_overall_ESU_R                       ? 
_refine.pdbx_overall_ESU_R_Free                  ? 
_refine.overall_SU_ML                            ? 
_refine.overall_SU_B                             ? 
_refine.pdbx_refine_id                           'X-RAY DIFFRACTION' 
_refine.pdbx_diffrn_id                           1 
_refine.pdbx_TLS_residual_ADP_flag               ? 
_refine.pdbx_overall_phase_error                 ? 
_refine.overall_SU_R_Cruickshank_DPI             ? 
_refine.pdbx_overall_SU_R_free_Cruickshank_DPI   ? 
_refine.pdbx_overall_SU_R_Blow_DPI               ? 
_refine.pdbx_overall_SU_R_free_Blow_DPI          ? 
# 
_refine_hist.pdbx_refine_id                   'X-RAY DIFFRACTION' 
_refine_hist.cycle_id                         LAST 
_refine_hist.pdbx_number_atoms_protein        856 
_refine_hist.pdbx_number_atoms_nucleic_acid   0 
_refine_hist.pdbx_number_atoms_ligand         22 
_refine_hist.number_atoms_solvent             162 
_refine_hist.number_atoms_total               1040 
_refine_hist.d_res_high                       1.70 
_refine_hist.d_res_low                        8.00 
# 
loop_
_refine_ls_restr.type 
_refine_ls_restr.dev_ideal 
_refine_ls_restr.dev_ideal_target 
_refine_ls_restr.weight 
_refine_ls_restr.number 
_refine_ls_restr.pdbx_refine_id 
_refine_ls_restr.pdbx_restraint_function 
x_bond_d                0.013 ? ? ? 'X-RAY DIFFRACTION' ? 
x_bond_d_na             ?     ? ? ? 'X-RAY DIFFRACTION' ? 
x_bond_d_prot           ?     ? ? ? 'X-RAY DIFFRACTION' ? 
x_angle_d               ?     ? ? ? 'X-RAY DIFFRACTION' ? 
x_angle_d_na            ?     ? ? ? 'X-RAY DIFFRACTION' ? 
x_angle_d_prot          ?     ? ? ? 'X-RAY DIFFRACTION' ? 
x_angle_deg             1.0   ? ? ? 'X-RAY DIFFRACTION' ? 
x_angle_deg_na          ?     ? ? ? 'X-RAY DIFFRACTION' ? 
x_angle_deg_prot        ?     ? ? ? 'X-RAY DIFFRACTION' ? 
x_dihedral_angle_d      ?     ? ? ? 'X-RAY DIFFRACTION' ? 
x_dihedral_angle_d_na   ?     ? ? ? 'X-RAY DIFFRACTION' ? 
x_dihedral_angle_d_prot ?     ? ? ? 'X-RAY DIFFRACTION' ? 
x_improper_angle_d      ?     ? ? ? 'X-RAY DIFFRACTION' ? 
x_improper_angle_d_na   ?     ? ? ? 'X-RAY DIFFRACTION' ? 
x_improper_angle_d_prot ?     ? ? ? 'X-RAY DIFFRACTION' ? 
x_mcbond_it             ?     ? ? ? 'X-RAY DIFFRACTION' ? 
x_mcangle_it            ?     ? ? ? 'X-RAY DIFFRACTION' ? 
x_scbond_it             ?     ? ? ? 'X-RAY DIFFRACTION' ? 
x_scangle_it            ?     ? ? ? 'X-RAY DIFFRACTION' ? 
# 
_struct.entry_id                  1O4O 
_struct.title                     'CRYSTAL STRUCTURE OF SH2 IN COMPLEX WITH PHENYLPHOSPHATE.' 
_struct.pdbx_model_details        ? 
_struct.pdbx_CASP_flag            ? 
_struct.pdbx_model_type_details   ? 
# 
_struct_keywords.entry_id        1O4O 
_struct_keywords.pdbx_keywords   'SIGNALING PROTEIN' 
_struct_keywords.text            'SH2 DOMAIN FRAGMENT APPROACH, SIGNALING PROTEIN' 
# 
loop_
_struct_asym.id 
_struct_asym.pdbx_blank_PDB_chainid_flag 
_struct_asym.pdbx_modified 
_struct_asym.entity_id 
_struct_asym.details 
A N N 1 ? 
B N N 2 ? 
C N N 2 ? 
D N N 3 ? 
# 
_struct_biol.id   1 
# 
loop_
_struct_conf.conf_type_id 
_struct_conf.id 
_struct_conf.pdbx_PDB_helix_id 
_struct_conf.beg_label_comp_id 
_struct_conf.beg_label_asym_id 
_struct_conf.beg_label_seq_id 
_struct_conf.pdbx_beg_PDB_ins_code 
_struct_conf.end_label_comp_id 
_struct_conf.end_label_asym_id 
_struct_conf.end_label_seq_id 
_struct_conf.pdbx_end_PDB_ins_code 
_struct_conf.beg_auth_comp_id 
_struct_conf.beg_auth_asym_id 
_struct_conf.beg_auth_seq_id 
_struct_conf.end_auth_comp_id 
_struct_conf.end_auth_asym_id 
_struct_conf.end_auth_seq_id 
_struct_conf.pdbx_PDB_helix_class 
_struct_conf.details 
_struct_conf.pdbx_PDB_helix_length 
HELX_P HELX_P1 1 SER A 1  ? GLU A 5  ? SER A 1  GLU A 5  5 ? 5  
HELX_P HELX_P2 2 THR A 13 ? LEU A 22 ? THR A 13 LEU A 22 1 ? 10 
HELX_P HELX_P3 3 SER A 81 ? HIS A 92 ? SER A 81 HIS A 92 1 ? 12 
# 
_struct_conf_type.id          HELX_P 
_struct_conf_type.criteria    ? 
_struct_conf_type.reference   ? 
# 
_struct_sheet.id               A 
_struct_sheet.type             ? 
_struct_sheet.number_strands   5 
_struct_sheet.details          ? 
# 
loop_
_struct_sheet_order.sheet_id 
_struct_sheet_order.range_id_1 
_struct_sheet_order.range_id_2 
_struct_sheet_order.offset 
_struct_sheet_order.sense 
A 1 2 ? parallel      
A 2 3 ? anti-parallel 
A 3 4 ? anti-parallel 
A 4 5 ? anti-parallel 
# 
loop_
_struct_sheet_range.sheet_id 
_struct_sheet_range.id 
_struct_sheet_range.beg_label_comp_id 
_struct_sheet_range.beg_label_asym_id 
_struct_sheet_range.beg_label_seq_id 
_struct_sheet_range.pdbx_beg_PDB_ins_code 
_struct_sheet_range.end_label_comp_id 
_struct_sheet_range.end_label_asym_id 
_struct_sheet_range.end_label_seq_id 
_struct_sheet_range.pdbx_end_PDB_ins_code 
_struct_sheet_range.beg_auth_comp_id 
_struct_sheet_range.beg_auth_asym_id 
_struct_sheet_range.beg_auth_seq_id 
_struct_sheet_range.end_auth_comp_id 
_struct_sheet_range.end_auth_asym_id 
_struct_sheet_range.end_auth_seq_id 
A 1 TYR A 8  ? GLY A 10 ? TYR A 8  GLY A 10 
A 2 PHE A 31 ? GLU A 35 ? PHE A 31 GLU A 35 
A 3 TYR A 43 ? ASP A 51 ? TYR A 43 ASP A 51 
A 4 GLY A 55 ? LYS A 65 ? GLY A 55 LYS A 65 
A 5 PHE A 71 ? TYR A 72 ? PHE A 71 TYR A 72 
# 
loop_
_pdbx_struct_sheet_hbond.sheet_id 
_pdbx_struct_sheet_hbond.range_id_1 
_pdbx_struct_sheet_hbond.range_id_2 
_pdbx_struct_sheet_hbond.range_1_label_atom_id 
_pdbx_struct_sheet_hbond.range_1_label_comp_id 
_pdbx_struct_sheet_hbond.range_1_label_asym_id 
_pdbx_struct_sheet_hbond.range_1_label_seq_id 
_pdbx_struct_sheet_hbond.range_1_PDB_ins_code 
_pdbx_struct_sheet_hbond.range_1_auth_atom_id 
_pdbx_struct_sheet_hbond.range_1_auth_comp_id 
_pdbx_struct_sheet_hbond.range_1_auth_asym_id 
_pdbx_struct_sheet_hbond.range_1_auth_seq_id 
_pdbx_struct_sheet_hbond.range_2_label_atom_id 
_pdbx_struct_sheet_hbond.range_2_label_comp_id 
_pdbx_struct_sheet_hbond.range_2_label_asym_id 
_pdbx_struct_sheet_hbond.range_2_label_seq_id 
_pdbx_struct_sheet_hbond.range_2_PDB_ins_code 
_pdbx_struct_sheet_hbond.range_2_auth_atom_id 
_pdbx_struct_sheet_hbond.range_2_auth_comp_id 
_pdbx_struct_sheet_hbond.range_2_auth_asym_id 
_pdbx_struct_sheet_hbond.range_2_auth_seq_id 
A 1 2 N GLY A 10 ? N GLY A 10 O GLU A 35 ? O GLU A 35 
A 2 3 N LEU A 32 ? N LEU A 32 O SER A 46 ? O SER A 46 
A 3 4 N LEU A 45 ? N LEU A 45 O TYR A 61 ? O TYR A 61 
A 4 5 N ARG A 64 ? N ARG A 64 O TYR A 72 ? O TYR A 72 
# 
loop_
_struct_site.id 
_struct_site.pdbx_evidence_code 
_struct_site.pdbx_auth_asym_id 
_struct_site.pdbx_auth_comp_id 
_struct_site.pdbx_auth_seq_id 
_struct_site.pdbx_auth_ins_code 
_struct_site.pdbx_num_residues 
_struct_site.details 
AC1 Software A HPS 300 ? 12 'BINDING SITE FOR RESIDUE HPS A 300' 
AC2 Software A HPS 400 ? 8  'BINDING SITE FOR RESIDUE HPS A 400' 
# 
loop_
_struct_site_gen.id 
_struct_site_gen.site_id 
_struct_site_gen.pdbx_num_res 
_struct_site_gen.label_comp_id 
_struct_site_gen.label_asym_id 
_struct_site_gen.label_seq_id 
_struct_site_gen.pdbx_auth_ins_code 
_struct_site_gen.auth_comp_id 
_struct_site_gen.auth_asym_id 
_struct_site_gen.auth_seq_id 
_struct_site_gen.label_atom_id 
_struct_site_gen.label_alt_id 
_struct_site_gen.symmetry 
_struct_site_gen.details 
1  AC1 12 ARG A 28  ? ARG A 28  . ? 4_556 ? 
2  AC1 12 LYS A 54  ? LYS A 54  . ? 1_555 ? 
3  AC1 12 LYS A 59  ? LYS A 59  . ? 1_555 ? 
4  AC1 12 GLY A 95  ? GLY A 95  . ? 1_555 ? 
5  AC1 12 LEU A 96  ? LEU A 96  . ? 1_555 ? 
6  AC1 12 CYS A 97  ? CYS A 97  . ? 1_555 ? 
7  AC1 12 HIS A 98  ? HIS A 98  . ? 4_556 ? 
8  AC1 12 ARG A 99  ? ARG A 99  . ? 4_556 ? 
9  AC1 12 THR A 101 ? THR A 101 . ? 4_556 ? 
10 AC1 12 HOH D .   ? HOH A 433 . ? 4_556 ? 
11 AC1 12 HOH D .   ? HOH A 507 . ? 4_556 ? 
12 AC1 12 HOH D .   ? HOH A 552 . ? 1_555 ? 
13 AC2 8  ARG A 14  ? ARG A 14  . ? 1_555 ? 
14 AC2 8  ARG A 34  ? ARG A 34  . ? 1_555 ? 
15 AC2 8  SER A 36  ? SER A 36  . ? 1_555 ? 
16 AC2 8  GLU A 37  ? GLU A 37  . ? 1_555 ? 
17 AC2 8  THR A 38  ? THR A 38  . ? 1_555 ? 
18 AC2 8  HIS A 60  ? HIS A 60  . ? 1_555 ? 
19 AC2 8  LYS A 62  ? LYS A 62  . ? 1_555 ? 
20 AC2 8  HOH D .   ? HOH A 526 . ? 1_555 ? 
# 
_atom_sites.entry_id                    1O4O 
_atom_sites.fract_transf_matrix[1][1]   0.03118032 
_atom_sites.fract_transf_matrix[1][2]   0.01592181 
_atom_sites.fract_transf_matrix[1][3]   0.01428129 
_atom_sites.fract_transf_matrix[2][1]   -0.00611895 
_atom_sites.fract_transf_matrix[2][2]   0.01538584 
_atom_sites.fract_transf_matrix[2][3]   -0.00379376 
_atom_sites.fract_transf_matrix[3][1]   -0.00676590 
_atom_sites.fract_transf_matrix[3][2]   0.00074641 
_atom_sites.fract_transf_matrix[3][3]   0.01393982 
_atom_sites.fract_transf_vector[1]      0.382732 
_atom_sites.fract_transf_vector[2]      0.331620 
_atom_sites.fract_transf_vector[3]      0.312789 
# 
loop_
_atom_type.symbol 
C 
N 
O 
P 
S 
# 
loop_
_atom_site.group_PDB 
_atom_site.id 
_atom_site.type_symbol 
_atom_site.label_atom_id 
_atom_site.label_alt_id 
_atom_site.label_comp_id 
_atom_site.label_asym_id 
_atom_site.label_entity_id 
_atom_site.label_seq_id 
_atom_site.pdbx_PDB_ins_code 
_atom_site.Cartn_x 
_atom_site.Cartn_y 
_atom_site.Cartn_z 
_atom_site.occupancy 
_atom_site.B_iso_or_equiv 
_atom_site.pdbx_formal_charge 
_atom_site.auth_seq_id 
_atom_site.auth_comp_id 
_atom_site.auth_asym_id 
_atom_site.auth_atom_id 
_atom_site.pdbx_PDB_model_num 
ATOM   1    N N   . SER A 1 1   ? 0.935   -8.383  -15.381 1.00 59.69 ? 1   SER A N   1 
ATOM   2    C CA  . SER A 1 1   ? 1.002   -6.885  -15.264 1.00 58.54 ? 1   SER A CA  1 
ATOM   3    C C   . SER A 1 1   ? 0.342   -6.428  -13.970 1.00 56.55 ? 1   SER A C   1 
ATOM   4    O O   . SER A 1 1   ? -0.589  -7.069  -13.468 1.00 57.41 ? 1   SER A O   1 
ATOM   5    C CB  . SER A 1 1   ? 0.311   -6.194  -16.455 1.00 60.11 ? 1   SER A CB  1 
ATOM   6    O OG  . SER A 1 1   ? 1.044   -5.052  -16.877 1.00 59.87 ? 1   SER A OG  1 
ATOM   7    N N   . ILE A 1 2   ? 0.786   -5.289  -13.457 1.00 53.60 ? 2   ILE A N   1 
ATOM   8    C CA  . ILE A 1 2   ? 0.213   -4.808  -12.219 1.00 49.98 ? 2   ILE A CA  1 
ATOM   9    C C   . ILE A 1 2   ? -1.063  -4.049  -12.480 1.00 47.82 ? 2   ILE A C   1 
ATOM   10   O O   . ILE A 1 2   ? -1.927  -4.007  -11.626 1.00 46.84 ? 2   ILE A O   1 
ATOM   11   C CB  . ILE A 1 2   ? 1.178   -3.923  -11.406 1.00 48.76 ? 2   ILE A CB  1 
ATOM   12   C CG1 . ILE A 1 2   ? 1.662   -2.758  -12.268 1.00 44.88 ? 2   ILE A CG1 1 
ATOM   13   C CG2 . ILE A 1 2   ? 2.340   -4.763  -10.847 1.00 46.61 ? 2   ILE A CG2 1 
ATOM   14   C CD1 . ILE A 1 2   ? 1.620   -1.453  -11.578 1.00 43.61 ? 2   ILE A CD1 1 
ATOM   15   N N   . GLN A 1 3   ? -1.225  -3.482  -13.670 1.00 46.66 ? 3   GLN A N   1 
ATOM   16   C CA  . GLN A 1 3   ? -2.459  -2.731  -13.891 1.00 47.22 ? 3   GLN A CA  1 
ATOM   17   C C   . GLN A 1 3   ? -3.673  -3.656  -14.020 1.00 43.74 ? 3   GLN A C   1 
ATOM   18   O O   . GLN A 1 3   ? -4.804  -3.195  -14.167 1.00 44.24 ? 3   GLN A O   1 
ATOM   19   C CB  . GLN A 1 3   ? -2.388  -1.755  -15.077 1.00 54.02 ? 3   GLN A CB  1 
ATOM   20   C CG  . GLN A 1 3   ? -1.009  -1.457  -15.628 1.00 65.00 ? 3   GLN A CG  1 
ATOM   21   C CD  . GLN A 1 3   ? -0.878  -1.962  -17.048 1.00 74.42 ? 3   GLN A CD  1 
ATOM   22   O OE1 . GLN A 1 3   ? -0.177  -2.942  -17.307 1.00 78.10 ? 3   GLN A OE1 1 
ATOM   23   N NE2 . GLN A 1 3   ? -1.606  -1.330  -17.971 1.00 79.13 ? 3   GLN A NE2 1 
ATOM   24   N N   . ALA A 1 4   ? -3.422  -4.959  -13.987 1.00 39.51 ? 4   ALA A N   1 
ATOM   25   C CA  . ALA A 1 4   ? -4.484  -5.956  -14.065 1.00 34.63 ? 4   ALA A CA  1 
ATOM   26   C C   . ALA A 1 4   ? -4.915  -6.248  -12.641 1.00 30.00 ? 4   ALA A C   1 
ATOM   27   O O   . ALA A 1 4   ? -6.077  -6.535  -12.369 1.00 29.95 ? 4   ALA A O   1 
ATOM   28   C CB  . ALA A 1 4   ? -3.953  -7.224  -14.717 1.00 37.20 ? 4   ALA A CB  1 
ATOM   29   N N   . GLU A 1 5   ? -3.966  -6.093  -11.727 1.00 25.91 ? 5   GLU A N   1 
ATOM   30   C CA  . GLU A 1 5   ? -4.164  -6.365  -10.310 1.00 20.34 ? 5   GLU A CA  1 
ATOM   31   C C   . GLU A 1 5   ? -5.312  -5.601  -9.641  1.00 16.31 ? 5   GLU A C   1 
ATOM   32   O O   . GLU A 1 5   ? -5.391  -4.374  -9.714  1.00 16.38 ? 5   GLU A O   1 
ATOM   33   C CB  . GLU A 1 5   ? -2.833  -6.123  -9.581  1.00 21.05 ? 5   GLU A CB  1 
ATOM   34   C CG  . GLU A 1 5   ? -1.624  -6.790  -10.264 1.00 20.48 ? 5   GLU A CG  1 
ATOM   35   C CD  . GLU A 1 5   ? -1.657  -8.285  -10.107 1.00 26.45 ? 5   GLU A CD  1 
ATOM   36   O OE1 . GLU A 1 5   ? -0.978  -9.022  -10.859 1.00 28.16 ? 5   GLU A OE1 1 
ATOM   37   O OE2 . GLU A 1 5   ? -2.376  -8.736  -9.196  1.00 29.90 ? 5   GLU A OE2 1 
ATOM   38   N N   . GLU A 1 6   ? -6.206  -6.320  -8.978  1.00 12.35 ? 6   GLU A N   1 
ATOM   39   C CA  . GLU A 1 6   ? -7.323  -5.668  -8.309  1.00 12.14 ? 6   GLU A CA  1 
ATOM   40   C C   . GLU A 1 6   ? -6.932  -4.619  -7.226  1.00 12.83 ? 6   GLU A C   1 
ATOM   41   O O   . GLU A 1 6   ? -7.697  -3.668  -6.983  1.00 10.86 ? 6   GLU A O   1 
ATOM   42   C CB  . GLU A 1 6   ? -8.318  -6.682  -7.722  1.00 12.33 ? 6   GLU A CB  1 
ATOM   43   C CG  . GLU A 1 6   ? -7.886  -7.371  -6.442  1.00 12.50 ? 6   GLU A CG  1 
ATOM   44   C CD  . GLU A 1 6   ? -6.910  -8.528  -6.650  1.00 7.17  ? 6   GLU A CD  1 
ATOM   45   O OE1 . GLU A 1 6   ? -6.609  -9.195  -5.641  1.00 10.45 ? 6   GLU A OE1 1 
ATOM   46   O OE2 . GLU A 1 6   ? -6.466  -8.800  -7.797  1.00 6.90  ? 6   GLU A OE2 1 
ATOM   47   N N   . TRP A 1 7   ? -5.767  -4.777  -6.589  1.00 11.89 ? 7   TRP A N   1 
ATOM   48   C CA  . TRP A 1 7   ? -5.331  -3.807  -5.587  1.00 10.37 ? 7   TRP A CA  1 
ATOM   49   C C   . TRP A 1 7   ? -4.581  -2.614  -6.191  1.00 12.94 ? 7   TRP A C   1 
ATOM   50   O O   . TRP A 1 7   ? -4.214  -1.686  -5.473  1.00 11.75 ? 7   TRP A O   1 
ATOM   51   C CB  . TRP A 1 7   ? -4.476  -4.459  -4.507  1.00 9.94  ? 7   TRP A CB  1 
ATOM   52   C CG  . TRP A 1 7   ? -3.552  -5.525  -5.015  1.00 12.07 ? 7   TRP A CG  1 
ATOM   53   C CD1 . TRP A 1 7   ? -3.690  -6.884  -4.867  1.00 13.10 ? 7   TRP A CD1 1 
ATOM   54   C CD2 . TRP A 1 7   ? -2.337  -5.313  -5.744  1.00 15.41 ? 7   TRP A CD2 1 
ATOM   55   N NE1 . TRP A 1 7   ? -2.642  -7.531  -5.460  1.00 13.21 ? 7   TRP A NE1 1 
ATOM   56   C CE2 . TRP A 1 7   ? -1.792  -6.599  -6.007  1.00 13.36 ? 7   TRP A CE2 1 
ATOM   57   C CE3 . TRP A 1 7   ? -1.645  -4.178  -6.201  1.00 19.41 ? 7   TRP A CE3 1 
ATOM   58   C CZ2 . TRP A 1 7   ? -0.580  -6.774  -6.702  1.00 16.64 ? 7   TRP A CZ2 1 
ATOM   59   C CZ3 . TRP A 1 7   ? -0.426  -4.354  -6.897  1.00 20.56 ? 7   TRP A CZ3 1 
ATOM   60   C CH2 . TRP A 1 7   ? 0.085   -5.647  -7.137  1.00 14.94 ? 7   TRP A CH2 1 
ATOM   61   N N   . TYR A 1 8   ? -4.326  -2.633  -7.497  1.00 12.83 ? 8   TYR A N   1 
ATOM   62   C CA  . TYR A 1 8   ? -3.641  -1.506  -8.112  1.00 13.64 ? 8   TYR A CA  1 
ATOM   63   C C   . TYR A 1 8   ? -4.642  -0.438  -8.546  1.00 14.59 ? 8   TYR A C   1 
ATOM   64   O O   . TYR A 1 8   ? -5.359  -0.618  -9.544  1.00 16.35 ? 8   TYR A O   1 
ATOM   65   C CB  . TYR A 1 8   ? -2.804  -1.929  -9.335  1.00 12.50 ? 8   TYR A CB  1 
ATOM   66   C CG  . TYR A 1 8   ? -1.958  -0.781  -9.866  1.00 15.39 ? 8   TYR A CG  1 
ATOM   67   C CD1 . TYR A 1 8   ? -0.936  -0.238  -9.071  1.00 18.12 ? 8   TYR A CD1 1 
ATOM   68   C CD2 . TYR A 1 8   ? -2.220  -0.192  -11.111 1.00 17.44 ? 8   TYR A CD2 1 
ATOM   69   C CE1 . TYR A 1 8   ? -0.203  0.871   -9.490  1.00 20.19 ? 8   TYR A CE1 1 
ATOM   70   C CE2 . TYR A 1 8   ? -1.483  0.917   -11.546 1.00 20.38 ? 8   TYR A CE2 1 
ATOM   71   C CZ  . TYR A 1 8   ? -0.478  1.442   -10.712 1.00 24.61 ? 8   TYR A CZ  1 
ATOM   72   O OH  . TYR A 1 8   ? 0.236   2.559   -11.081 1.00 29.34 ? 8   TYR A OH  1 
ATOM   73   N N   . PHE A 1 9   ? -4.731  0.653   -7.800  1.00 13.94 ? 9   PHE A N   1 
ATOM   74   C CA  . PHE A 1 9   ? -5.641  1.745   -8.181  1.00 14.29 ? 9   PHE A CA  1 
ATOM   75   C C   . PHE A 1 9   ? -5.041  2.759   -9.147  1.00 14.38 ? 9   PHE A C   1 
ATOM   76   O O   . PHE A 1 9   ? -5.700  3.742   -9.498  1.00 16.40 ? 9   PHE A O   1 
ATOM   77   C CB  . PHE A 1 9   ? -6.235  2.447   -6.958  1.00 6.14  ? 9   PHE A CB  1 
ATOM   78   C CG  . PHE A 1 9   ? -7.295  1.656   -6.303  1.00 9.92  ? 9   PHE A CG  1 
ATOM   79   C CD1 . PHE A 1 9   ? -7.109  0.271   -6.067  1.00 13.29 ? 9   PHE A CD1 1 
ATOM   80   C CD2 . PHE A 1 9   ? -8.436  2.274   -5.830  1.00 12.74 ? 9   PHE A CD2 1 
ATOM   81   C CE1 . PHE A 1 9   ? -8.074  -0.484  -5.335  1.00 12.97 ? 9   PHE A CE1 1 
ATOM   82   C CE2 . PHE A 1 9   ? -9.410  1.543   -5.096  1.00 20.88 ? 9   PHE A CE2 1 
ATOM   83   C CZ  . PHE A 1 9   ? -9.224  0.159   -4.845  1.00 17.29 ? 9   PHE A CZ  1 
ATOM   84   N N   . GLY A 1 10  ? -3.793  2.535   -9.541  1.00 15.24 ? 10  GLY A N   1 
ATOM   85   C CA  . GLY A 1 10  ? -3.135  3.416   -10.490 1.00 16.88 ? 10  GLY A CA  1 
ATOM   86   C C   . GLY A 1 10  ? -3.077  4.891   -10.194 1.00 16.75 ? 10  GLY A C   1 
ATOM   87   O O   . GLY A 1 10  ? -2.732  5.292   -9.089  1.00 18.09 ? 10  GLY A O   1 
ATOM   88   N N   . LYS A 1 11  ? -3.493  5.713   -11.146 1.00 17.41 ? 11  LYS A N   1 
ATOM   89   C CA  . LYS A 1 11  ? -3.400  7.158   -10.969 1.00 19.46 ? 11  LYS A CA  1 
ATOM   90   C C   . LYS A 1 11  ? -4.492  7.879   -10.156 1.00 18.34 ? 11  LYS A C   1 
ATOM   91   O O   . LYS A 1 11  ? -5.334  8.589   -10.713 1.00 22.31 ? 11  LYS A O   1 
ATOM   92   C CB  . LYS A 1 11  ? -3.162  7.830   -12.338 1.00 22.91 ? 11  LYS A CB  1 
ATOM   93   C CG  . LYS A 1 11  ? -2.869  9.323   -12.253 1.00 28.39 ? 11  LYS A CG  1 
ATOM   94   C CD  . LYS A 1 11  ? -2.213  9.865   -13.498 1.00 28.61 ? 11  LYS A CD  1 
ATOM   95   C CE  . LYS A 1 11  ? -2.008  11.368  -13.384 1.00 30.77 ? 11  LYS A CE  1 
ATOM   96   N NZ  . LYS A 1 11  ? -3.233  12.116  -13.797 1.00 35.59 ? 11  LYS A NZ  1 
ATOM   97   N N   . ILE A 1 12  ? -4.492  7.677   -8.841  1.00 16.39 ? 12  ILE A N   1 
ATOM   98   C CA  . ILE A 1 12  ? -5.452  8.337   -7.961  1.00 14.05 ? 12  ILE A CA  1 
ATOM   99   C C   . ILE A 1 12  ? -4.634  9.181   -6.968  1.00 14.36 ? 12  ILE A C   1 
ATOM   100  O O   . ILE A 1 12  ? -3.468  8.875   -6.718  1.00 13.99 ? 12  ILE A O   1 
ATOM   101  C CB  . ILE A 1 12  ? -6.348  7.327   -7.180  1.00 15.08 ? 12  ILE A CB  1 
ATOM   102  C CG1 . ILE A 1 12  ? -5.512  6.365   -6.328  1.00 14.56 ? 12  ILE A CG1 1 
ATOM   103  C CG2 . ILE A 1 12  ? -7.262  6.569   -8.148  1.00 11.49 ? 12  ILE A CG2 1 
ATOM   104  C CD1 . ILE A 1 12  ? -6.256  5.873   -5.125  1.00 15.73 ? 12  ILE A CD1 1 
ATOM   105  N N   . THR A 1 13  ? -5.221  10.248  -6.432  1.00 12.99 ? 13  THR A N   1 
ATOM   106  C CA  . THR A 1 13  ? -4.516  11.096  -5.486  1.00 12.14 ? 13  THR A CA  1 
ATOM   107  C C   . THR A 1 13  ? -4.445  10.511  -4.056  1.00 11.33 ? 13  THR A C   1 
ATOM   108  O O   . THR A 1 13  ? -5.158  9.563   -3.697  1.00 9.25  ? 13  THR A O   1 
ATOM   109  C CB  . THR A 1 13  ? -5.133  12.534  -5.416  1.00 10.53 ? 13  THR A CB  1 
ATOM   110  O OG1 . THR A 1 13  ? -6.426  12.494  -4.811  1.00 11.05 ? 13  THR A OG1 1 
ATOM   111  C CG2 . THR A 1 13  ? -5.238  13.173  -6.800  1.00 10.20 ? 13  THR A CG2 1 
ATOM   112  N N   . ARG A 1 14  ? -3.556  11.092  -3.249  1.00 11.67 ? 14  ARG A N   1 
ATOM   113  C CA  . ARG A 1 14  ? -3.411  10.729  -1.857  1.00 9.83  ? 14  ARG A CA  1 
ATOM   114  C C   . ARG A 1 14  ? -4.742  11.000  -1.141  1.00 9.92  ? 14  ARG A C   1 
ATOM   115  O O   . ARG A 1 14  ? -5.173  10.188  -0.352  1.00 8.77  ? 14  ARG A O   1 
ATOM   116  C CB  . ARG A 1 14  ? -2.304  11.571  -1.225  1.00 11.66 ? 14  ARG A CB  1 
ATOM   117  C CG  . ARG A 1 14  ? -2.287  11.505  0.268   1.00 11.90 ? 14  ARG A CG  1 
ATOM   118  C CD  . ARG A 1 14  ? -1.489  12.635  0.789   1.00 17.82 ? 14  ARG A CD  1 
ATOM   119  N NE  . ARG A 1 14  ? -1.422  12.639  2.238   1.00 23.76 ? 14  ARG A NE  1 
ATOM   120  C CZ  . ARG A 1 14  ? -0.321  12.335  2.908   1.00 30.39 ? 14  ARG A CZ  1 
ATOM   121  N NH1 . ARG A 1 14  ? -0.294  12.368  4.236   1.00 28.14 ? 14  ARG A NH1 1 
ATOM   122  N NH2 . ARG A 1 14  ? 0.744   11.932  2.236   1.00 36.51 ? 14  ARG A NH2 1 
ATOM   123  N N   . ARG A 1 15  ? -5.379  12.153  -1.411  1.00 10.54 ? 15  ARG A N   1 
ATOM   124  C CA  . ARG A 1 15  ? -6.655  12.530  -0.799  1.00 7.96  ? 15  ARG A CA  1 
ATOM   125  C C   . ARG A 1 15  ? -7.755  11.510  -1.112  1.00 10.42 ? 15  ARG A C   1 
ATOM   126  O O   . ARG A 1 15  ? -8.559  11.163  -0.254  1.00 9.59  ? 15  ARG A O   1 
ATOM   127  C CB  . ARG A 1 15  ? -7.104  13.931  -1.266  1.00 9.09  ? 15  ARG A CB  1 
ATOM   128  C CG  . ARG A 1 15  ? -8.422  14.383  -0.611  1.00 6.98  ? 15  ARG A CG  1 
ATOM   129  C CD  . ARG A 1 15  ? -8.782  15.832  -0.883  1.00 9.56  ? 15  ARG A CD  1 
ATOM   130  N NE  . ARG A 1 15  ? -10.075 16.187  -0.278  1.00 15.90 ? 15  ARG A NE  1 
ATOM   131  C CZ  . ARG A 1 15  ? -10.261 16.510  1.010   1.00 26.15 ? 15  ARG A CZ  1 
ATOM   132  N NH1 . ARG A 1 15  ? -9.234  16.537  1.852   1.00 24.29 ? 15  ARG A NH1 1 
ATOM   133  N NH2 . ARG A 1 15  ? -11.491 16.771  1.483   1.00 29.72 ? 15  ARG A NH2 1 
ATOM   134  N N   . GLU A 1 16  ? -7.803  11.101  -2.364  1.00 10.51 ? 16  GLU A N   1 
ATOM   135  C CA  . GLU A 1 16  ? -8.765  10.111  -2.809  1.00 11.20 ? 16  GLU A CA  1 
ATOM   136  C C   . GLU A 1 16  ? -8.484  8.767   -2.116  1.00 10.61 ? 16  GLU A C   1 
ATOM   137  O O   . GLU A 1 16  ? -9.428  8.110   -1.658  1.00 10.63 ? 16  GLU A O   1 
ATOM   138  C CB  . GLU A 1 16  ? -8.672  9.975   -4.331  1.00 13.04 ? 16  GLU A CB  1 
ATOM   139  C CG  . GLU A 1 16  ? -9.505  8.816   -4.916  1.00 16.39 ? 16  GLU A CG  1 
ATOM   140  C CD  . GLU A 1 16  ? -11.008 8.999   -4.691  1.00 19.86 ? 16  GLU A CD  1 
ATOM   141  O OE1 . GLU A 1 16  ? -11.749 8.045   -5.015  1.00 25.21 ? 16  GLU A OE1 1 
ATOM   142  O OE2 . GLU A 1 16  ? -11.447 10.079  -4.208  1.00 14.16 ? 16  GLU A OE2 1 
ATOM   143  N N   . SER A 1 17  ? -7.214  8.361   -2.017  1.00 8.81  ? 17  SER A N   1 
ATOM   144  C CA  . SER A 1 17  ? -6.906  7.093   -1.343  1.00 6.22  ? 17  SER A CA  1 
ATOM   145  C C   . SER A 1 17  ? -7.392  7.133   0.091   1.00 7.73  ? 17  SER A C   1 
ATOM   146  O O   . SER A 1 17  ? -7.896  6.145   0.600   1.00 9.19  ? 17  SER A O   1 
ATOM   147  C CB  . SER A 1 17  ? -5.423  6.705   -1.416  1.00 8.53  ? 17  SER A CB  1 
ATOM   148  O OG  . SER A 1 17  ? -4.570  7.510   -0.601  1.00 8.19  ? 17  SER A OG  1 
ATOM   149  N N   . GLU A 1 18  ? -7.236  8.263   0.763   1.00 7.90  ? 18  GLU A N   1 
ATOM   150  C CA  . GLU A 1 18  ? -7.696  8.387   2.131   1.00 9.06  ? 18  GLU A CA  1 
ATOM   151  C C   . GLU A 1 18  ? -9.235  8.372   2.189   1.00 10.21 ? 18  GLU A C   1 
ATOM   152  O O   . GLU A 1 18  ? -9.814  7.780   3.091   1.00 11.36 ? 18  GLU A O   1 
ATOM   153  C CB  . GLU A 1 18  ? -7.096  9.648   2.763   1.00 14.75 ? 18  GLU A CB  1 
ATOM   154  C CG  . GLU A 1 18  ? -5.545  9.603   2.934   1.00 13.87 ? 18  GLU A CG  1 
ATOM   155  C CD  . GLU A 1 18  ? -4.893  10.982  3.225   1.00 16.72 ? 18  GLU A CD  1 
ATOM   156  O OE1 . GLU A 1 18  ? -3.690  11.018  3.564   1.00 15.03 ? 18  GLU A OE1 1 
ATOM   157  O OE2 . GLU A 1 18  ? -5.561  12.040  3.108   1.00 20.82 ? 18  GLU A OE2 1 
ATOM   158  N N   . ARG A 1 19  ? -9.900  8.975   1.210   1.00 9.72  ? 19  ARG A N   1 
ATOM   159  C CA  . ARG A 1 19  ? -11.375 8.971   1.175   1.00 11.31 ? 19  ARG A CA  1 
ATOM   160  C C   . ARG A 1 19  ? -11.868 7.517   1.097   1.00 9.36  ? 19  ARG A C   1 
ATOM   161  O O   . ARG A 1 19  ? -12.771 7.110   1.851   1.00 11.82 ? 19  ARG A O   1 
ATOM   162  C CB  . ARG A 1 19  ? -11.918 9.776   -0.031  1.00 9.51  ? 19  ARG A CB  1 
ATOM   163  C CG  . ARG A 1 19  ? -13.431 9.975   0.021   1.00 9.66  ? 19  ARG A CG  1 
ATOM   164  C CD  . ARG A 1 19  ? -13.963 10.557  -1.279  1.00 10.89 ? 19  ARG A CD  1 
ATOM   165  N NE  . ARG A 1 19  ? -13.735 9.664   -2.414  1.00 12.49 ? 19  ARG A NE  1 
ATOM   166  C CZ  . ARG A 1 19  ? -14.495 8.609   -2.699  1.00 13.10 ? 19  ARG A CZ  1 
ATOM   167  N NH1 . ARG A 1 19  ? -15.542 8.330   -1.932  1.00 18.64 ? 19  ARG A NH1 1 
ATOM   168  N NH2 . ARG A 1 19  ? -14.145 7.765   -3.666  1.00 16.26 ? 19  ARG A NH2 1 
ATOM   169  N N   . LEU A 1 20  ? -11.245 6.745   0.209   1.00 10.62 ? 20  LEU A N   1 
ATOM   170  C CA  . LEU A 1 20  ? -11.573 5.327   0.017   1.00 10.21 ? 20  LEU A CA  1 
ATOM   171  C C   . LEU A 1 20  ? -11.268 4.436   1.231   1.00 8.28  ? 20  LEU A C   1 
ATOM   172  O O   . LEU A 1 20  ? -12.085 3.576   1.588   1.00 7.91  ? 20  LEU A O   1 
ATOM   173  C CB  . LEU A 1 20  ? -10.849 4.772   -1.198  1.00 8.94  ? 20  LEU A CB  1 
ATOM   174  C CG  . LEU A 1 20  ? -11.210 5.101   -2.656  1.00 6.68  ? 20  LEU A CG  1 
ATOM   175  C CD1 . LEU A 1 20  ? -10.123 4.608   -3.597  1.00 8.57  ? 20  LEU A CD1 1 
ATOM   176  C CD2 . LEU A 1 20  ? -12.552 4.499   -3.025  1.00 9.74  ? 20  LEU A CD2 1 
ATOM   177  N N   . LEU A 1 21  ? -10.144 4.704   1.910   1.00 7.78  ? 21  LEU A N   1 
ATOM   178  C CA  . LEU A 1 21  ? -9.709  3.920   3.073   1.00 8.41  ? 21  LEU A CA  1 
ATOM   179  C C   . LEU A 1 21  ? -10.337 4.262   4.427   1.00 9.08  ? 21  LEU A C   1 
ATOM   180  O O   . LEU A 1 21  ? -10.366 3.422   5.338   1.00 11.17 ? 21  LEU A O   1 
ATOM   181  C CB  . LEU A 1 21  ? -8.160  3.904   3.164   1.00 8.92  ? 21  LEU A CB  1 
ATOM   182  C CG  . LEU A 1 21  ? -7.425  3.139   2.041   1.00 6.57  ? 21  LEU A CG  1 
ATOM   183  C CD1 . LEU A 1 21  ? -5.977  3.604   1.797   1.00 11.59 ? 21  LEU A CD1 1 
ATOM   184  C CD2 . LEU A 1 21  ? -7.482  1.619   2.302   1.00 6.67  ? 21  LEU A CD2 1 
ATOM   185  N N   . LEU A 1 22  ? -10.915 5.453   4.524   1.00 10.32 ? 22  LEU A N   1 
ATOM   186  C CA  . LEU A 1 22  ? -11.548 5.928   5.741   1.00 12.99 ? 22  LEU A CA  1 
ATOM   187  C C   . LEU A 1 22  ? -13.040 5.577   5.810   1.00 15.29 ? 22  LEU A C   1 
ATOM   188  O O   . LEU A 1 22  ? -13.893 6.417   6.094   1.00 16.43 ? 22  LEU A O   1 
ATOM   189  C CB  . LEU A 1 22  ? -11.353 7.440   5.863   1.00 11.68 ? 22  LEU A CB  1 
ATOM   190  C CG  . LEU A 1 22  ? -9.968  7.940   6.260   1.00 12.65 ? 22  LEU A CG  1 
ATOM   191  C CD1 . LEU A 1 22  ? -9.890  9.446   6.013   1.00 17.68 ? 22  LEU A CD1 1 
ATOM   192  C CD2 . LEU A 1 22  ? -9.708  7.624   7.738   1.00 18.94 ? 22  LEU A CD2 1 
ATOM   193  N N   . ASN A 1 23  ? -13.336 4.316   5.565   1.00 17.35 ? 23  ASN A N   1 
ATOM   194  C CA  . ASN A 1 23  ? -14.687 3.788   5.600   1.00 16.31 ? 23  ASN A CA  1 
ATOM   195  C C   . ASN A 1 23  ? -14.737 2.958   6.879   1.00 15.67 ? 23  ASN A C   1 
ATOM   196  O O   . ASN A 1 23  ? -13.903 2.061   7.073   1.00 16.32 ? 23  ASN A O   1 
ATOM   197  C CB  . ASN A 1 23  ? -14.856 2.938   4.353   1.00 20.54 ? 23  ASN A CB  1 
ATOM   198  C CG  . ASN A 1 23  ? -16.193 2.261   4.292   1.00 26.60 ? 23  ASN A CG  1 
ATOM   199  O OD1 . ASN A 1 23  ? -16.724 1.763   5.306   1.00 26.05 ? 23  ASN A OD1 1 
ATOM   200  N ND2 . ASN A 1 23  ? -16.780 2.284   3.115   1.00 27.29 ? 23  ASN A ND2 1 
ATOM   201  N N   . ALA A 1 24  ? -15.669 3.280   7.776   1.00 15.12 ? 24  ALA A N   1 
ATOM   202  C CA  . ALA A 1 24  ? -15.812 2.601   9.066   1.00 15.32 ? 24  ALA A CA  1 
ATOM   203  C C   . ALA A 1 24  ? -15.904 1.078   8.987   1.00 14.66 ? 24  ALA A C   1 
ATOM   204  O O   . ALA A 1 24  ? -15.782 0.359   9.991   1.00 15.41 ? 24  ALA A O   1 
ATOM   205  C CB  . ALA A 1 24  ? -17.006 3.166   9.798   1.00 15.00 ? 24  ALA A CB  1 
ATOM   206  N N   . GLU A 1 25  ? -16.177 0.580   7.791   1.00 15.75 ? 25  GLU A N   1 
ATOM   207  C CA  . GLU A 1 25  ? -16.281 -0.855  7.592   1.00 16.05 ? 25  GLU A CA  1 
ATOM   208  C C   . GLU A 1 25  ? -14.971 -1.538  7.203   1.00 13.22 ? 25  GLU A C   1 
ATOM   209  O O   . GLU A 1 25  ? -14.911 -2.756  7.184   1.00 13.21 ? 25  GLU A O   1 
ATOM   210  C CB  . GLU A 1 25  ? -17.353 -1.163  6.541   1.00 21.10 ? 25  GLU A CB  1 
ATOM   211  C CG  . GLU A 1 25  ? -18.691 -1.586  7.153   1.00 28.12 ? 25  GLU A CG  1 
ATOM   212  C CD  . GLU A 1 25  ? -19.831 -1.480  6.155   1.00 27.06 ? 25  GLU A CD  1 
ATOM   213  O OE1 . GLU A 1 25  ? -19.642 -1.851  4.974   1.00 28.54 ? 25  GLU A OE1 1 
ATOM   214  O OE2 . GLU A 1 25  ? -20.891 -0.961  6.548   1.00 26.88 ? 25  GLU A OE2 1 
ATOM   215  N N   . ASN A 1 26  ? -13.939 -0.775  6.870   1.00 11.06 ? 26  ASN A N   1 
ATOM   216  C CA  . ASN A 1 26  ? -12.653 -1.362  6.510   1.00 9.81  ? 26  ASN A CA  1 
ATOM   217  C C   . ASN A 1 26  ? -11.886 -1.852  7.754   1.00 9.29  ? 26  ASN A C   1 
ATOM   218  O O   . ASN A 1 26  ? -11.705 -1.096  8.713   1.00 9.48  ? 26  ASN A O   1 
ATOM   219  C CB  . ASN A 1 26  ? -11.777 -0.336  5.803   1.00 10.16 ? 26  ASN A CB  1 
ATOM   220  C CG  . ASN A 1 26  ? -12.311 0.066   4.453   1.00 14.14 ? 26  ASN A CG  1 
ATOM   221  O OD1 . ASN A 1 26  ? -13.129 -0.631  3.861   1.00 14.02 ? 26  ASN A OD1 1 
ATOM   222  N ND2 . ASN A 1 26  ? -11.812 1.185   3.938   1.00 9.42  ? 26  ASN A ND2 1 
ATOM   223  N N   . PRO A 1 27  ? -11.492 -3.138  7.775   1.00 8.75  ? 27  PRO A N   1 
ATOM   224  C CA  . PRO A 1 27  ? -10.745 -3.625  8.948   1.00 8.41  ? 27  PRO A CA  1 
ATOM   225  C C   . PRO A 1 27  ? -9.308  -3.117  8.795   1.00 7.20  ? 27  PRO A C   1 
ATOM   226  O O   . PRO A 1 27  ? -8.895  -2.695  7.684   1.00 6.49  ? 27  PRO A O   1 
ATOM   227  C CB  . PRO A 1 27  ? -10.791 -5.166  8.790   1.00 7.52  ? 27  PRO A CB  1 
ATOM   228  C CG  . PRO A 1 27  ? -12.043 -5.396  7.959   1.00 9.14  ? 27  PRO A CG  1 
ATOM   229  C CD  . PRO A 1 27  ? -11.909 -4.266  6.927   1.00 10.25 ? 27  PRO A CD  1 
ATOM   230  N N   . ARG A 1 28  ? -8.501  -3.308  9.851   1.00 8.60  ? 28  ARG A N   1 
ATOM   231  C CA  . ARG A 1 28  ? -7.109  -2.848  9.808   1.00 5.93  ? 28  ARG A CA  1 
ATOM   232  C C   . ARG A 1 28  ? -6.407  -3.604  8.688   1.00 5.81  ? 28  ARG A C   1 
ATOM   233  O O   . ARG A 1 28  ? -6.719  -4.792  8.428   1.00 8.11  ? 28  ARG A O   1 
ATOM   234  C CB  . ARG A 1 28  ? -6.430  -3.082  11.136  1.00 6.06  ? 28  ARG A CB  1 
ATOM   235  C CG  . ARG A 1 28  ? -7.140  -2.428  12.288  1.00 8.63  ? 28  ARG A CG  1 
ATOM   236  C CD  . ARG A 1 28  ? -6.591  -2.950  13.568  1.00 16.63 ? 28  ARG A CD  1 
ATOM   237  N NE  . ARG A 1 28  ? -5.208  -2.540  13.751  1.00 22.52 ? 28  ARG A NE  1 
ATOM   238  C CZ  . ARG A 1 28  ? -4.308  -3.183  14.500  1.00 26.32 ? 28  ARG A CZ  1 
ATOM   239  N NH1 . ARG A 1 28  ? -4.635  -4.309  15.147  1.00 18.71 ? 28  ARG A NH1 1 
ATOM   240  N NH2 . ARG A 1 28  ? -3.073  -2.680  14.611  1.00 18.45 ? 28  ARG A NH2 1 
ATOM   241  N N   . GLY A 1 29  ? -5.494  -2.940  7.985   1.00 4.80  ? 29  GLY A N   1 
ATOM   242  C CA  . GLY A 1 29  ? -4.802  -3.614  6.908   1.00 5.72  ? 29  GLY A CA  1 
ATOM   243  C C   . GLY A 1 29  ? -5.496  -3.553  5.561   1.00 5.51  ? 29  GLY A C   1 
ATOM   244  O O   . GLY A 1 29  ? -4.991  -4.146  4.588   1.00 4.82  ? 29  GLY A O   1 
ATOM   245  N N   . THR A 1 30  ? -6.653  -2.884  5.483   1.00 5.89  ? 30  THR A N   1 
ATOM   246  C CA  . THR A 1 30  ? -7.320  -2.722  4.175   1.00 7.78  ? 30  THR A CA  1 
ATOM   247  C C   . THR A 1 30  ? -6.319  -1.892  3.359   1.00 6.98  ? 30  THR A C   1 
ATOM   248  O O   . THR A 1 30  ? -5.717  -0.961  3.890   1.00 7.93  ? 30  THR A O   1 
ATOM   249  C CB  . THR A 1 30  ? -8.694  -2.046  4.343   1.00 7.68  ? 30  THR A CB  1 
ATOM   250  O OG1 . THR A 1 30  ? -9.570  -2.943  5.057   1.00 6.91  ? 30  THR A OG1 1 
ATOM   251  C CG2 . THR A 1 30  ? -9.290  -1.647  2.995   1.00 7.36  ? 30  THR A CG2 1 
ATOM   252  N N   . PHE A 1 31  ? -6.111  -2.232  2.090   1.00 6.53  ? 31  PHE A N   1 
ATOM   253  C CA  . PHE A 1 31  ? -5.096  -1.528  1.288   1.00 6.20  ? 31  PHE A CA  1 
ATOM   254  C C   . PHE A 1 31  ? -5.330  -1.344  -0.218  1.00 7.35  ? 31  PHE A C   1 
ATOM   255  O O   . PHE A 1 31  ? -6.184  -2.022  -0.818  1.00 7.00  ? 31  PHE A O   1 
ATOM   256  C CB  . PHE A 1 31  ? -3.769  -2.284  1.451   1.00 7.98  ? 31  PHE A CB  1 
ATOM   257  C CG  . PHE A 1 31  ? -3.720  -3.586  0.682   1.00 8.13  ? 31  PHE A CG  1 
ATOM   258  C CD1 . PHE A 1 31  ? -3.054  -3.658  -0.563  1.00 9.63  ? 31  PHE A CD1 1 
ATOM   259  C CD2 . PHE A 1 31  ? -4.350  -4.732  1.186   1.00 6.87  ? 31  PHE A CD2 1 
ATOM   260  C CE1 . PHE A 1 31  ? -3.025  -4.864  -1.278  1.00 9.22  ? 31  PHE A CE1 1 
ATOM   261  C CE2 . PHE A 1 31  ? -4.324  -5.926  0.472   1.00 3.76  ? 31  PHE A CE2 1 
ATOM   262  C CZ  . PHE A 1 31  ? -3.660  -5.997  -0.763  1.00 3.83  ? 31  PHE A CZ  1 
ATOM   263  N N   . LEU A 1 32  ? -4.463  -0.537  -0.828  1.00 6.42  ? 32  LEU A N   1 
ATOM   264  C CA  . LEU A 1 32  ? -4.437  -0.281  -2.264  1.00 6.33  ? 32  LEU A CA  1 
ATOM   265  C C   . LEU A 1 32  ? -3.015  0.239   -2.631  1.00 8.24  ? 32  LEU A C   1 
ATOM   266  O O   . LEU A 1 32  ? -2.288  0.712   -1.745  1.00 8.43  ? 32  LEU A O   1 
ATOM   267  C CB  . LEU A 1 32  ? -5.527  0.730   -2.658  1.00 3.81  ? 32  LEU A CB  1 
ATOM   268  C CG  . LEU A 1 32  ? -5.445  2.143   -2.056  1.00 5.61  ? 32  LEU A CG  1 
ATOM   269  C CD1 . LEU A 1 32  ? -4.458  2.982   -2.820  1.00 6.39  ? 32  LEU A CD1 1 
ATOM   270  C CD2 . LEU A 1 32  ? -6.788  2.792   -2.018  1.00 5.74  ? 32  LEU A CD2 1 
ATOM   271  N N   . VAL A 1 33  ? -2.614  0.081   -3.895  1.00 7.85  ? 33  VAL A N   1 
ATOM   272  C CA  . VAL A 1 33  ? -1.326  0.590   -4.414  1.00 9.44  ? 33  VAL A CA  1 
ATOM   273  C C   . VAL A 1 33  ? -1.676  1.605   -5.517  1.00 11.10 ? 33  VAL A C   1 
ATOM   274  O O   . VAL A 1 33  ? -2.479  1.331   -6.422  1.00 10.34 ? 33  VAL A O   1 
ATOM   275  C CB  . VAL A 1 33  ? -0.405  -0.508  -5.013  1.00 7.66  ? 33  VAL A CB  1 
ATOM   276  C CG1 . VAL A 1 33  ? 0.824   0.135   -5.733  1.00 8.28  ? 33  VAL A CG1 1 
ATOM   277  C CG2 . VAL A 1 33  ? 0.014   -1.550  -3.930  1.00 8.49  ? 33  VAL A CG2 1 
ATOM   278  N N   . ARG A 1 34  ? -1.096  2.789   -5.408  1.00 10.14 ? 34  ARG A N   1 
ATOM   279  C CA  . ARG A 1 34  ? -1.331  3.876   -6.343  1.00 11.34 ? 34  ARG A CA  1 
ATOM   280  C C   . ARG A 1 34  ? 0.008   4.496   -6.763  1.00 12.13 ? 34  ARG A C   1 
ATOM   281  O O   . ARG A 1 34  ? 1.062   4.066   -6.321  1.00 11.46 ? 34  ARG A O   1 
ATOM   282  C CB  . ARG A 1 34  ? -2.167  4.930   -5.642  1.00 9.16  ? 34  ARG A CB  1 
ATOM   283  C CG  . ARG A 1 34  ? -1.548  5.428   -4.356  1.00 10.85 ? 34  ARG A CG  1 
ATOM   284  C CD  . ARG A 1 34  ? -2.369  6.578   -3.841  1.00 10.53 ? 34  ARG A CD  1 
ATOM   285  N NE  . ARG A 1 34  ? -1.936  7.084   -2.552  1.00 12.71 ? 34  ARG A NE  1 
ATOM   286  C CZ  . ARG A 1 34  ? -1.003  8.028   -2.382  1.00 14.37 ? 34  ARG A CZ  1 
ATOM   287  N NH1 . ARG A 1 34  ? -0.700  8.432   -1.155  1.00 9.74  ? 34  ARG A NH1 1 
ATOM   288  N NH2 . ARG A 1 34  ? -0.392  8.577   -3.428  1.00 12.81 ? 34  ARG A NH2 1 
ATOM   289  N N   . GLU A 1 35  ? -0.039  5.419   -7.704  1.00 15.27 ? 35  GLU A N   1 
ATOM   290  C CA  . GLU A 1 35  ? 1.154   6.131   -8.131  1.00 16.74 ? 35  GLU A CA  1 
ATOM   291  C C   . GLU A 1 35  ? 1.415   7.167   -7.059  1.00 17.34 ? 35  GLU A C   1 
ATOM   292  O O   . GLU A 1 35  ? 0.484   7.740   -6.478  1.00 15.66 ? 35  GLU A O   1 
ATOM   293  C CB  . GLU A 1 35  ? 0.906   6.903   -9.420  1.00 18.05 ? 35  GLU A CB  1 
ATOM   294  C CG  . GLU A 1 35  ? 0.955   6.079   -10.657 1.00 19.62 ? 35  GLU A CG  1 
ATOM   295  C CD  . GLU A 1 35  ? 0.874   6.927   -11.895 1.00 22.09 ? 35  GLU A CD  1 
ATOM   296  O OE1 . GLU A 1 35  ? 0.924   6.338   -12.985 1.00 21.17 ? 35  GLU A OE1 1 
ATOM   297  O OE2 . GLU A 1 35  ? 0.781   8.170   -11.778 1.00 23.81 ? 35  GLU A OE2 1 
ATOM   298  N N   . SER A 1 36  ? 2.693   7.465   -6.872  1.00 18.51 ? 36  SER A N   1 
ATOM   299  C CA  . SER A 1 36  ? 3.108   8.459   -5.901  1.00 19.12 ? 36  SER A CA  1 
ATOM   300  C C   . SER A 1 36  ? 2.807   9.818   -6.535  1.00 18.27 ? 36  SER A C   1 
ATOM   301  O O   . SER A 1 36  ? 2.961   9.990   -7.743  1.00 18.74 ? 36  SER A O   1 
ATOM   302  C CB  . SER A 1 36  ? 4.623   8.289   -5.618  1.00 20.16 ? 36  SER A CB  1 
ATOM   303  O OG  . SER A 1 36  ? 5.196   9.424   -4.987  1.00 19.47 ? 36  SER A OG  1 
ATOM   304  N N   . GLU A 1 37  ? 2.289   10.738  -5.741  1.00 19.65 ? 37  GLU A N   1 
ATOM   305  C CA  . GLU A 1 37  ? 1.990   12.090  -6.188  1.00 22.84 ? 37  GLU A CA  1 
ATOM   306  C C   . GLU A 1 37  ? 3.287   12.900  -6.333  1.00 27.16 ? 37  GLU A C   1 
ATOM   307  O O   . GLU A 1 37  ? 3.429   13.722  -7.249  1.00 28.48 ? 37  GLU A O   1 
ATOM   308  C CB  . GLU A 1 37  ? 1.179   12.820  -5.136  1.00 23.73 ? 37  GLU A CB  1 
ATOM   309  C CG  . GLU A 1 37  ? -0.291  12.557  -5.062  1.00 22.17 ? 37  GLU A CG  1 
ATOM   310  C CD  . GLU A 1 37  ? -0.984  13.646  -4.290  1.00 20.03 ? 37  GLU A CD  1 
ATOM   311  O OE1 . GLU A 1 37  ? -0.338  14.655  -3.939  1.00 22.54 ? 37  GLU A OE1 1 
ATOM   312  O OE2 . GLU A 1 37  ? -2.187  13.523  -4.043  1.00 22.62 ? 37  GLU A OE2 1 
ATOM   313  N N   . THR A 1 38  ? 4.228   12.656  -5.420  1.00 28.91 ? 38  THR A N   1 
ATOM   314  C CA  . THR A 1 38  ? 5.475   13.401  -5.364  1.00 30.57 ? 38  THR A CA  1 
ATOM   315  C C   . THR A 1 38  ? 6.773   12.792  -5.855  1.00 31.66 ? 38  THR A C   1 
ATOM   316  O O   . THR A 1 38  ? 7.743   13.517  -5.995  1.00 32.99 ? 38  THR A O   1 
ATOM   317  C CB  . THR A 1 38  ? 5.708   13.879  -3.932  1.00 32.13 ? 38  THR A CB  1 
ATOM   318  O OG1 . THR A 1 38  ? 5.514   12.777  -3.028  1.00 32.76 ? 38  THR A OG1 1 
ATOM   319  C CG2 . THR A 1 38  ? 4.733   14.992  -3.567  1.00 34.24 ? 38  THR A CG2 1 
ATOM   320  N N   . THR A 1 39  ? 6.833   11.483  -6.078  1.00 32.42 ? 39  THR A N   1 
ATOM   321  C CA  . THR A 1 39  ? 8.077   10.860  -6.546  1.00 32.83 ? 39  THR A CA  1 
ATOM   322  C C   . THR A 1 39  ? 7.852   10.169  -7.872  1.00 33.69 ? 39  THR A C   1 
ATOM   323  O O   . THR A 1 39  ? 7.096   9.203   -7.960  1.00 33.91 ? 39  THR A O   1 
ATOM   324  C CB  . THR A 1 39  ? 8.620   9.807   -5.551  1.00 32.44 ? 39  THR A CB  1 
ATOM   325  O OG1 . THR A 1 39  ? 8.930   10.430  -4.303  1.00 33.27 ? 39  THR A OG1 1 
ATOM   326  C CG2 . THR A 1 39  ? 9.878   9.127   -6.103  1.00 30.38 ? 39  THR A CG2 1 
ATOM   327  N N   . LYS A 1 40  ? 8.496   10.674  -8.913  1.00 34.36 ? 40  LYS A N   1 
ATOM   328  C CA  . LYS A 1 40  ? 8.356   10.075  -10.230 1.00 33.99 ? 40  LYS A CA  1 
ATOM   329  C C   . LYS A 1 40  ? 8.979   8.679   -10.201 1.00 31.89 ? 40  LYS A C   1 
ATOM   330  O O   . LYS A 1 40  ? 10.008  8.451   -9.547  1.00 31.84 ? 40  LYS A O   1 
ATOM   331  C CB  . LYS A 1 40  ? 9.000   10.968  -11.308 1.00 39.40 ? 40  LYS A CB  1 
ATOM   332  C CG  . LYS A 1 40  ? 10.526  11.186  -11.181 1.00 46.29 ? 40  LYS A CG  1 
ATOM   333  C CD  . LYS A 1 40  ? 10.919  12.009  -9.946  1.00 52.29 ? 40  LYS A CD  1 
ATOM   334  C CE  . LYS A 1 40  ? 12.347  11.694  -9.482  1.00 55.01 ? 40  LYS A CE  1 
ATOM   335  N NZ  . LYS A 1 40  ? 12.372  10.957  -8.170  1.00 57.73 ? 40  LYS A NZ  1 
ATOM   336  N N   . GLY A 1 41  ? 8.295   7.728   -10.829 1.00 30.97 ? 41  GLY A N   1 
ATOM   337  C CA  . GLY A 1 41  ? 8.794   6.366   -10.873 1.00 28.18 ? 41  GLY A CA  1 
ATOM   338  C C   . GLY A 1 41  ? 8.425   5.510   -9.676  1.00 26.29 ? 41  GLY A C   1 
ATOM   339  O O   . GLY A 1 41  ? 8.552   4.284   -9.746  1.00 29.42 ? 41  GLY A O   1 
ATOM   340  N N   . ALA A 1 42  ? 7.896   6.128   -8.624  1.00 22.24 ? 42  ALA A N   1 
ATOM   341  C CA  . ALA A 1 42  ? 7.530   5.401   -7.411  1.00 18.48 ? 42  ALA A CA  1 
ATOM   342  C C   . ALA A 1 42  ? 6.036   5.142   -7.294  1.00 17.33 ? 42  ALA A C   1 
ATOM   343  O O   . ALA A 1 42  ? 5.212   5.800   -7.945  1.00 17.67 ? 42  ALA A O   1 
ATOM   344  C CB  . ALA A 1 42  ? 8.004   6.153   -6.184  1.00 17.10 ? 42  ALA A CB  1 
ATOM   345  N N   . TYR A 1 43  ? 5.699   4.163   -6.463  1.00 16.53 ? 43  TYR A N   1 
ATOM   346  C CA  . TYR A 1 43  ? 4.316   3.799   -6.209  1.00 14.99 ? 43  TYR A CA  1 
ATOM   347  C C   . TYR A 1 43  ? 4.089   4.151   -4.751  1.00 12.65 ? 43  TYR A C   1 
ATOM   348  O O   . TYR A 1 43  ? 5.003   4.600   -4.061  1.00 12.01 ? 43  TYR A O   1 
ATOM   349  C CB  . TYR A 1 43  ? 4.091   2.282   -6.397  1.00 15.70 ? 43  TYR A CB  1 
ATOM   350  C CG  . TYR A 1 43  ? 4.237   1.799   -7.801  1.00 19.92 ? 43  TYR A CG  1 
ATOM   351  C CD1 . TYR A 1 43  ? 5.258   0.913   -8.145  1.00 21.59 ? 43  TYR A CD1 1 
ATOM   352  C CD2 . TYR A 1 43  ? 3.350   2.233   -8.794  1.00 26.73 ? 43  TYR A CD2 1 
ATOM   353  C CE1 . TYR A 1 43  ? 5.406   0.465   -9.454  1.00 28.79 ? 43  TYR A CE1 1 
ATOM   354  C CE2 . TYR A 1 43  ? 3.476   1.798   -10.104 1.00 31.89 ? 43  TYR A CE2 1 
ATOM   355  C CZ  . TYR A 1 43  ? 4.511   0.911   -10.436 1.00 35.75 ? 43  TYR A CZ  1 
ATOM   356  O OH  . TYR A 1 43  ? 4.649   0.493   -11.757 1.00 40.99 ? 43  TYR A OH  1 
ATOM   357  N N   . CYS A 1 44  ? 2.876   3.950   -4.276  1.00 11.62 ? 44  CYS A N   1 
ATOM   358  C CA  . CYS A 1 44  ? 2.586   4.209   -2.894  1.00 10.15 ? 44  CYS A CA  1 
ATOM   359  C C   . CYS A 1 44  ? 1.606   3.149   -2.409  1.00 10.67 ? 44  CYS A C   1 
ATOM   360  O O   . CYS A 1 44  ? 0.641   2.831   -3.127  1.00 9.57  ? 44  CYS A O   1 
ATOM   361  C CB  . CYS A 1 44  ? 2.015   5.606   -2.701  1.00 9.05  ? 44  CYS A CB  1 
ATOM   362  S SG  . CYS A 1 44  ? 1.560   5.825   -1.002  1.00 20.66 ? 44  CYS A SG  1 
ATOM   363  N N   . LEU A 1 45  ? 1.937   2.522   -1.279  1.00 8.67  ? 45  LEU A N   1 
ATOM   364  C CA  . LEU A 1 45  ? 1.075   1.520   -0.637  1.00 8.96  ? 45  LEU A CA  1 
ATOM   365  C C   . LEU A 1 45  ? 0.254   2.253   0.410   1.00 8.82  ? 45  LEU A C   1 
ATOM   366  O O   . LEU A 1 45  ? 0.846   2.750   1.370   1.00 8.85  ? 45  LEU A O   1 
ATOM   367  C CB  . LEU A 1 45  ? 1.914   0.430   0.045   1.00 8.82  ? 45  LEU A CB  1 
ATOM   368  C CG  . LEU A 1 45  ? 1.165   -0.647  0.854   1.00 11.22 ? 45  LEU A CG  1 
ATOM   369  C CD1 . LEU A 1 45  ? 0.109   -1.372  -0.005  1.00 8.03  ? 45  LEU A CD1 1 
ATOM   370  C CD2 . LEU A 1 45  ? 2.156   -1.653  1.395   1.00 11.42 ? 45  LEU A CD2 1 
ATOM   371  N N   . SER A 1 46  ? -1.077  2.353   0.244   1.00 6.34  ? 46  SER A N   1 
ATOM   372  C CA  . SER A 1 46  ? -1.900  3.041   1.253   1.00 6.01  ? 46  SER A CA  1 
ATOM   373  C C   . SER A 1 46  ? -2.656  2.005   2.094   1.00 7.48  ? 46  SER A C   1 
ATOM   374  O O   . SER A 1 46  ? -3.267  1.079   1.536   1.00 9.22  ? 46  SER A O   1 
ATOM   375  C CB  . SER A 1 46  ? -2.805  4.105   0.643   1.00 7.52  ? 46  SER A CB  1 
ATOM   376  O OG  . SER A 1 46  ? -2.033  5.048   -0.081  1.00 6.22  ? 46  SER A OG  1 
ATOM   377  N N   . VAL A 1 47  ? -2.657  2.165   3.411   1.00 5.08  ? 47  VAL A N   1 
ATOM   378  C CA  . VAL A 1 47  ? -3.226  1.133   4.314   1.00 7.34  ? 47  VAL A CA  1 
ATOM   379  C C   . VAL A 1 47  ? -4.063  1.700   5.418   1.00 7.86  ? 47  VAL A C   1 
ATOM   380  O O   . VAL A 1 47  ? -3.713  2.731   5.995   1.00 8.26  ? 47  VAL A O   1 
ATOM   381  C CB  . VAL A 1 47  ? -2.067  0.319   4.982   1.00 5.55  ? 47  VAL A CB  1 
ATOM   382  C CG1 . VAL A 1 47  ? -2.571  -0.982  5.674   1.00 6.69  ? 47  VAL A CG1 1 
ATOM   383  C CG2 . VAL A 1 47  ? -0.945  0.045   3.999   1.00 8.57  ? 47  VAL A CG2 1 
ATOM   384  N N   . SER A 1 48  ? -5.177  1.058   5.732   1.00 7.37  ? 48  SER A N   1 
ATOM   385  C CA  . SER A 1 48  ? -6.019  1.555   6.811   1.00 8.71  ? 48  SER A CA  1 
ATOM   386  C C   . SER A 1 48  ? -5.568  0.930   8.129   1.00 7.16  ? 48  SER A C   1 
ATOM   387  O O   . SER A 1 48  ? -4.997  -0.172  8.131   1.00 8.52  ? 48  SER A O   1 
ATOM   388  C CB  . SER A 1 48  ? -7.522  1.237   6.569   1.00 7.44  ? 48  SER A CB  1 
ATOM   389  O OG  . SER A 1 48  ? -7.809  -0.149  6.699   1.00 7.13  ? 48  SER A OG  1 
ATOM   390  N N   . ASP A 1 49  ? -5.860  1.621   9.234   1.00 7.64  ? 49  ASP A N   1 
ATOM   391  C CA  . ASP A 1 49  ? -5.526  1.145   10.550  1.00 7.46  ? 49  ASP A CA  1 
ATOM   392  C C   . ASP A 1 49  ? -6.594  1.624   11.510  1.00 7.18  ? 49  ASP A C   1 
ATOM   393  O O   . ASP A 1 49  ? -7.431  2.443   11.150  1.00 7.72  ? 49  ASP A O   1 
ATOM   394  C CB  . ASP A 1 49  ? -4.140  1.681   10.965  1.00 9.57  ? 49  ASP A CB  1 
ATOM   395  C CG  . ASP A 1 49  ? -3.488  0.867   12.115  1.00 16.68 ? 49  ASP A CG  1 
ATOM   396  O OD1 . ASP A 1 49  ? -3.926  -0.274  12.467  1.00 13.28 ? 49  ASP A OD1 1 
ATOM   397  O OD2 . ASP A 1 49  ? -2.473  1.376   12.626  1.00 14.56 ? 49  ASP A OD2 1 
ATOM   398  N N   . PHE A 1 50  ? -6.537  1.134   12.740  1.00 8.61  ? 50  PHE A N   1 
ATOM   399  C CA  . PHE A 1 50  ? -7.469  1.507   13.800  1.00 11.24 ? 50  PHE A CA  1 
ATOM   400  C C   . PHE A 1 50  ? -6.876  1.150   15.158  1.00 10.60 ? 50  PHE A C   1 
ATOM   401  O O   . PHE A 1 50  ? -6.360  0.042   15.341  1.00 9.93  ? 50  PHE A O   1 
ATOM   402  C CB  . PHE A 1 50  ? -8.832  0.786   13.650  1.00 11.24 ? 50  PHE A CB  1 
ATOM   403  C CG  . PHE A 1 50  ? -9.857  1.157   14.720  1.00 9.72  ? 50  PHE A CG  1 
ATOM   404  C CD1 . PHE A 1 50  ? -9.752  0.646   16.026  1.00 9.92  ? 50  PHE A CD1 1 
ATOM   405  C CD2 . PHE A 1 50  ? -10.912 2.027   14.430  1.00 9.29  ? 50  PHE A CD2 1 
ATOM   406  C CE1 . PHE A 1 50  ? -10.676 0.990   17.020  1.00 9.13  ? 50  PHE A CE1 1 
ATOM   407  C CE2 . PHE A 1 50  ? -11.845 2.366   15.433  1.00 9.42  ? 50  PHE A CE2 1 
ATOM   408  C CZ  . PHE A 1 50  ? -11.710 1.849   16.716  1.00 9.59  ? 50  PHE A CZ  1 
ATOM   409  N N   . ASP A 1 51  ? -6.978  2.083   16.104  1.00 13.47 ? 51  ASP A N   1 
ATOM   410  C CA  . ASP A 1 51  ? -6.551  1.839   17.481  1.00 12.10 ? 51  ASP A CA  1 
ATOM   411  C C   . ASP A 1 51  ? -7.393  2.746   18.361  1.00 10.81 ? 51  ASP A C   1 
ATOM   412  O O   . ASP A 1 51  ? -8.073  3.641   17.868  1.00 10.30 ? 51  ASP A O   1 
ATOM   413  C CB  . ASP A 1 51  ? -5.038  2.053   17.678  1.00 15.21 ? 51  ASP A CB  1 
ATOM   414  C CG  . ASP A 1 51  ? -4.628  3.492   17.530  1.00 14.50 ? 51  ASP A CG  1 
ATOM   415  O OD1 . ASP A 1 51  ? -3.975  3.834   16.543  1.00 20.52 ? 51  ASP A OD1 1 
ATOM   416  O OD2 . ASP A 1 51  ? -4.928  4.285   18.418  1.00 19.18 ? 51  ASP A OD2 1 
ATOM   417  N N   . ASN A 1 52  ? -7.367  2.483   19.660  1.00 11.58 ? 52  ASN A N   1 
ATOM   418  C CA  . ASN A 1 52  ? -8.129  3.242   20.643  1.00 12.77 ? 52  ASN A CA  1 
ATOM   419  C C   . ASN A 1 52  ? -7.771  4.705   20.805  1.00 13.69 ? 52  ASN A C   1 
ATOM   420  O O   . ASN A 1 52  ? -8.599  5.493   21.259  1.00 17.34 ? 52  ASN A O   1 
ATOM   421  C CB  . ASN A 1 52  ? -8.051  2.563   22.000  1.00 14.74 ? 52  ASN A CB  1 
ATOM   422  C CG  . ASN A 1 52  ? -8.845  1.294   22.035  1.00 20.91 ? 52  ASN A CG  1 
ATOM   423  O OD1 . ASN A 1 52  ? -9.713  1.086   21.171  1.00 20.12 ? 52  ASN A OD1 1 
ATOM   424  N ND2 . ASN A 1 52  ? -8.543  0.412   22.993  1.00 17.84 ? 52  ASN A ND2 1 
ATOM   425  N N   . ALA A 1 53  ? -6.533  5.064   20.490  1.00 13.18 ? 53  ALA A N   1 
ATOM   426  C CA  . ALA A 1 53  ? -6.094  6.452   20.588  1.00 14.87 ? 53  ALA A CA  1 
ATOM   427  C C   . ALA A 1 53  ? -6.510  7.312   19.377  1.00 14.75 ? 53  ALA A C   1 
ATOM   428  O O   . ALA A 1 53  ? -7.108  8.397   19.544  1.00 16.39 ? 53  ALA A O   1 
ATOM   429  C CB  . ALA A 1 53  ? -4.564  6.498   20.772  1.00 16.22 ? 53  ALA A CB  1 
ATOM   430  N N   . LYS A 1 54  ? -6.187  6.826   18.172  1.00 14.51 ? 54  LYS A N   1 
ATOM   431  C CA  . LYS A 1 54  ? -6.462  7.523   16.917  1.00 14.49 ? 54  LYS A CA  1 
ATOM   432  C C   . LYS A 1 54  ? -7.777  7.187   16.195  1.00 14.34 ? 54  LYS A C   1 
ATOM   433  O O   . LYS A 1 54  ? -8.185  7.928   15.298  1.00 14.15 ? 54  LYS A O   1 
ATOM   434  C CB  . LYS A 1 54  ? -5.326  7.262   15.914  1.00 12.85 ? 54  LYS A CB  1 
ATOM   435  C CG  . LYS A 1 54  ? -3.958  7.732   16.360  1.00 14.32 ? 54  LYS A CG  1 
ATOM   436  C CD  . LYS A 1 54  ? -2.990  7.668   15.191  1.00 11.56 ? 54  LYS A CD  1 
ATOM   437  C CE  . LYS A 1 54  ? -1.588  8.047   15.639  1.00 12.59 ? 54  LYS A CE  1 
ATOM   438  N NZ  . LYS A 1 54  ? -0.686  8.261   14.471  1.00 11.33 ? 54  LYS A NZ  1 
ATOM   439  N N   . GLY A 1 55  ? -8.401  6.060   16.527  1.00 13.17 ? 55  GLY A N   1 
ATOM   440  C CA  . GLY A 1 55  ? -9.588  5.698   15.785  1.00 13.51 ? 55  GLY A CA  1 
ATOM   441  C C   . GLY A 1 55  ? -9.150  5.212   14.401  1.00 12.42 ? 55  GLY A C   1 
ATOM   442  O O   . GLY A 1 55  ? -8.017  4.746   14.222  1.00 12.79 ? 55  GLY A O   1 
ATOM   443  N N   . LEU A 1 56  ? -10.029 5.353   13.409  1.00 10.82 ? 56  LEU A N   1 
ATOM   444  C CA  . LEU A 1 56  ? -9.746  4.891   12.052  1.00 10.40 ? 56  LEU A CA  1 
ATOM   445  C C   . LEU A 1 56  ? -8.849  5.887   11.326  1.00 10.75 ? 56  LEU A C   1 
ATOM   446  O O   . LEU A 1 56  ? -9.172  7.090   11.284  1.00 11.24 ? 56  LEU A O   1 
ATOM   447  C CB  . LEU A 1 56  ? -11.070 4.704   11.294  1.00 10.27 ? 56  LEU A CB  1 
ATOM   448  C CG  . LEU A 1 56  ? -11.024 4.448   9.786   1.00 8.16  ? 56  LEU A CG  1 
ATOM   449  C CD1 . LEU A 1 56  ? -10.542 3.082   9.469   1.00 11.61 ? 56  LEU A CD1 1 
ATOM   450  C CD2 . LEU A 1 56  ? -12.416 4.691   9.197   1.00 14.95 ? 56  LEU A CD2 1 
ATOM   451  N N   . ASN A 1 57  ? -7.725  5.413   10.794  1.00 9.72  ? 57  ASN A N   1 
ATOM   452  C CA  . ASN A 1 57  ? -6.803  6.307   10.113  1.00 10.61 ? 57  ASN A CA  1 
ATOM   453  C C   . ASN A 1 57  ? -6.079  5.598   8.965   1.00 10.54 ? 57  ASN A C   1 
ATOM   454  O O   . ASN A 1 57  ? -6.257  4.409   8.776   1.00 9.99  ? 57  ASN A O   1 
ATOM   455  C CB  . ASN A 1 57  ? -5.839  6.945   11.134  1.00 9.62  ? 57  ASN A CB  1 
ATOM   456  C CG  . ASN A 1 57  ? -4.940  5.923   11.817  1.00 7.70  ? 57  ASN A CG  1 
ATOM   457  O OD1 . ASN A 1 57  ? -3.764  5.774   11.444  1.00 11.91 ? 57  ASN A OD1 1 
ATOM   458  N ND2 . ASN A 1 57  ? -5.489  5.176   12.794  1.00 10.85 ? 57  ASN A ND2 1 
ATOM   459  N N   . VAL A 1 58  ? -5.303  6.351   8.174   1.00 9.78  ? 58  VAL A N   1 
ATOM   460  C CA  . VAL A 1 58  ? -4.622  5.842   7.006   1.00 7.73  ? 58  VAL A CA  1 
ATOM   461  C C   . VAL A 1 58  ? -3.097  6.106   7.048   1.00 8.95  ? 58  VAL A C   1 
ATOM   462  O O   . VAL A 1 58  ? -2.648  7.189   7.458   1.00 8.63  ? 58  VAL A O   1 
ATOM   463  C CB  . VAL A 1 58  ? -5.175  6.509   5.709   1.00 6.61  ? 58  VAL A CB  1 
ATOM   464  C CG1 . VAL A 1 58  ? -4.480  5.977   4.467   1.00 7.76  ? 58  VAL A CG1 1 
ATOM   465  C CG2 . VAL A 1 58  ? -6.690  6.351   5.584   1.00 9.84  ? 58  VAL A CG2 1 
ATOM   466  N N   . LYS A 1 59  ? -2.327  5.143   6.550   1.00 8.97  ? 59  LYS A N   1 
ATOM   467  C CA  . LYS A 1 59  ? -0.855  5.252   6.464   1.00 9.78  ? 59  LYS A CA  1 
ATOM   468  C C   . LYS A 1 59  ? -0.454  5.145   4.985   1.00 9.86  ? 59  LYS A C   1 
ATOM   469  O O   . LYS A 1 59  ? -1.215  4.598   4.169   1.00 11.16 ? 59  LYS A O   1 
ATOM   470  C CB  . LYS A 1 59  ? -0.179  4.150   7.291   1.00 10.38 ? 59  LYS A CB  1 
ATOM   471  C CG  . LYS A 1 59  ? 0.063   4.538   8.734   1.00 10.69 ? 59  LYS A CG  1 
ATOM   472  C CD  . LYS A 1 59  ? -1.102  4.194   9.655   1.00 13.29 ? 59  LYS A CD  1 
ATOM   473  C CE  . LYS A 1 59  ? -0.728  4.504   11.104  1.00 16.56 ? 59  LYS A CE  1 
ATOM   474  N NZ  . LYS A 1 59  ? -1.719  4.092   12.161  1.00 8.28  ? 59  LYS A NZ  1 
ATOM   475  N N   . HIS A 1 60  ? 0.666   5.766   4.615   1.00 7.05  ? 60  HIS A N   1 
ATOM   476  C CA  . HIS A 1 60  ? 1.158   5.738   3.246   1.00 6.88  ? 60  HIS A CA  1 
ATOM   477  C C   . HIS A 1 60  ? 2.650   5.367   3.253   1.00 9.09  ? 60  HIS A C   1 
ATOM   478  O O   . HIS A 1 60  ? 3.398   5.923   4.045   1.00 7.32  ? 60  HIS A O   1 
ATOM   479  C CB  . HIS A 1 60  ? 1.018   7.099   2.577   1.00 8.31  ? 60  HIS A CB  1 
ATOM   480  C CG  . HIS A 1 60  ? -0.380  7.631   2.551   1.00 8.77  ? 60  HIS A CG  1 
ATOM   481  N ND1 . HIS A 1 60  ? -1.334  7.185   1.659   1.00 7.74  ? 60  HIS A ND1 1 
ATOM   482  C CD2 . HIS A 1 60  ? -0.980  8.605   3.276   1.00 7.47  ? 60  HIS A CD2 1 
ATOM   483  C CE1 . HIS A 1 60  ? -2.459  7.864   1.840   1.00 7.72  ? 60  HIS A CE1 1 
ATOM   484  N NE2 . HIS A 1 60  ? -2.262  8.731   2.820   1.00 7.13  ? 60  HIS A NE2 1 
ATOM   485  N N   . TYR A 1 61  ? 3.032   4.396   2.407   1.00 8.09  ? 61  TYR A N   1 
ATOM   486  C CA  . TYR A 1 61  ? 4.394   3.878   2.264   1.00 7.97  ? 61  TYR A CA  1 
ATOM   487  C C   . TYR A 1 61  ? 4.858   3.912   0.808   1.00 9.31  ? 61  TYR A C   1 
ATOM   488  O O   . TYR A 1 61  ? 4.300   3.235   -0.056  1.00 8.71  ? 61  TYR A O   1 
ATOM   489  C CB  . TYR A 1 61  ? 4.467   2.410   2.735   1.00 8.68  ? 61  TYR A CB  1 
ATOM   490  C CG  . TYR A 1 61  ? 3.986   2.216   4.140   1.00 6.77  ? 61  TYR A CG  1 
ATOM   491  C CD1 . TYR A 1 61  ? 2.673   1.780   4.389   1.00 9.07  ? 61  TYR A CD1 1 
ATOM   492  C CD2 . TYR A 1 61  ? 4.801   2.541   5.231   1.00 5.50  ? 61  TYR A CD2 1 
ATOM   493  C CE1 . TYR A 1 61  ? 2.180   1.672   5.696   1.00 11.39 ? 61  TYR A CE1 1 
ATOM   494  C CE2 . TYR A 1 61  ? 4.322   2.447   6.551   1.00 8.44  ? 61  TYR A CE2 1 
ATOM   495  C CZ  . TYR A 1 61  ? 3.007   2.006   6.773   1.00 7.76  ? 61  TYR A CZ  1 
ATOM   496  O OH  . TYR A 1 61  ? 2.523   1.890   8.044   1.00 6.03  ? 61  TYR A OH  1 
ATOM   497  N N   . LYS A 1 62  ? 5.912   4.657   0.544   1.00 7.86  ? 62  LYS A N   1 
ATOM   498  C CA  . LYS A 1 62  ? 6.446   4.744   -0.800  1.00 9.03  ? 62  LYS A CA  1 
ATOM   499  C C   . LYS A 1 62  ? 7.133   3.419   -1.216  1.00 8.71  ? 62  LYS A C   1 
ATOM   500  O O   . LYS A 1 62  ? 7.821   2.752   -0.402  1.00 7.56  ? 62  LYS A O   1 
ATOM   501  C CB  . LYS A 1 62  ? 7.413   5.934   -0.894  1.00 12.23 ? 62  LYS A CB  1 
ATOM   502  C CG  . LYS A 1 62  ? 7.925   6.199   -2.302  1.00 22.80 ? 62  LYS A CG  1 
ATOM   503  C CD  . LYS A 1 62  ? 8.242   7.677   -2.472  1.00 30.94 ? 62  LYS A CD  1 
ATOM   504  C CE  . LYS A 1 62  ? 7.027   8.521   -2.072  1.00 39.77 ? 62  LYS A CE  1 
ATOM   505  N NZ  . LYS A 1 62  ? 7.320   9.986   -2.039  1.00 43.84 ? 62  LYS A NZ  1 
ATOM   506  N N   . ILE A 1 63  ? 6.861   3.012   -2.456  1.00 9.00  ? 63  ILE A N   1 
ATOM   507  C CA  . ILE A 1 63  ? 7.429   1.807   -3.006  1.00 10.15 ? 63  ILE A CA  1 
ATOM   508  C C   . ILE A 1 63  ? 8.368   2.212   -4.126  1.00 11.24 ? 63  ILE A C   1 
ATOM   509  O O   . ILE A 1 63  ? 7.910   2.732   -5.142  1.00 11.99 ? 63  ILE A O   1 
ATOM   510  C CB  . ILE A 1 63  ? 6.322   0.870   -3.579  1.00 11.93 ? 63  ILE A CB  1 
ATOM   511  C CG1 . ILE A 1 63  ? 5.463   0.314   -2.457  1.00 10.88 ? 63  ILE A CG1 1 
ATOM   512  C CG2 . ILE A 1 63  ? 6.936   -0.246  -4.415  1.00 10.82 ? 63  ILE A CG2 1 
ATOM   513  C CD1 . ILE A 1 63  ? 4.251   -0.412  -2.948  1.00 8.25  ? 63  ILE A CD1 1 
ATOM   514  N N   . ARG A 1 64  ? 9.676   1.967   -3.931  1.00 12.27 ? 64  ARG A N   1 
ATOM   515  C CA  . ARG A 1 64  ? 10.696  2.268   -4.940  1.00 15.10 ? 64  ARG A CA  1 
ATOM   516  C C   . ARG A 1 64  ? 10.991  1.061   -5.821  1.00 15.54 ? 64  ARG A C   1 
ATOM   517  O O   . ARG A 1 64  ? 10.920  -0.085  -5.399  1.00 14.35 ? 64  ARG A O   1 
ATOM   518  C CB  . ARG A 1 64  ? 12.004  2.781   -4.322  1.00 17.40 ? 64  ARG A CB  1 
ATOM   519  C CG  . ARG A 1 64  ? 11.891  3.972   -3.378  1.00 19.92 ? 64  ARG A CG  1 
ATOM   520  C CD  . ARG A 1 64  ? 11.002  5.064   -3.927  1.00 29.34 ? 64  ARG A CD  1 
ATOM   521  N NE  . ARG A 1 64  ? 11.300  5.379   -5.322  1.00 41.59 ? 64  ARG A NE  1 
ATOM   522  C CZ  . ARG A 1 64  ? 12.044  6.408   -5.734  1.00 49.12 ? 64  ARG A CZ  1 
ATOM   523  N NH1 . ARG A 1 64  ? 12.589  7.252   -4.851  1.00 49.91 ? 64  ARG A NH1 1 
ATOM   524  N NH2 . ARG A 1 64  ? 12.241  6.602   -7.040  1.00 49.50 ? 64  ARG A NH2 1 
ATOM   525  N N   . LYS A 1 65  ? 11.371  1.344   -7.047  1.00 19.81 ? 65  LYS A N   1 
ATOM   526  C CA  . LYS A 1 65  ? 11.679  0.319   -8.011  1.00 23.05 ? 65  LYS A CA  1 
ATOM   527  C C   . LYS A 1 65  ? 12.955  0.772   -8.710  1.00 25.70 ? 65  LYS A C   1 
ATOM   528  O O   . LYS A 1 65  ? 13.085  1.925   -9.124  1.00 24.62 ? 65  LYS A O   1 
ATOM   529  C CB  . LYS A 1 65  ? 10.502  0.173   -8.985  1.00 23.22 ? 65  LYS A CB  1 
ATOM   530  C CG  . LYS A 1 65  ? 10.859  -0.361  -10.358 1.00 25.96 ? 65  LYS A CG  1 
ATOM   531  C CD  . LYS A 1 65  ? 11.545  -1.724  -10.304 1.00 35.09 ? 65  LYS A CD  1 
ATOM   532  C CE  . LYS A 1 65  ? 11.645  -2.356  -11.706 1.00 43.81 ? 65  LYS A CE  1 
ATOM   533  N NZ  . LYS A 1 65  ? 11.745  -1.369  -12.851 1.00 45.67 ? 65  LYS A NZ  1 
ATOM   534  N N   . LEU A 1 66  ? 13.922  -0.129  -8.758  1.00 29.86 ? 66  LEU A N   1 
ATOM   535  C CA  . LEU A 1 66  ? 15.210  0.129   -9.375  1.00 34.16 ? 66  LEU A CA  1 
ATOM   536  C C   . LEU A 1 66  ? 15.196  -0.354  -10.814 1.00 36.59 ? 66  LEU A C   1 
ATOM   537  O O   . LEU A 1 66  ? 14.498  -1.311  -11.151 1.00 37.47 ? 66  LEU A O   1 
ATOM   538  C CB  . LEU A 1 66  ? 16.284  -0.628  -8.582  1.00 32.96 ? 66  LEU A CB  1 
ATOM   539  C CG  . LEU A 1 66  ? 16.283  -0.321  -7.082  1.00 32.40 ? 66  LEU A CG  1 
ATOM   540  C CD1 . LEU A 1 66  ? 17.230  -1.224  -6.306  1.00 33.39 ? 66  LEU A CD1 1 
ATOM   541  C CD2 . LEU A 1 66  ? 16.645  1.148   -6.893  1.00 37.37 ? 66  LEU A CD2 1 
ATOM   542  N N   . ASP A 1 67  ? 15.970  0.280   -11.681 1.00 39.81 ? 67  ASP A N   1 
ATOM   543  C CA  . ASP A 1 67  ? 16.028  -0.219  -13.051 1.00 42.21 ? 67  ASP A CA  1 
ATOM   544  C C   . ASP A 1 67  ? 16.790  -1.535  -12.938 1.00 43.17 ? 67  ASP A C   1 
ATOM   545  O O   . ASP A 1 67  ? 16.653  -2.448  -13.763 1.00 44.19 ? 67  ASP A O   1 
ATOM   546  C CB  . ASP A 1 67  ? 16.704  0.791   -13.950 1.00 44.13 ? 67  ASP A CB  1 
ATOM   547  C CG  . ASP A 1 67  ? 15.884  2.061   -14.079 1.00 48.59 ? 67  ASP A CG  1 
ATOM   548  O OD1 . ASP A 1 67  ? 15.448  2.380   -15.204 1.00 56.28 ? 67  ASP A OD1 1 
ATOM   549  O OD2 . ASP A 1 67  ? 15.642  2.725   -13.049 1.00 52.44 ? 67  ASP A OD2 1 
ATOM   550  N N   . SER A 1 68  ? 17.538  -1.640  -11.844 1.00 43.72 ? 68  SER A N   1 
ATOM   551  C CA  . SER A 1 68  ? 18.277  -2.845  -11.512 1.00 43.80 ? 68  SER A CA  1 
ATOM   552  C C   . SER A 1 68  ? 17.231  -3.979  -11.360 1.00 42.92 ? 68  SER A C   1 
ATOM   553  O O   . SER A 1 68  ? 17.562  -5.161  -11.484 1.00 44.14 ? 68  SER A O   1 
ATOM   554  C CB  . SER A 1 68  ? 19.043  -2.628  -10.198 1.00 45.28 ? 68  SER A CB  1 
ATOM   555  O OG  . SER A 1 68  ? 19.931  -3.704  -9.928  1.00 50.15 ? 68  SER A OG  1 
ATOM   556  N N   . GLY A 1 69  ? 15.989  -3.625  -11.026 1.00 40.29 ? 69  GLY A N   1 
ATOM   557  C CA  . GLY A 1 69  ? 14.962  -4.640  -10.932 1.00 35.80 ? 69  GLY A CA  1 
ATOM   558  C C   . GLY A 1 69  ? 14.210  -4.842  -9.643  1.00 32.29 ? 69  GLY A C   1 
ATOM   559  O O   . GLY A 1 69  ? 13.099  -5.362  -9.682  1.00 32.58 ? 69  GLY A O   1 
ATOM   560  N N   . GLY A 1 70  ? 14.777  -4.474  -8.508  1.00 28.31 ? 70  GLY A N   1 
ATOM   561  C CA  . GLY A 1 70  ? 14.036  -4.687  -7.282  1.00 22.99 ? 70  GLY A CA  1 
ATOM   562  C C   . GLY A 1 70  ? 12.940  -3.679  -6.963  1.00 20.18 ? 70  GLY A C   1 
ATOM   563  O O   . GLY A 1 70  ? 12.936  -2.535  -7.444  1.00 19.04 ? 70  GLY A O   1 
ATOM   564  N N   . PHE A 1 71  ? 12.013  -4.132  -6.118  1.00 16.29 ? 71  PHE A N   1 
ATOM   565  C CA  . PHE A 1 71  ? 10.914  -3.324  -5.611  1.00 14.77 ? 71  PHE A CA  1 
ATOM   566  C C   . PHE A 1 71  ? 11.065  -3.325  -4.098  1.00 11.36 ? 71  PHE A C   1 
ATOM   567  O O   . PHE A 1 71  ? 11.392  -4.364  -3.523  1.00 12.30 ? 71  PHE A O   1 
ATOM   568  C CB  . PHE A 1 71  ? 9.540   -3.954  -5.934  1.00 13.13 ? 71  PHE A CB  1 
ATOM   569  C CG  . PHE A 1 71  ? 9.172   -3.867  -7.367  1.00 15.88 ? 71  PHE A CG  1 
ATOM   570  C CD1 . PHE A 1 71  ? 9.684   -4.781  -8.283  1.00 15.30 ? 71  PHE A CD1 1 
ATOM   571  C CD2 . PHE A 1 71  ? 8.324   -2.851  -7.805  1.00 15.76 ? 71  PHE A CD2 1 
ATOM   572  C CE1 . PHE A 1 71  ? 9.379   -4.675  -9.617  1.00 20.13 ? 71  PHE A CE1 1 
ATOM   573  C CE2 . PHE A 1 71  ? 8.015   -2.742  -9.137  1.00 20.05 ? 71  PHE A CE2 1 
ATOM   574  C CZ  . PHE A 1 71  ? 8.539   -3.657  -10.049 1.00 17.62 ? 71  PHE A CZ  1 
ATOM   575  N N   . TYR A 1 72  ? 10.796  -2.206  -3.437  1.00 9.83  ? 72  TYR A N   1 
ATOM   576  C CA  . TYR A 1 72  ? 10.903  -2.197  -1.977  1.00 9.74  ? 72  TYR A CA  1 
ATOM   577  C C   . TYR A 1 72  ? 10.361  -0.948  -1.311  1.00 7.93  ? 72  TYR A C   1 
ATOM   578  O O   . TYR A 1 72  ? 10.259  0.115   -1.941  1.00 8.36  ? 72  TYR A O   1 
ATOM   579  C CB  . TYR A 1 72  ? 12.387  -2.365  -1.553  1.00 11.05 ? 72  TYR A CB  1 
ATOM   580  C CG  . TYR A 1 72  ? 13.269  -1.183  -1.959  1.00 10.71 ? 72  TYR A CG  1 
ATOM   581  C CD1 . TYR A 1 72  ? 13.323  -0.021  -1.178  1.00 18.70 ? 72  TYR A CD1 1 
ATOM   582  C CD2 . TYR A 1 72  ? 14.036  -1.233  -3.121  1.00 18.06 ? 72  TYR A CD2 1 
ATOM   583  C CE1 . TYR A 1 72  ? 14.140  1.070   -1.536  1.00 16.16 ? 72  TYR A CE1 1 
ATOM   584  C CE2 . TYR A 1 72  ? 14.861  -0.153  -3.490  1.00 19.98 ? 72  TYR A CE2 1 
ATOM   585  C CZ  . TYR A 1 72  ? 14.900  0.979   -2.691  1.00 20.70 ? 72  TYR A CZ  1 
ATOM   586  O OH  . TYR A 1 72  ? 15.772  1.987   -3.009  1.00 27.08 ? 72  TYR A OH  1 
ATOM   587  N N   . ILE A 1 73  ? 9.955   -1.121  -0.055  1.00 8.28  ? 73  ILE A N   1 
ATOM   588  C CA  . ILE A 1 73  ? 9.565   -0.013  0.797   1.00 8.07  ? 73  ILE A CA  1 
ATOM   589  C C   . ILE A 1 73  ? 10.900  0.355   1.533   1.00 9.04  ? 73  ILE A C   1 
ATOM   590  O O   . ILE A 1 73  ? 11.253  1.523   1.607   1.00 12.25 ? 73  ILE A O   1 
ATOM   591  C CB  . ILE A 1 73  ? 8.472   -0.360  1.803   1.00 9.23  ? 73  ILE A CB  1 
ATOM   592  C CG1 . ILE A 1 73  ? 7.171   -0.751  1.070   1.00 6.23  ? 73  ILE A CG1 1 
ATOM   593  C CG2 . ILE A 1 73  ? 8.225   0.844   2.748   1.00 9.18  ? 73  ILE A CG2 1 
ATOM   594  C CD1 . ILE A 1 73  ? 6.048   -1.036  2.007   1.00 9.47  ? 73  ILE A CD1 1 
ATOM   595  N N   . THR A 1 74  ? 11.617  -0.633  2.051   1.00 8.51  ? 74  THR A N   1 
ATOM   596  C CA  . THR A 1 74  ? 12.944  -0.423  2.666   1.00 10.71 ? 74  THR A CA  1 
ATOM   597  C C   . THR A 1 74  ? 13.955  -1.223  1.827   1.00 9.48  ? 74  THR A C   1 
ATOM   598  O O   . THR A 1 74  ? 13.689  -2.372  1.476   1.00 7.05  ? 74  THR A O   1 
ATOM   599  C CB  . THR A 1 74  ? 13.039  -0.853  4.161   1.00 10.58 ? 74  THR A CB  1 
ATOM   600  O OG1 . THR A 1 74  ? 14.414  -0.788  4.564   1.00 12.86 ? 74  THR A OG1 1 
ATOM   601  C CG2 . THR A 1 74  ? 12.531  -2.284  4.403   1.00 5.03  ? 74  THR A CG2 1 
ATOM   602  N N   . SER A 1 75  ? 15.105  -0.637  1.491   1.00 10.84 ? 75  SER A N   1 
ATOM   603  C CA  . SER A 1 75  ? 16.084  -1.346  0.660   1.00 11.30 ? 75  SER A CA  1 
ATOM   604  C C   . SER A 1 75  ? 16.678  -2.600  1.308   1.00 11.58 ? 75  SER A C   1 
ATOM   605  O O   . SER A 1 75  ? 17.346  -3.400  0.644   1.00 13.29 ? 75  SER A O   1 
ATOM   606  C CB  . SER A 1 75  ? 17.194  -0.407  0.176   1.00 11.56 ? 75  SER A CB  1 
ATOM   607  O OG  . SER A 1 75  ? 17.912  0.079   1.280   1.00 10.31 ? 75  SER A OG  1 
ATOM   608  N N   . ARG A 1 76  ? 16.454  -2.756  2.602   1.00 11.90 ? 76  ARG A N   1 
ATOM   609  C CA  . ARG A 1 76  ? 16.913  -3.915  3.348   1.00 14.11 ? 76  ARG A CA  1 
ATOM   610  C C   . ARG A 1 76  ? 16.100  -5.158  2.968   1.00 13.18 ? 76  ARG A C   1 
ATOM   611  O O   . ARG A 1 76  ? 16.598  -6.267  3.067   1.00 13.47 ? 76  ARG A O   1 
ATOM   612  C CB  . ARG A 1 76  ? 16.737  -3.645  4.853   1.00 20.96 ? 76  ARG A CB  1 
ATOM   613  C CG  . ARG A 1 76  ? 16.504  -4.887  5.755   1.00 29.51 ? 76  ARG A CG  1 
ATOM   614  C CD  . ARG A 1 76  ? 17.788  -5.272  6.478   1.00 43.16 ? 76  ARG A CD  1 
ATOM   615  N NE  . ARG A 1 76  ? 17.693  -6.412  7.397   1.00 51.48 ? 76  ARG A NE  1 
ATOM   616  C CZ  . ARG A 1 76  ? 17.530  -7.689  7.035   1.00 56.35 ? 76  ARG A CZ  1 
ATOM   617  N NH1 . ARG A 1 76  ? 17.407  -8.015  5.756   1.00 58.31 ? 76  ARG A NH1 1 
ATOM   618  N NH2 . ARG A 1 76  ? 17.677  -8.661  7.933   1.00 56.37 ? 76  ARG A NH2 1 
ATOM   619  N N   . THR A 1 77  ? 14.921  -4.932  2.394   1.00 12.75 ? 77  THR A N   1 
ATOM   620  C CA  . THR A 1 77  ? 13.969  -5.988  2.053   1.00 12.27 ? 77  THR A CA  1 
ATOM   621  C C   . THR A 1 77  ? 13.351  -5.769  0.667   1.00 11.54 ? 77  THR A C   1 
ATOM   622  O O   . THR A 1 77  ? 12.305  -5.130  0.519   1.00 12.07 ? 77  THR A O   1 
ATOM   623  C CB  . THR A 1 77  ? 12.891  -5.967  3.127   1.00 12.00 ? 77  THR A CB  1 
ATOM   624  O OG1 . THR A 1 77  ? 13.535  -5.965  4.409   1.00 10.74 ? 77  THR A OG1 1 
ATOM   625  C CG2 . THR A 1 77  ? 11.953  -7.151  3.007   1.00 11.87 ? 77  THR A CG2 1 
ATOM   626  N N   . GLN A 1 78  ? 13.987  -6.353  -0.339  1.00 11.76 ? 78  GLN A N   1 
ATOM   627  C CA  . GLN A 1 78  ? 13.586  -6.181  -1.723  1.00 11.68 ? 78  GLN A CA  1 
ATOM   628  C C   . GLN A 1 78  ? 12.895  -7.388  -2.323  1.00 11.93 ? 78  GLN A C   1 
ATOM   629  O O   . GLN A 1 78  ? 13.085  -8.502  -1.835  1.00 10.81 ? 78  GLN A O   1 
ATOM   630  C CB  . GLN A 1 78  ? 14.845  -5.871  -2.516  1.00 13.31 ? 78  GLN A CB  1 
ATOM   631  C CG  . GLN A 1 78  ? 15.490  -4.602  -1.998  1.00 18.01 ? 78  GLN A CG  1 
ATOM   632  C CD  . GLN A 1 78  ? 16.683  -4.163  -2.789  1.00 19.64 ? 78  GLN A CD  1 
ATOM   633  O OE1 . GLN A 1 78  ? 17.587  -3.550  -2.236  1.00 18.97 ? 78  GLN A OE1 1 
ATOM   634  N NE2 . GLN A 1 78  ? 16.692  -4.451  -4.085  1.00 15.21 ? 78  GLN A NE2 1 
ATOM   635  N N   . PHE A 1 79  ? 12.159  -7.164  -3.421  1.00 13.40 ? 79  PHE A N   1 
ATOM   636  C CA  . PHE A 1 79  ? 11.408  -8.232  -4.125  1.00 13.51 ? 79  PHE A CA  1 
ATOM   637  C C   . PHE A 1 79  ? 11.532  -8.123  -5.649  1.00 15.55 ? 79  PHE A C   1 
ATOM   638  O O   . PHE A 1 79  ? 11.739  -7.032  -6.199  1.00 14.32 ? 79  PHE A O   1 
ATOM   639  C CB  . PHE A 1 79  ? 9.927   -8.232  -3.711  1.00 11.41 ? 79  PHE A CB  1 
ATOM   640  C CG  . PHE A 1 79  ? 9.720   -8.260  -2.225  1.00 13.57 ? 79  PHE A CG  1 
ATOM   641  C CD1 . PHE A 1 79  ? 9.685   -7.058  -1.477  1.00 10.68 ? 79  PHE A CD1 1 
ATOM   642  C CD2 . PHE A 1 79  ? 9.669   -9.484  -1.540  1.00 11.63 ? 79  PHE A CD2 1 
ATOM   643  C CE1 . PHE A 1 79  ? 9.618   -7.098  -0.068  1.00 9.36  ? 79  PHE A CE1 1 
ATOM   644  C CE2 . PHE A 1 79  ? 9.601   -9.529  -0.152  1.00 10.38 ? 79  PHE A CE2 1 
ATOM   645  C CZ  . PHE A 1 79  ? 9.585   -8.348  0.589   1.00 8.65  ? 79  PHE A CZ  1 
ATOM   646  N N   . ASN A 1 80  ? 11.416  -9.260  -6.336  1.00 16.61 ? 80  ASN A N   1 
ATOM   647  C CA  . ASN A 1 80  ? 11.551  -9.282  -7.796  1.00 18.69 ? 80  ASN A CA  1 
ATOM   648  C C   . ASN A 1 80  ? 10.329  -8.703  -8.512  1.00 17.86 ? 80  ASN A C   1 
ATOM   649  O O   . ASN A 1 80  ? 10.391  -8.345  -9.687  1.00 18.40 ? 80  ASN A O   1 
ATOM   650  C CB  . ASN A 1 80  ? 11.864  -10.716 -8.292  1.00 21.58 ? 80  ASN A CB  1 
ATOM   651  C CG  . ASN A 1 80  ? 13.094  -11.311 -7.620  1.00 24.18 ? 80  ASN A CG  1 
ATOM   652  O OD1 . ASN A 1 80  ? 14.123  -10.633 -7.472  1.00 21.29 ? 80  ASN A OD1 1 
ATOM   653  N ND2 . ASN A 1 80  ? 12.980  -12.564 -7.150  1.00 24.83 ? 80  ASN A ND2 1 
ATOM   654  N N   . SER A 1 81  ? 9.231   -8.556  -7.783  1.00 16.40 ? 81  SER A N   1 
ATOM   655  C CA  . SER A 1 81  ? 8.019   -8.006  -8.373  1.00 16.44 ? 81  SER A CA  1 
ATOM   656  C C   . SER A 1 81  ? 7.198   -7.320  -7.302  1.00 13.96 ? 81  SER A C   1 
ATOM   657  O O   . SER A 1 81  ? 7.304   -7.620  -6.115  1.00 14.04 ? 81  SER A O   1 
ATOM   658  C CB  . SER A 1 81  ? 7.177   -9.127  -9.026  1.00 15.60 ? 81  SER A CB  1 
ATOM   659  O OG  . SER A 1 81  ? 6.777   -10.090 -8.069  1.00 15.77 ? 81  SER A OG  1 
ATOM   660  N N   . LEU A 1 82  ? 6.315   -6.462  -7.760  1.00 14.48 ? 82  LEU A N   1 
ATOM   661  C CA  . LEU A 1 82  ? 5.425   -5.725  -6.899  1.00 15.58 ? 82  LEU A CA  1 
ATOM   662  C C   . LEU A 1 82  ? 4.425   -6.728  -6.290  1.00 14.97 ? 82  LEU A C   1 
ATOM   663  O O   . LEU A 1 82  ? 4.087   -6.658  -5.109  1.00 15.63 ? 82  LEU A O   1 
ATOM   664  C CB  . LEU A 1 82  ? 4.743   -4.673  -7.770  1.00 13.78 ? 82  LEU A CB  1 
ATOM   665  C CG  . LEU A 1 82  ? 3.886   -3.604  -7.155  1.00 18.43 ? 82  LEU A CG  1 
ATOM   666  C CD1 . LEU A 1 82  ? 4.578   -2.964  -5.953  1.00 15.70 ? 82  LEU A CD1 1 
ATOM   667  C CD2 . LEU A 1 82  ? 3.651   -2.613  -8.270  1.00 22.52 ? 82  LEU A CD2 1 
ATOM   668  N N   . GLN A 1 83  ? 4.047   -7.720  -7.090  1.00 14.80 ? 83  GLN A N   1 
ATOM   669  C CA  . GLN A 1 83  ? 3.128   -8.754  -6.653  1.00 14.63 ? 83  GLN A CA  1 
ATOM   670  C C   . GLN A 1 83  ? 3.748   -9.566  -5.510  1.00 13.81 ? 83  GLN A C   1 
ATOM   671  O O   . GLN A 1 83  ? 3.063   -9.866  -4.522  1.00 14.11 ? 83  GLN A O   1 
ATOM   672  C CB  . GLN A 1 83  ? 2.715   -9.651  -7.829  1.00 17.78 ? 83  GLN A CB  1 
ATOM   673  C CG  . GLN A 1 83  ? 1.908   -8.915  -8.913  1.00 20.73 ? 83  GLN A CG  1 
ATOM   674  C CD  . GLN A 1 83  ? 2.699   -8.519  -10.160 1.00 22.22 ? 83  GLN A CD  1 
ATOM   675  O OE1 . GLN A 1 83  ? 2.152   -8.470  -11.272 1.00 28.55 ? 83  GLN A OE1 1 
ATOM   676  N NE2 . GLN A 1 83  ? 3.957   -8.184  -9.985  1.00 20.58 ? 83  GLN A NE2 1 
ATOM   677  N N   . GLN A 1 84  ? 5.046   -9.876  -5.609  1.00 12.27 ? 84  GLN A N   1 
ATOM   678  C CA  . GLN A 1 84  ? 5.753   -10.580 -4.524  1.00 11.75 ? 84  GLN A CA  1 
ATOM   679  C C   . GLN A 1 84  ? 5.878   -9.701  -3.242  1.00 9.93  ? 84  GLN A C   1 
ATOM   680  O O   . GLN A 1 84  ? 5.849   -10.206 -2.115  1.00 10.76 ? 84  GLN A O   1 
ATOM   681  C CB  . GLN A 1 84  ? 7.114   -11.041 -5.015  1.00 12.27 ? 84  GLN A CB  1 
ATOM   682  C CG  . GLN A 1 84  ? 7.066   -12.416 -5.668  1.00 19.98 ? 84  GLN A CG  1 
ATOM   683  C CD  . GLN A 1 84  ? 8.298   -12.715 -6.545  1.00 24.31 ? 84  GLN A CD  1 
ATOM   684  O OE1 . GLN A 1 84  ? 8.731   -11.876 -7.346  1.00 29.17 ? 84  GLN A OE1 1 
ATOM   685  N NE2 . GLN A 1 84  ? 8.849   -13.906 -6.397  1.00 28.12 ? 84  GLN A NE2 1 
ATOM   686  N N   . LEU A 1 85  ? 6.000   -8.387  -3.435  1.00 9.99  ? 85  LEU A N   1 
ATOM   687  C CA  . LEU A 1 85  ? 6.062   -7.439  -2.317  1.00 10.45 ? 85  LEU A CA  1 
ATOM   688  C C   . LEU A 1 85  ? 4.722   -7.419  -1.594  1.00 9.24  ? 85  LEU A C   1 
ATOM   689  O O   . LEU A 1 85  ? 4.671   -7.454  -0.355  1.00 8.07  ? 85  LEU A O   1 
ATOM   690  C CB  . LEU A 1 85  ? 6.432   -6.026  -2.813  1.00 9.96  ? 85  LEU A CB  1 
ATOM   691  C CG  . LEU A 1 85  ? 6.643   -4.897  -1.777  1.00 12.09 ? 85  LEU A CG  1 
ATOM   692  C CD1 . LEU A 1 85  ? 7.482   -3.751  -2.384  1.00 10.85 ? 85  LEU A CD1 1 
ATOM   693  C CD2 . LEU A 1 85  ? 5.296   -4.352  -1.251  1.00 12.73 ? 85  LEU A CD2 1 
ATOM   694  N N   . VAL A 1 86  ? 3.637   -7.353  -2.377  1.00 10.69 ? 86  VAL A N   1 
ATOM   695  C CA  . VAL A 1 86  ? 2.294   -7.354  -1.787  1.00 10.56 ? 86  VAL A CA  1 
ATOM   696  C C   . VAL A 1 86  ? 2.072   -8.667  -1.052  1.00 9.54  ? 86  VAL A C   1 
ATOM   697  O O   . VAL A 1 86  ? 1.632   -8.692  0.098   1.00 10.60 ? 86  VAL A O   1 
ATOM   698  C CB  . VAL A 1 86  ? 1.204   -7.111  -2.842  1.00 12.29 ? 86  VAL A CB  1 
ATOM   699  C CG1 . VAL A 1 86  ? -0.177  -7.451  -2.263  1.00 11.90 ? 86  VAL A CG1 1 
ATOM   700  C CG2 . VAL A 1 86  ? 1.200   -5.646  -3.234  1.00 12.16 ? 86  VAL A CG2 1 
ATOM   701  N N   . ALA A 1 87  ? 2.431   -9.773  -1.686  1.00 9.82  ? 87  ALA A N   1 
ATOM   702  C CA  . ALA A 1 87  ? 2.293   -11.084 -1.024  1.00 10.00 ? 87  ALA A CA  1 
ATOM   703  C C   . ALA A 1 87  ? 3.040   -11.104 0.325   1.00 9.93  ? 87  ALA A C   1 
ATOM   704  O O   . ALA A 1 87  ? 2.456   -11.402 1.368   1.00 10.54 ? 87  ALA A O   1 
ATOM   705  C CB  . ALA A 1 87  ? 2.806   -12.186 -1.944  1.00 10.24 ? 87  ALA A CB  1 
ATOM   706  N N   . TYR A 1 88  ? 4.288   -10.642 0.331   1.00 10.58 ? 88  TYR A N   1 
ATOM   707  C CA  . TYR A 1 88  ? 5.085   -10.624 1.555   1.00 10.00 ? 88  TYR A CA  1 
ATOM   708  C C   . TYR A 1 88  ? 4.475   -9.805  2.699   1.00 8.41  ? 88  TYR A C   1 
ATOM   709  O O   . TYR A 1 88  ? 4.411   -10.263 3.847   1.00 8.94  ? 88  TYR A O   1 
ATOM   710  C CB  . TYR A 1 88  ? 6.516   -10.136 1.238   1.00 12.36 ? 88  TYR A CB  1 
ATOM   711  C CG  . TYR A 1 88  ? 7.412   -9.986  2.438   1.00 13.29 ? 88  TYR A CG  1 
ATOM   712  C CD1 . TYR A 1 88  ? 8.245   -11.021 2.844   1.00 16.60 ? 88  TYR A CD1 1 
ATOM   713  C CD2 . TYR A 1 88  ? 7.413   -8.799  3.187   1.00 17.36 ? 88  TYR A CD2 1 
ATOM   714  C CE1 . TYR A 1 88  ? 9.066   -10.869 3.987   1.00 19.68 ? 88  TYR A CE1 1 
ATOM   715  C CE2 . TYR A 1 88  ? 8.204   -8.642  4.308   1.00 13.95 ? 88  TYR A CE2 1 
ATOM   716  C CZ  . TYR A 1 88  ? 9.028   -9.677  4.707   1.00 16.03 ? 88  TYR A CZ  1 
ATOM   717  O OH  . TYR A 1 88  ? 9.790   -9.524  5.845   1.00 14.79 ? 88  TYR A OH  1 
ATOM   718  N N   . TYR A 1 89  ? 4.006   -8.598  2.393   1.00 9.60  ? 89  TYR A N   1 
ATOM   719  C CA  . TYR A 1 89  ? 3.437   -7.738  3.422   1.00 10.56 ? 89  TYR A CA  1 
ATOM   720  C C   . TYR A 1 89  ? 2.055   -8.154  3.911   1.00 11.03 ? 89  TYR A C   1 
ATOM   721  O O   . TYR A 1 89  ? 1.594   -7.647  4.911   1.00 9.21  ? 89  TYR A O   1 
ATOM   722  C CB  . TYR A 1 89  ? 3.550   -6.254  3.009   1.00 8.67  ? 89  TYR A CB  1 
ATOM   723  C CG  . TYR A 1 89  ? 4.983   -5.771  3.175   1.00 11.60 ? 89  TYR A CG  1 
ATOM   724  C CD1 . TYR A 1 89  ? 5.802   -5.554  2.055   1.00 11.42 ? 89  TYR A CD1 1 
ATOM   725  C CD2 . TYR A 1 89  ? 5.543   -5.600  4.464   1.00 11.03 ? 89  TYR A CD2 1 
ATOM   726  C CE1 . TYR A 1 89  ? 7.143   -5.181  2.212   1.00 11.95 ? 89  TYR A CE1 1 
ATOM   727  C CE2 . TYR A 1 89  ? 6.877   -5.211  4.626   1.00 11.73 ? 89  TYR A CE2 1 
ATOM   728  C CZ  . TYR A 1 89  ? 7.659   -5.014  3.496   1.00 12.47 ? 89  TYR A CZ  1 
ATOM   729  O OH  . TYR A 1 89  ? 8.976   -4.651  3.610   1.00 11.52 ? 89  TYR A OH  1 
ATOM   730  N N   . SER A 1 90  ? 1.460   -9.129  3.215   1.00 12.69 ? 90  SER A N   1 
ATOM   731  C CA  . SER A 1 90  ? 0.172   -9.722  3.562   1.00 12.85 ? 90  SER A CA  1 
ATOM   732  C C   . SER A 1 90  ? 0.417   -10.847 4.586   1.00 13.71 ? 90  SER A C   1 
ATOM   733  O O   . SER A 1 90  ? -0.510  -11.325 5.250   1.00 15.32 ? 90  SER A O   1 
ATOM   734  C CB  . SER A 1 90  ? -0.509  -10.260 2.312   1.00 11.06 ? 90  SER A CB  1 
ATOM   735  O OG  . SER A 1 90  ? -0.861  -9.217  1.411   1.00 12.59 ? 90  SER A OG  1 
ATOM   736  N N   . LYS A 1 91  ? 1.684   -11.233 4.739   1.00 14.78 ? 91  LYS A N   1 
ATOM   737  C CA  . LYS A 1 91  ? 2.118   -12.276 5.685   1.00 15.67 ? 91  LYS A CA  1 
ATOM   738  C C   . LYS A 1 91  ? 2.954   -11.716 6.849   1.00 14.92 ? 91  LYS A C   1 
ATOM   739  O O   . LYS A 1 91  ? 2.985   -12.310 7.919   1.00 16.30 ? 91  LYS A O   1 
ATOM   740  C CB  . LYS A 1 91  ? 2.983   -13.358 4.973   1.00 17.76 ? 91  LYS A CB  1 
ATOM   741  C CG  . LYS A 1 91  ? 2.290   -14.318 4.018   1.00 25.20 ? 91  LYS A CG  1 
ATOM   742  C CD  . LYS A 1 91  ? 1.162   -15.065 4.691   1.00 32.15 ? 91  LYS A CD  1 
ATOM   743  C CE  . LYS A 1 91  ? 1.634   -16.126 5.686   1.00 40.67 ? 91  LYS A CE  1 
ATOM   744  N NZ  . LYS A 1 91  ? 0.462   -16.620 6.520   1.00 44.29 ? 91  LYS A NZ  1 
ATOM   745  N N   . HIS A 1 92  ? 3.631   -10.585 6.650   1.00 14.81 ? 92  HIS A N   1 
ATOM   746  C CA  . HIS A 1 92  ? 4.512   -10.029 7.694   1.00 13.76 ? 92  HIS A CA  1 
ATOM   747  C C   . HIS A 1 92  ? 4.271   -8.549  7.909   1.00 12.59 ? 92  HIS A C   1 
ATOM   748  O O   . HIS A 1 92  ? 4.354   -7.787  6.958   1.00 14.22 ? 92  HIS A O   1 
ATOM   749  C CB  . HIS A 1 92  ? 5.988   -10.191 7.268   1.00 15.85 ? 92  HIS A CB  1 
ATOM   750  C CG  . HIS A 1 92  ? 6.311   -11.514 6.642   1.00 13.74 ? 92  HIS A CG  1 
ATOM   751  N ND1 . HIS A 1 92  ? 7.028   -12.493 7.294   1.00 18.27 ? 92  HIS A ND1 1 
ATOM   752  C CD2 . HIS A 1 92  ? 6.043   -12.009 5.412   1.00 13.39 ? 92  HIS A CD2 1 
ATOM   753  C CE1 . HIS A 1 92  ? 7.168   -13.539 6.499   1.00 15.04 ? 92  HIS A CE1 1 
ATOM   754  N NE2 . HIS A 1 92  ? 6.581   -13.271 5.348   1.00 14.12 ? 92  HIS A NE2 1 
ATOM   755  N N   . ALA A 1 93  ? 4.074   -8.117  9.150   1.00 11.85 ? 93  ALA A N   1 
ATOM   756  C CA  . ALA A 1 93  ? 3.840   -6.688  9.395   1.00 10.10 ? 93  ALA A CA  1 
ATOM   757  C C   . ALA A 1 93  ? 5.142   -5.915  9.341   1.00 10.22 ? 93  ALA A C   1 
ATOM   758  O O   . ALA A 1 93  ? 5.192   -4.820  8.800   1.00 9.48  ? 93  ALA A O   1 
ATOM   759  C CB  . ALA A 1 93  ? 3.182   -6.470  10.749  1.00 9.56  ? 93  ALA A CB  1 
ATOM   760  N N   . ASP A 1 94  ? 6.229   -6.526  9.815   1.00 10.44 ? 94  ASP A N   1 
ATOM   761  C CA  . ASP A 1 94  ? 7.514   -5.822  9.854   1.00 9.80  ? 94  ASP A CA  1 
ATOM   762  C C   . ASP A 1 94  ? 7.299   -4.406  10.434  1.00 6.75  ? 94  ASP A C   1 
ATOM   763  O O   . ASP A 1 94  ? 6.794   -4.256  11.544  1.00 9.62  ? 94  ASP A O   1 
ATOM   764  C CB  . ASP A 1 94  ? 8.186   -5.825  8.467   1.00 11.68 ? 94  ASP A CB  1 
ATOM   765  C CG  . ASP A 1 94  ? 8.785   -7.208  8.104   1.00 11.43 ? 94  ASP A CG  1 
ATOM   766  O OD1 . ASP A 1 94  ? 8.531   -8.211  8.823   1.00 13.69 ? 94  ASP A OD1 1 
ATOM   767  O OD2 . ASP A 1 94  ? 9.513   -7.278  7.101   1.00 11.85 ? 94  ASP A OD2 1 
ATOM   768  N N   . GLY A 1 95  ? 7.636   -3.372  9.692   1.00 8.14  ? 95  GLY A N   1 
ATOM   769  C CA  . GLY A 1 95  ? 7.471   -2.029  10.215  1.00 7.33  ? 95  GLY A CA  1 
ATOM   770  C C   . GLY A 1 95  ? 6.212   -1.299  9.795   1.00 7.37  ? 95  GLY A C   1 
ATOM   771  O O   . GLY A 1 95  ? 6.081   -0.107  10.054  1.00 7.72  ? 95  GLY A O   1 
ATOM   772  N N   . LEU A 1 96  ? 5.297   -1.990  9.111   1.00 7.98  ? 96  LEU A N   1 
ATOM   773  C CA  . LEU A 1 96  ? 4.048   -1.368  8.677   1.00 5.53  ? 96  LEU A CA  1 
ATOM   774  C C   . LEU A 1 96  ? 3.047   -1.312  9.831   1.00 6.39  ? 96  LEU A C   1 
ATOM   775  O O   . LEU A 1 96  ? 3.168   -2.045  10.799  1.00 8.17  ? 96  LEU A O   1 
ATOM   776  C CB  . LEU A 1 96  ? 3.427   -2.165  7.541   1.00 8.54  ? 96  LEU A CB  1 
ATOM   777  C CG  . LEU A 1 96  ? 4.235   -2.460  6.274   1.00 12.30 ? 96  LEU A CG  1 
ATOM   778  C CD1 . LEU A 1 96  ? 3.272   -3.140  5.302   1.00 16.79 ? 96  LEU A CD1 1 
ATOM   779  C CD2 . LEU A 1 96  ? 4.857   -1.213  5.638   1.00 13.12 ? 96  LEU A CD2 1 
ATOM   780  N N   . CYS A 1 97  ? 2.009   -0.502  9.673   1.00 6.70  ? 97  CYS A N   1 
ATOM   781  C CA  . CYS A 1 97  ? 0.986   -0.363  10.698  1.00 7.77  ? 97  CYS A CA  1 
ATOM   782  C C   . CYS A 1 97  ? 0.209   -1.659  10.966  1.00 8.94  ? 97  CYS A C   1 
ATOM   783  O O   . CYS A 1 97  ? -0.297  -1.862  12.072  1.00 9.44  ? 97  CYS A O   1 
ATOM   784  C CB  . CYS A 1 97  ? 0.034   0.790   10.323  1.00 8.13  ? 97  CYS A CB  1 
ATOM   785  S SG  . CYS A 1 97  ? -0.881  0.567   8.817   1.00 8.40  ? 97  CYS A SG  1 
ATOM   786  N N   . HIS A 1 98  ? 0.149   -2.542  9.969   1.00 8.75  ? 98  HIS A N   1 
ATOM   787  C CA  . HIS A 1 98  ? -0.551  -3.837  10.075  1.00 7.76  ? 98  HIS A CA  1 
ATOM   788  C C   . HIS A 1 98  ? -0.251  -4.616  8.787   1.00 6.55  ? 98  HIS A C   1 
ATOM   789  O O   . HIS A 1 98  ? 0.102   -4.020  7.771   1.00 7.05  ? 98  HIS A O   1 
ATOM   790  C CB  . HIS A 1 98  ? -2.063  -3.616  10.221  1.00 8.31  ? 98  HIS A CB  1 
ATOM   791  C CG  . HIS A 1 98  ? -2.813  -4.806  10.705  1.00 8.19  ? 98  HIS A CG  1 
ATOM   792  N ND1 . HIS A 1 98  ? -3.317  -5.774  9.854   1.00 8.18  ? 98  HIS A ND1 1 
ATOM   793  C CD2 . HIS A 1 98  ? -3.190  -5.187  11.953  1.00 8.44  ? 98  HIS A CD2 1 
ATOM   794  C CE1 . HIS A 1 98  ? -3.967  -6.681  10.556  1.00 8.74  ? 98  HIS A CE1 1 
ATOM   795  N NE2 . HIS A 1 98  ? -3.897  -6.341  11.829  1.00 8.37  ? 98  HIS A NE2 1 
ATOM   796  N N   . ARG A 1 99  ? -0.283  -5.947  8.839   1.00 8.76  ? 99  ARG A N   1 
ATOM   797  C CA  . ARG A 1 99  ? -0.065  -6.739  7.630   1.00 7.43  ? 99  ARG A CA  1 
ATOM   798  C C   . ARG A 1 99  ? -1.224  -6.386  6.664   1.00 8.30  ? 99  ARG A C   1 
ATOM   799  O O   . ARG A 1 99  ? -2.282  -5.866  7.114   1.00 9.14  ? 99  ARG A O   1 
ATOM   800  C CB  . ARG A 1 99  ? -0.124  -8.228  7.956   1.00 11.45 ? 99  ARG A CB  1 
ATOM   801  C CG  . ARG A 1 99  ? -1.542  -8.763  8.197   1.00 9.64  ? 99  ARG A CG  1 
ATOM   802  C CD  . ARG A 1 99  ? -1.520  -10.274 8.387   1.00 14.27 ? 99  ARG A CD  1 
ATOM   803  N NE  . ARG A 1 99  ? -2.880  -10.790 8.500   1.00 21.70 ? 99  ARG A NE  1 
ATOM   804  C CZ  . ARG A 1 99  ? -3.611  -11.233 7.478   1.00 20.99 ? 99  ARG A CZ  1 
ATOM   805  N NH1 . ARG A 1 99  ? -3.129  -11.253 6.235   1.00 16.96 ? 99  ARG A NH1 1 
ATOM   806  N NH2 . ARG A 1 99  ? -4.844  -11.647 7.706   1.00 19.04 ? 99  ARG A NH2 1 
ATOM   807  N N   . LEU A 1 100 ? -1.000  -6.584  5.361   1.00 7.39  ? 100 LEU A N   1 
ATOM   808  C CA  . LEU A 1 100 ? -2.044  -6.318  4.352   1.00 9.09  ? 100 LEU A CA  1 
ATOM   809  C C   . LEU A 1 100 ? -3.146  -7.409  4.466   1.00 10.31 ? 100 LEU A C   1 
ATOM   810  O O   . LEU A 1 100 ? -2.837  -8.608  4.504   1.00 10.23 ? 100 LEU A O   1 
ATOM   811  C CB  . LEU A 1 100 ? -1.442  -6.290  2.945   1.00 6.40  ? 100 LEU A CB  1 
ATOM   812  C CG  . LEU A 1 100 ? -0.303  -5.255  2.797   1.00 7.50  ? 100 LEU A CG  1 
ATOM   813  C CD1 . LEU A 1 100 ? 0.184   -5.151  1.339   1.00 8.02  ? 100 LEU A CD1 1 
ATOM   814  C CD2 . LEU A 1 100 ? -0.758  -3.893  3.363   1.00 6.90  ? 100 LEU A CD2 1 
ATOM   815  N N   . THR A 1 101 ? -4.408  -6.984  4.576   1.00 9.20  ? 101 THR A N   1 
ATOM   816  C CA  . THR A 1 101 ? -5.515  -7.923  4.722   1.00 9.15  ? 101 THR A CA  1 
ATOM   817  C C   . THR A 1 101 ? -6.456  -8.087  3.486   1.00 10.95 ? 101 THR A C   1 
ATOM   818  O O   . THR A 1 101 ? -6.391  -9.106  2.776   1.00 13.00 ? 101 THR A O   1 
ATOM   819  C CB  . THR A 1 101 ? -6.328  -7.601  6.004   1.00 8.35  ? 101 THR A CB  1 
ATOM   820  O OG1 . THR A 1 101 ? -6.868  -6.270  5.948   1.00 5.89  ? 101 THR A OG1 1 
ATOM   821  C CG2 . THR A 1 101 ? -5.457  -7.766  7.260   1.00 6.75  ? 101 THR A CG2 1 
ATOM   822  N N   . THR A 1 102 ? -7.207  -7.041  3.156   1.00 10.38 ? 102 THR A N   1 
ATOM   823  C CA  . THR A 1 102 ? -8.170  -7.087  2.057   1.00 11.11 ? 102 THR A CA  1 
ATOM   824  C C   . THR A 1 102 ? -8.058  -5.824  1.212   1.00 10.95 ? 102 THR A C   1 
ATOM   825  O O   . THR A 1 102 ? -7.857  -4.738  1.773   1.00 9.33  ? 102 THR A O   1 
ATOM   826  C CB  . THR A 1 102 ? -9.604  -7.126  2.632   1.00 13.18 ? 102 THR A CB  1 
ATOM   827  O OG1 . THR A 1 102 ? -9.788  -8.310  3.414   1.00 14.78 ? 102 THR A OG1 1 
ATOM   828  C CG2 . THR A 1 102 ? -10.642 -7.049  1.533   1.00 16.10 ? 102 THR A CG2 1 
ATOM   829  N N   . VAL A 1 103 ? -8.249  -5.962  -0.111  1.00 10.34 ? 103 VAL A N   1 
ATOM   830  C CA  . VAL A 1 103 ? -8.219  -4.828  -1.039  1.00 11.06 ? 103 VAL A CA  1 
ATOM   831  C C   . VAL A 1 103 ? -9.302  -3.819  -0.673  1.00 10.70 ? 103 VAL A C   1 
ATOM   832  O O   . VAL A 1 103 ? -10.469 -4.164  -0.362  1.00 10.78 ? 103 VAL A O   1 
ATOM   833  C CB  . VAL A 1 103 ? -8.446  -5.233  -2.518  1.00 11.94 ? 103 VAL A CB  1 
ATOM   834  C CG1 . VAL A 1 103 ? -8.321  -4.028  -3.424  1.00 10.82 ? 103 VAL A CG1 1 
ATOM   835  C CG2 . VAL A 1 103 ? -7.425  -6.195  -2.933  1.00 21.51 ? 103 VAL A CG2 1 
ATOM   836  N N   . CYS A 1 104 ? -8.918  -2.559  -0.725  1.00 9.91  ? 104 CYS A N   1 
ATOM   837  C CA  . CYS A 1 104 ? -9.850  -1.518  -0.413  1.00 10.15 ? 104 CYS A CA  1 
ATOM   838  C C   . CYS A 1 104 ? -11.027 -1.606  -1.373  1.00 10.82 ? 104 CYS A C   1 
ATOM   839  O O   . CYS A 1 104 ? -10.850 -1.751  -2.581  1.00 9.98  ? 104 CYS A O   1 
ATOM   840  C CB  . CYS A 1 104 ? -9.191  -0.153  -0.590  1.00 12.49 ? 104 CYS A CB  1 
ATOM   841  S SG  . CYS A 1 104 ? -10.180 1.186   0.051   1.00 12.63 ? 104 CYS A SG  1 
ATOM   842  N N   . PRO A 1 105 ? -12.243 -1.489  -0.850  1.00 13.37 ? 105 PRO A N   1 
ATOM   843  C CA  . PRO A 1 105 ? -13.365 -1.557  -1.794  1.00 19.43 ? 105 PRO A CA  1 
ATOM   844  C C   . PRO A 1 105 ? -13.498 -0.190  -2.486  1.00 20.36 ? 105 PRO A C   1 
ATOM   845  O O   . PRO A 1 105 ? -13.074 0.827   -1.949  1.00 19.16 ? 105 PRO A O   1 
ATOM   846  C CB  . PRO A 1 105 ? -14.582 -1.758  -0.880  1.00 18.45 ? 105 PRO A CB  1 
ATOM   847  C CG  . PRO A 1 105 ? -13.977 -2.147  0.493   1.00 23.99 ? 105 PRO A CG  1 
ATOM   848  C CD  . PRO A 1 105 ? -12.708 -1.354  0.536   1.00 13.37 ? 105 PRO A CD  1 
ATOM   849  N N   . THR A 1 106 ? -14.142 -0.186  -3.646  1.00 24.28 ? 106 THR A N   1 
ATOM   850  C CA  . THR A 1 106 ? -14.432 1.039   -4.413  1.00 28.82 ? 106 THR A CA  1 
ATOM   851  C C   . THR A 1 106 ? -15.677 1.712   -3.800  1.00 29.76 ? 106 THR A C   1 
ATOM   852  O O   . THR A 1 106 ? -16.533 0.962   -3.275  1.00 30.68 ? 106 THR A O   1 
ATOM   853  C CB  . THR A 1 106 ? -14.789 0.696   -5.868  1.00 32.62 ? 106 THR A CB  1 
ATOM   854  O OG1 . THR A 1 106 ? -13.880 -0.295  -6.351  1.00 40.86 ? 106 THR A OG1 1 
ATOM   855  C CG2 . THR A 1 106 ? -14.699 1.928   -6.747  1.00 34.58 ? 106 THR A CG2 1 
HETATM 856  C C1  . HPS B 2 .   ? 3.164   0.366   14.131  1.00 13.62 ? 300 HPS A C1  1 
HETATM 857  C C2  . HPS B 2 .   ? 4.129   0.516   13.040  1.00 12.47 ? 300 HPS A C2  1 
HETATM 858  C C3  . HPS B 2 .   ? 3.965   1.430   12.056  1.00 10.01 ? 300 HPS A C3  1 
HETATM 859  C C4  . HPS B 2 .   ? 2.853   2.253   12.189  1.00 18.11 ? 300 HPS A C4  1 
HETATM 860  C C5  . HPS B 2 .   ? 1.964   2.174   13.312  1.00 16.74 ? 300 HPS A C5  1 
HETATM 861  C C6  . HPS B 2 .   ? 2.039   1.140   14.275  1.00 9.43  ? 300 HPS A C6  1 
HETATM 862  O O12 . HPS B 2 .   ? 1.021   3.232   13.427  1.00 22.18 ? 300 HPS A O12 1 
HETATM 863  P P13 . HPS B 2 .   ? 1.269   4.786   14.116  1.00 21.22 ? 300 HPS A P13 1 
HETATM 864  O O14 . HPS B 2 .   ? -0.031  5.618   14.178  1.00 24.47 ? 300 HPS A O14 1 
HETATM 865  O O15 . HPS B 2 .   ? 2.390   5.475   13.215  1.00 22.58 ? 300 HPS A O15 1 
HETATM 866  O O16 . HPS B 2 .   ? 1.852   4.510   15.534  1.00 21.27 ? 300 HPS A O16 1 
HETATM 867  C C1  . HPS C 2 .   ? 3.311   9.973   2.891   1.00 19.65 ? 400 HPS A C1  1 
HETATM 868  C C2  . HPS C 2 .   ? 4.222   8.868   2.983   1.00 19.56 ? 400 HPS A C2  1 
HETATM 869  C C3  . HPS C 2 .   ? 4.548   8.092   1.839   1.00 15.41 ? 400 HPS A C3  1 
HETATM 870  C C4  . HPS C 2 .   ? 3.935   8.428   0.571   1.00 18.81 ? 400 HPS A C4  1 
HETATM 871  C C5  . HPS C 2 .   ? 2.966   9.473   0.498   1.00 16.77 ? 400 HPS A C5  1 
HETATM 872  C C6  . HPS C 2 .   ? 2.652   10.220  1.656   1.00 16.33 ? 400 HPS A C6  1 
HETATM 873  O O12 . HPS C 2 .   ? 2.170   9.676   -0.637  1.00 23.74 ? 400 HPS A O12 1 
HETATM 874  P P13 . HPS C 2 .   ? 2.726   10.214  -2.015  1.00 26.13 ? 400 HPS A P13 1 
HETATM 875  O O14 . HPS C 2 .   ? 1.757   10.228  -3.153  1.00 26.47 ? 400 HPS A O14 1 
HETATM 876  O O15 . HPS C 2 .   ? 3.947   9.287   -2.320  1.00 25.20 ? 400 HPS A O15 1 
HETATM 877  O O16 . HPS C 2 .   ? 3.047   11.693  -1.669  1.00 30.98 ? 400 HPS A O16 1 
HETATM 878  O O   . HOH D 3 .   ? -0.922  -0.439  14.178  1.00 14.78 ? 401 HOH A O   1 
HETATM 879  O O   . HOH D 3 .   ? 10.134  -4.925  6.034   1.00 10.26 ? 402 HOH A O   1 
HETATM 880  O O   . HOH D 3 .   ? -7.808  10.884  -7.574  1.00 13.82 ? 403 HOH A O   1 
HETATM 881  O O   . HOH D 3 .   ? -8.775  -0.029  9.423   1.00 7.25  ? 404 HOH A O   1 
HETATM 882  O O   . HOH D 3 .   ? -11.682 -0.111  11.285  1.00 12.62 ? 405 HOH A O   1 
HETATM 883  O O   . HOH D 3 .   ? -4.198  -10.646 -6.043  1.00 17.27 ? 406 HOH A O   1 
HETATM 884  O O   . HOH D 3 .   ? -0.969  15.824  -1.399  1.00 28.53 ? 407 HOH A O   1 
HETATM 885  O O   . HOH D 3 .   ? 10.113  3.661   0.725   1.00 11.35 ? 408 HOH A O   1 
HETATM 886  O O   . HOH D 3 .   ? 1.443   16.893  -3.850  1.00 18.01 ? 409 HOH A O   1 
HETATM 887  O O   . HOH D 3 .   ? 14.723  -8.589  4.872   1.00 21.55 ? 410 HOH A O   1 
HETATM 888  O O   . HOH D 3 .   ? 12.763  -10.476 5.259   1.00 26.89 ? 411 HOH A O   1 
HETATM 889  O O   . HOH D 3 .   ? 0.759   -13.683 1.100   1.00 12.99 ? 412 HOH A O   1 
HETATM 890  O O   . HOH D 3 .   ? 12.851  -4.735  6.830   1.00 10.35 ? 413 HOH A O   1 
HETATM 891  O O   . HOH D 3 .   ? -14.352 8.560   3.628   1.00 21.03 ? 414 HOH A O   1 
HETATM 892  O O   . HOH D 3 .   ? -3.397  -10.197 0.223   1.00 20.96 ? 415 HOH A O   1 
HETATM 893  O O   . HOH D 3 .   ? -5.774  9.445   8.222   1.00 21.95 ? 416 HOH A O   1 
HETATM 894  O O   . HOH D 3 .   ? -7.897  13.630  3.280   1.00 30.09 ? 417 HOH A O   1 
HETATM 895  O O   . HOH D 3 .   ? -10.025 12.265  2.220   1.00 19.94 ? 418 HOH A O   1 
HETATM 896  O O   . HOH D 3 .   ? -0.914  9.877   -6.282  1.00 36.07 ? 419 HOH A O   1 
HETATM 897  O O   . HOH D 3 .   ? -4.205  -10.857 2.709   1.00 18.78 ? 420 HOH A O   1 
HETATM 898  O O   . HOH D 3 .   ? 5.137   -14.464 -3.369  1.00 19.17 ? 421 HOH A O   1 
HETATM 899  O O   . HOH D 3 .   ? -1.533  10.711  -8.751  1.00 30.38 ? 422 HOH A O   1 
HETATM 900  O O   . HOH D 3 .   ? -2.584  11.483  6.096   1.00 59.26 ? 423 HOH A O   1 
HETATM 901  O O   . HOH D 3 .   ? -9.480  -9.098  -3.365  1.00 31.23 ? 424 HOH A O   1 
HETATM 902  O O   . HOH D 3 .   ? -10.594 12.671  -3.736  1.00 20.60 ? 425 HOH A O   1 
HETATM 903  O O   . HOH D 3 .   ? -14.148 2.099   0.338   1.00 22.19 ? 426 HOH A O   1 
HETATM 904  O O   . HOH D 3 .   ? -15.323 5.412   1.936   1.00 38.28 ? 427 HOH A O   1 
HETATM 905  O O   . HOH D 3 .   ? -7.952  9.811   10.459  1.00 21.42 ? 428 HOH A O   1 
HETATM 906  O O   . HOH D 3 .   ? -0.574  -10.169 -7.126  1.00 34.13 ? 429 HOH A O   1 
HETATM 907  O O   . HOH D 3 .   ? -6.421  -2.482  -11.592 1.00 22.67 ? 430 HOH A O   1 
HETATM 908  O O   . HOH D 3 .   ? 11.168  -14.456 -8.355  1.00 22.52 ? 431 HOH A O   1 
HETATM 909  O O   . HOH D 3 .   ? -11.900 -2.939  -4.615  1.00 17.91 ? 432 HOH A O   1 
HETATM 910  O O   . HOH D 3 .   ? -2.157  -9.587  11.652  1.00 14.48 ? 433 HOH A O   1 
HETATM 911  O O   . HOH D 3 .   ? 11.479  6.378   -0.105  1.00 28.63 ? 434 HOH A O   1 
HETATM 912  O O   . HOH D 3 .   ? -0.932  9.269   7.057   1.00 23.46 ? 435 HOH A O   1 
HETATM 913  O O   . HOH D 3 .   ? -17.744 -1.602  2.691   1.00 24.56 ? 436 HOH A O   1 
HETATM 914  O O   . HOH D 3 .   ? 0.394   -10.499 -4.635  1.00 21.19 ? 437 HOH A O   1 
HETATM 915  O O   . HOH D 3 .   ? 13.335  6.200   -2.210  1.00 51.67 ? 438 HOH A O   1 
HETATM 916  O O   . HOH D 3 .   ? -8.447  -8.834  -1.106  1.00 22.51 ? 439 HOH A O   1 
HETATM 917  O O   . HOH D 3 .   ? -17.869 4.922   7.144   1.00 33.09 ? 440 HOH A O   1 
HETATM 918  O O   . HOH D 3 .   ? -2.218  7.670   10.177  1.00 14.52 ? 441 HOH A O   1 
HETATM 919  O O   . HOH D 3 .   ? -11.356 -8.304  -4.898  1.00 25.38 ? 442 HOH A O   1 
HETATM 920  O O   . HOH D 3 .   ? -10.688 -3.807  -6.945  1.00 29.69 ? 443 HOH A O   1 
HETATM 921  O O   . HOH D 3 .   ? -6.179  0.904   24.809  1.00 21.20 ? 444 HOH A O   1 
HETATM 922  O O   . HOH D 3 .   ? 4.261   -13.867 -5.835  1.00 45.86 ? 445 HOH A O   1 
HETATM 923  O O   . HOH D 3 .   ? -12.639 -5.299  -3.259  1.00 40.68 ? 446 HOH A O   1 
HETATM 924  O O   . HOH D 3 .   ? 8.066   2.196   6.843   1.00 22.53 ? 447 HOH A O   1 
HETATM 925  O O   . HOH D 3 .   ? 9.668   -12.407 -10.661 1.00 36.60 ? 448 HOH A O   1 
HETATM 926  O O   . HOH D 3 .   ? -6.390  0.808   -12.237 1.00 22.98 ? 449 HOH A O   1 
HETATM 927  O O   . HOH D 3 .   ? -1.860  -7.889  14.340  1.00 16.53 ? 450 HOH A O   1 
HETATM 928  O O   . HOH D 3 .   ? 3.677   5.785   7.430   1.00 45.38 ? 451 HOH A O   1 
HETATM 929  O O   . HOH D 3 .   ? 3.218   13.841  3.452   1.00 48.88 ? 452 HOH A O   1 
HETATM 930  O O   . HOH D 3 .   ? -17.238 7.066   3.755   1.00 44.93 ? 453 HOH A O   1 
HETATM 931  O O   . HOH D 3 .   ? 8.692   -0.181  6.527   1.00 33.34 ? 454 HOH A O   1 
HETATM 932  O O   . HOH D 3 .   ? -13.446 11.871  -5.744  1.00 70.49 ? 455 HOH A O   1 
HETATM 933  O O   . HOH D 3 .   ? -15.674 11.015  2.608   1.00 44.77 ? 456 HOH A O   1 
HETATM 934  O O   . HOH D 3 .   ? 18.983  -7.769  3.293   1.00 27.64 ? 457 HOH A O   1 
HETATM 935  O O   . HOH D 3 .   ? -11.826 -6.315  -6.592  1.00 28.39 ? 458 HOH A O   1 
HETATM 936  O O   . HOH D 3 .   ? -11.340 6.103   -6.943  1.00 35.72 ? 459 HOH A O   1 
HETATM 937  O O   . HOH D 3 .   ? 1.814   9.822   -13.840 1.00 37.58 ? 460 HOH A O   1 
HETATM 938  O O   . HOH D 3 .   ? -19.742 2.382   3.298   1.00 60.11 ? 461 HOH A O   1 
HETATM 939  O O   . HOH D 3 .   ? -14.753 -2.532  -5.003  1.00 20.28 ? 462 HOH A O   1 
HETATM 940  O O   . HOH D 3 .   ? -9.454  0.079   -9.117  1.00 27.57 ? 463 HOH A O   1 
HETATM 941  O O   . HOH D 3 .   ? -11.773 13.721  -1.679  1.00 34.77 ? 464 HOH A O   1 
HETATM 942  O O   . HOH D 3 .   ? 3.648   16.118  -5.930  1.00 33.88 ? 465 HOH A O   1 
HETATM 943  O O   . HOH D 3 .   ? -9.465  -1.657  20.020  1.00 19.13 ? 466 HOH A O   1 
HETATM 944  O O   . HOH D 3 .   ? -0.650  6.970   -15.798 1.00 30.99 ? 467 HOH A O   1 
HETATM 945  O O   . HOH D 3 .   ? 3.190   6.228   -15.181 1.00 45.66 ? 468 HOH A O   1 
HETATM 946  O O   . HOH D 3 .   ? -8.363  9.566   21.820  1.00 53.35 ? 469 HOH A O   1 
HETATM 947  O O   . HOH D 3 .   ? 16.588  -7.622  0.247   1.00 10.50 ? 470 HOH A O   1 
HETATM 948  O O   . HOH D 3 .   ? 0.281   16.042  4.847   1.00 47.14 ? 471 HOH A O   1 
HETATM 949  O O   . HOH D 3 .   ? 4.712   7.626   10.736  1.00 27.43 ? 472 HOH A O   1 
HETATM 950  O O   . HOH D 3 .   ? 3.822   3.446   9.483   1.00 33.87 ? 473 HOH A O   1 
HETATM 951  O O   . HOH D 3 .   ? -13.826 1.195   11.722  1.00 25.91 ? 474 HOH A O   1 
HETATM 952  O O   . HOH D 3 .   ? -14.656 -2.690  3.397   1.00 22.42 ? 475 HOH A O   1 
HETATM 953  O O   . HOH D 3 .   ? -16.918 9.913   0.451   1.00 24.26 ? 476 HOH A O   1 
HETATM 954  O O   . HOH D 3 .   ? 7.410   5.871   2.630   1.00 12.70 ? 477 HOH A O   1 
HETATM 955  O O   . HOH D 3 .   ? -6.538  -7.717  15.856  1.00 74.31 ? 478 HOH A O   1 
HETATM 956  O O   . HOH D 3 .   ? -3.758  4.731   -13.763 1.00 37.76 ? 479 HOH A O   1 
HETATM 957  O O   . HOH D 3 .   ? -0.740  3.817   -13.078 1.00 30.75 ? 480 HOH A O   1 
HETATM 958  O O   . HOH D 3 .   ? -6.189  11.935  -13.812 1.00 40.71 ? 481 HOH A O   1 
HETATM 959  O O   . HOH D 3 .   ? -12.751 5.765   14.268  1.00 16.65 ? 482 HOH A O   1 
HETATM 960  O O   . HOH D 3 .   ? 12.424  -11.221 -2.536  1.00 10.39 ? 483 HOH A O   1 
HETATM 961  O O   . HOH D 3 .   ? -15.822 4.674   -0.633  1.00 22.11 ? 484 HOH A O   1 
HETATM 962  O O   . HOH D 3 .   ? -16.285 -5.021  8.144   1.00 9.30  ? 485 HOH A O   1 
HETATM 963  O O   . HOH D 3 .   ? -3.714  3.202   14.134  1.00 10.90 ? 486 HOH A O   1 
HETATM 964  O O   . HOH D 3 .   ? -6.072  -0.073  20.426  1.00 13.15 ? 487 HOH A O   1 
HETATM 965  O O   . HOH D 3 .   ? 1.464   8.211   6.241   1.00 20.45 ? 488 HOH A O   1 
HETATM 966  O O   . HOH D 3 .   ? 10.565  -3.322  1.659   1.00 5.96  ? 489 HOH A O   1 
HETATM 967  O O   . HOH D 3 .   ? 5.993   -6.395  -10.707 1.00 19.56 ? 490 HOH A O   1 
HETATM 968  O O   . HOH D 3 .   ? 6.817   -15.814 -5.070  1.00 49.17 ? 491 HOH A O   1 
HETATM 969  O O   . HOH D 3 .   ? 4.883   -2.591  12.704  1.00 11.26 ? 492 HOH A O   1 
HETATM 970  O O   . HOH D 3 .   ? 5.121   4.057   -12.708 1.00 46.03 ? 493 HOH A O   1 
HETATM 971  O O   . HOH D 3 .   ? -8.850  3.981   -9.470  1.00 28.16 ? 494 HOH A O   1 
HETATM 972  O O   . HOH D 3 .   ? -12.501 13.093  1.303   1.00 33.62 ? 495 HOH A O   1 
HETATM 973  O O   . HOH D 3 .   ? -14.581 7.024   9.086   1.00 46.50 ? 496 HOH A O   1 
HETATM 974  O O   . HOH D 3 .   ? -22.502 -0.845  8.743   1.00 32.64 ? 497 HOH A O   1 
HETATM 975  O O   . HOH D 3 .   ? 4.918   6.252   -10.838 1.00 47.76 ? 498 HOH A O   1 
HETATM 976  O O   . HOH D 3 .   ? 11.083  4.006   -7.767  1.00 36.90 ? 499 HOH A O   1 
HETATM 977  O O   . HOH D 3 .   ? -7.199  10.107  13.293  1.00 31.64 ? 500 HOH A O   1 
HETATM 978  O O   . HOH D 3 .   ? 11.420  -11.762 -4.876  1.00 16.81 ? 501 HOH A O   1 
HETATM 979  O O   . HOH D 3 .   ? -4.113  -7.403  16.551  1.00 43.90 ? 502 HOH A O   1 
HETATM 980  O O   . HOH D 3 .   ? -16.543 5.386   -3.585  1.00 33.09 ? 503 HOH A O   1 
HETATM 981  O O   . HOH D 3 .   ? 6.136   -11.062 -11.841 1.00 63.00 ? 504 HOH A O   1 
HETATM 982  O O   . HOH D 3 .   ? 5.736   12.125  -9.882  1.00 36.89 ? 505 HOH A O   1 
HETATM 983  O O   . HOH D 3 .   ? -4.258  6.610   -16.255 1.00 45.04 ? 506 HOH A O   1 
HETATM 984  O O   . HOH D 3 .   ? -4.647  -8.294  13.875  1.00 51.82 ? 507 HOH A O   1 
HETATM 985  O O   . HOH D 3 .   ? 6.323   17.600  -4.641  1.00 35.96 ? 508 HOH A O   1 
HETATM 986  O O   . HOH D 3 .   ? -14.453 4.627   12.461  1.00 29.54 ? 509 HOH A O   1 
HETATM 987  O O   . HOH D 3 .   ? -3.795  10.329  10.831  1.00 39.80 ? 510 HOH A O   1 
HETATM 988  O O   . HOH D 3 .   ? -7.265  10.035  -15.409 1.00 20.38 ? 511 HOH A O   1 
HETATM 989  O O   . HOH D 3 .   ? -12.591 9.936   9.152   1.00 41.34 ? 512 HOH A O   1 
HETATM 990  O O   . HOH D 3 .   ? 9.647   2.410   8.949   1.00 45.27 ? 513 HOH A O   1 
HETATM 991  O O   . HOH D 3 .   ? -2.245  2.730   -15.123 1.00 80.42 ? 514 HOH A O   1 
HETATM 992  O O   . HOH D 3 .   ? -13.380 9.204   -12.837 1.00 38.63 ? 515 HOH A O   1 
HETATM 993  O O   . HOH D 3 .   ? -1.171  6.434   -18.915 1.00 39.28 ? 516 HOH A O   1 
HETATM 994  O O   . HOH D 3 .   ? 4.814   10.117  -13.748 1.00 27.88 ? 517 HOH A O   1 
HETATM 995  O O   . HOH D 3 .   ? -11.956 11.372  3.999   1.00 51.73 ? 518 HOH A O   1 
HETATM 996  O O   . HOH D 3 .   ? -14.860 13.789  -2.594  1.00 58.05 ? 519 HOH A O   1 
HETATM 997  O O   . HOH D 3 .   ? -22.585 7.734   4.866   1.00 77.36 ? 520 HOH A O   1 
HETATM 998  O O   . HOH D 3 .   ? -21.158 2.010   7.903   1.00 69.52 ? 521 HOH A O   1 
HETATM 999  O O   . HOH D 3 .   ? 0.394   7.852   11.132  1.00 64.43 ? 522 HOH A O   1 
HETATM 1000 O O   . HOH D 3 .   ? 3.822   8.715   7.443   1.00 39.62 ? 523 HOH A O   1 
HETATM 1001 O O   . HOH D 3 .   ? 4.970   -12.428 -8.897  1.00 37.27 ? 524 HOH A O   1 
HETATM 1002 O O   . HOH D 3 .   ? -9.970  -10.643 2.208   1.00 25.84 ? 525 HOH A O   1 
HETATM 1003 O O   . HOH D 3 .   ? 1.728   13.742  0.005   1.00 28.42 ? 526 HOH A O   1 
HETATM 1004 O O   . HOH D 3 .   ? 18.026  -4.108  -6.474  1.00 28.55 ? 527 HOH A O   1 
HETATM 1005 O O   . HOH D 3 .   ? 1.399   -16.816 2.158   1.00 22.12 ? 528 HOH A O   1 
HETATM 1006 O O   . HOH D 3 .   ? 9.234   -2.655  7.519   1.00 15.38 ? 529 HOH A O   1 
HETATM 1007 O O   . HOH D 3 .   ? -0.999  -2.178  16.385  1.00 18.25 ? 530 HOH A O   1 
HETATM 1008 O O   . HOH D 3 .   ? -2.145  -5.859  16.042  1.00 30.79 ? 531 HOH A O   1 
HETATM 1009 O O   . HOH D 3 .   ? -10.221 9.005   13.786  1.00 31.94 ? 532 HOH A O   1 
HETATM 1010 O O   . HOH D 3 .   ? -5.006  -7.769  19.453  1.00 41.28 ? 533 HOH A O   1 
HETATM 1011 O O   . HOH D 3 .   ? -6.379  -1.826  24.311  1.00 34.77 ? 534 HOH A O   1 
HETATM 1012 O O   . HOH D 3 .   ? 1.912   13.732  5.754   1.00 27.88 ? 535 HOH A O   1 
HETATM 1013 O O   . HOH D 3 .   ? -6.835  12.213  20.592  1.00 43.62 ? 536 HOH A O   1 
HETATM 1014 O O   . HOH D 3 .   ? 5.328   -3.511  -11.892 1.00 36.30 ? 537 HOH A O   1 
HETATM 1015 O O   . HOH D 3 .   ? -9.979  11.692  9.874   1.00 49.49 ? 538 HOH A O   1 
HETATM 1016 O O   . HOH D 3 .   ? 11.316  1.056   -17.120 1.00 59.23 ? 539 HOH A O   1 
HETATM 1017 O O   . HOH D 3 .   ? 8.987   2.650   -12.152 1.00 61.01 ? 540 HOH A O   1 
HETATM 1018 O O   . HOH D 3 .   ? 3.546   11.690  9.153   1.00 47.96 ? 541 HOH A O   1 
HETATM 1019 O O   . HOH D 3 .   ? -4.242  10.388  13.706  1.00 34.38 ? 542 HOH A O   1 
HETATM 1020 O O   . HOH D 3 .   ? 0.564   -13.434 -5.887  1.00 60.64 ? 543 HOH A O   1 
HETATM 1021 O O   . HOH D 3 .   ? -19.721 1.885   10.500  1.00 52.76 ? 544 HOH A O   1 
HETATM 1022 O O   . HOH D 3 .   ? -4.874  11.521  16.192  1.00 55.01 ? 545 HOH A O   1 
HETATM 1023 O O   . HOH D 3 .   ? 10.031  13.045  -3.707  1.00 52.29 ? 546 HOH A O   1 
HETATM 1024 O O   . HOH D 3 .   ? -2.218  -4.173  -20.371 1.00 48.03 ? 547 HOH A O   1 
HETATM 1025 O O   . HOH D 3 .   ? -1.143  -6.182  18.453  1.00 20.74 ? 548 HOH A O   1 
HETATM 1026 O O   . HOH D 3 .   ? -17.834 2.594   12.528  1.00 42.17 ? 549 HOH A O   1 
HETATM 1027 O O   . HOH D 3 .   ? -7.068  -5.241  16.060  1.00 15.89 ? 550 HOH A O   1 
HETATM 1028 O O   . HOH D 3 .   ? -8.028  -2.892  18.185  1.00 31.64 ? 551 HOH A O   1 
HETATM 1029 O O   . HOH D 3 .   ? 2.571   5.927   10.462  1.00 18.19 ? 552 HOH A O   1 
HETATM 1030 O O   . HOH D 3 .   ? -3.153  0.535   16.162  1.00 40.27 ? 553 HOH A O   1 
HETATM 1031 O O   . HOH D 3 .   ? -1.495  2.261   15.291  1.00 48.18 ? 554 HOH A O   1 
HETATM 1032 O O   . HOH D 3 .   ? -1.371  -12.834 -0.458  1.00 25.66 ? 555 HOH A O   1 
HETATM 1033 O O   . HOH D 3 .   ? -14.807 14.009  2.444   1.00 35.36 ? 556 HOH A O   1 
HETATM 1034 O O   . HOH D 3 .   ? -9.364  12.211  13.991  1.00 44.62 ? 557 HOH A O   1 
HETATM 1035 O O   . HOH D 3 .   ? 21.193  -0.732  -0.919  1.00 53.29 ? 558 HOH A O   1 
HETATM 1036 O O   . HOH D 3 .   ? 8.283   -5.733  -13.279 1.00 50.34 ? 559 HOH A O   1 
HETATM 1037 O O   . HOH D 3 .   ? 19.065  1.365   -3.285  1.00 45.61 ? 560 HOH A O   1 
HETATM 1038 O O   . HOH D 3 .   ? 14.136  -7.795  -11.377 1.00 35.89 ? 561 HOH A O   1 
HETATM 1039 O O   . HOH D 3 .   ? 5.907   6.308   5.405   1.00 49.45 ? 562 HOH A O   1 
# 
loop_
_pdbx_poly_seq_scheme.asym_id 
_pdbx_poly_seq_scheme.entity_id 
_pdbx_poly_seq_scheme.seq_id 
_pdbx_poly_seq_scheme.mon_id 
_pdbx_poly_seq_scheme.ndb_seq_num 
_pdbx_poly_seq_scheme.pdb_seq_num 
_pdbx_poly_seq_scheme.auth_seq_num 
_pdbx_poly_seq_scheme.pdb_mon_id 
_pdbx_poly_seq_scheme.auth_mon_id 
_pdbx_poly_seq_scheme.pdb_strand_id 
_pdbx_poly_seq_scheme.pdb_ins_code 
_pdbx_poly_seq_scheme.hetero 
A 1 1   SER 1   1   1   SER SER A . n 
A 1 2   ILE 2   2   2   ILE ILE A . n 
A 1 3   GLN 3   3   3   GLN GLN A . n 
A 1 4   ALA 4   4   4   ALA ALA A . n 
A 1 5   GLU 5   5   5   GLU GLU A . n 
A 1 6   GLU 6   6   6   GLU GLU A . n 
A 1 7   TRP 7   7   7   TRP TRP A . n 
A 1 8   TYR 8   8   8   TYR TYR A . n 
A 1 9   PHE 9   9   9   PHE PHE A . n 
A 1 10  GLY 10  10  10  GLY GLY A . n 
A 1 11  LYS 11  11  11  LYS LYS A . n 
A 1 12  ILE 12  12  12  ILE ILE A . n 
A 1 13  THR 13  13  13  THR THR A . n 
A 1 14  ARG 14  14  14  ARG ARG A . n 
A 1 15  ARG 15  15  15  ARG ARG A . n 
A 1 16  GLU 16  16  16  GLU GLU A . n 
A 1 17  SER 17  17  17  SER SER A . n 
A 1 18  GLU 18  18  18  GLU GLU A . n 
A 1 19  ARG 19  19  19  ARG ARG A . n 
A 1 20  LEU 20  20  20  LEU LEU A . n 
A 1 21  LEU 21  21  21  LEU LEU A . n 
A 1 22  LEU 22  22  22  LEU LEU A . n 
A 1 23  ASN 23  23  23  ASN ASN A . n 
A 1 24  ALA 24  24  24  ALA ALA A . n 
A 1 25  GLU 25  25  25  GLU GLU A . n 
A 1 26  ASN 26  26  26  ASN ASN A . n 
A 1 27  PRO 27  27  27  PRO PRO A . n 
A 1 28  ARG 28  28  28  ARG ARG A . n 
A 1 29  GLY 29  29  29  GLY GLY A . n 
A 1 30  THR 30  30  30  THR THR A . n 
A 1 31  PHE 31  31  31  PHE PHE A . n 
A 1 32  LEU 32  32  32  LEU LEU A . n 
A 1 33  VAL 33  33  33  VAL VAL A . n 
A 1 34  ARG 34  34  34  ARG ARG A . n 
A 1 35  GLU 35  35  35  GLU GLU A . n 
A 1 36  SER 36  36  36  SER SER A . n 
A 1 37  GLU 37  37  37  GLU GLU A . n 
A 1 38  THR 38  38  38  THR THR A . n 
A 1 39  THR 39  39  39  THR THR A . n 
A 1 40  LYS 40  40  40  LYS LYS A . n 
A 1 41  GLY 41  41  41  GLY GLY A . n 
A 1 42  ALA 42  42  42  ALA ALA A . n 
A 1 43  TYR 43  43  43  TYR TYR A . n 
A 1 44  CYS 44  44  44  CYS CYS A . n 
A 1 45  LEU 45  45  45  LEU LEU A . n 
A 1 46  SER 46  46  46  SER SER A . n 
A 1 47  VAL 47  47  47  VAL VAL A . n 
A 1 48  SER 48  48  48  SER SER A . n 
A 1 49  ASP 49  49  49  ASP ASP A . n 
A 1 50  PHE 50  50  50  PHE PHE A . n 
A 1 51  ASP 51  51  51  ASP ASP A . n 
A 1 52  ASN 52  52  52  ASN ASN A . n 
A 1 53  ALA 53  53  53  ALA ALA A . n 
A 1 54  LYS 54  54  54  LYS LYS A . n 
A 1 55  GLY 55  55  55  GLY GLY A . n 
A 1 56  LEU 56  56  56  LEU LEU A . n 
A 1 57  ASN 57  57  57  ASN ASN A . n 
A 1 58  VAL 58  58  58  VAL VAL A . n 
A 1 59  LYS 59  59  59  LYS LYS A . n 
A 1 60  HIS 60  60  60  HIS HIS A . n 
A 1 61  TYR 61  61  61  TYR TYR A . n 
A 1 62  LYS 62  62  62  LYS LYS A . n 
A 1 63  ILE 63  63  63  ILE ILE A . n 
A 1 64  ARG 64  64  64  ARG ARG A . n 
A 1 65  LYS 65  65  65  LYS LYS A . n 
A 1 66  LEU 66  66  66  LEU LEU A . n 
A 1 67  ASP 67  67  67  ASP ASP A . n 
A 1 68  SER 68  68  68  SER SER A . n 
A 1 69  GLY 69  69  69  GLY GLY A . n 
A 1 70  GLY 70  70  70  GLY GLY A . n 
A 1 71  PHE 71  71  71  PHE PHE A . n 
A 1 72  TYR 72  72  72  TYR TYR A . n 
A 1 73  ILE 73  73  73  ILE ILE A . n 
A 1 74  THR 74  74  74  THR THR A . n 
A 1 75  SER 75  75  75  SER SER A . n 
A 1 76  ARG 76  76  76  ARG ARG A . n 
A 1 77  THR 77  77  77  THR THR A . n 
A 1 78  GLN 78  78  78  GLN GLN A . n 
A 1 79  PHE 79  79  79  PHE PHE A . n 
A 1 80  ASN 80  80  80  ASN ASN A . n 
A 1 81  SER 81  81  81  SER SER A . n 
A 1 82  LEU 82  82  82  LEU LEU A . n 
A 1 83  GLN 83  83  83  GLN GLN A . n 
A 1 84  GLN 84  84  84  GLN GLN A . n 
A 1 85  LEU 85  85  85  LEU LEU A . n 
A 1 86  VAL 86  86  86  VAL VAL A . n 
A 1 87  ALA 87  87  87  ALA ALA A . n 
A 1 88  TYR 88  88  88  TYR TYR A . n 
A 1 89  TYR 89  89  89  TYR TYR A . n 
A 1 90  SER 90  90  90  SER SER A . n 
A 1 91  LYS 91  91  91  LYS LYS A . n 
A 1 92  HIS 92  92  92  HIS HIS A . n 
A 1 93  ALA 93  93  93  ALA ALA A . n 
A 1 94  ASP 94  94  94  ASP ASP A . n 
A 1 95  GLY 95  95  95  GLY GLY A . n 
A 1 96  LEU 96  96  96  LEU LEU A . n 
A 1 97  CYS 97  97  97  CYS CYS A . n 
A 1 98  HIS 98  98  98  HIS HIS A . n 
A 1 99  ARG 99  99  99  ARG ARG A . n 
A 1 100 LEU 100 100 100 LEU LEU A . n 
A 1 101 THR 101 101 101 THR THR A . n 
A 1 102 THR 102 102 102 THR THR A . n 
A 1 103 VAL 103 103 103 VAL VAL A . n 
A 1 104 CYS 104 104 104 CYS CYS A . n 
A 1 105 PRO 105 105 105 PRO PRO A . n 
A 1 106 THR 106 106 106 THR THR A . n 
A 1 107 SER 107 107 ?   ?   ?   A . n 
A 1 108 LYS 108 108 ?   ?   ?   A . n 
# 
loop_
_pdbx_nonpoly_scheme.asym_id 
_pdbx_nonpoly_scheme.entity_id 
_pdbx_nonpoly_scheme.mon_id 
_pdbx_nonpoly_scheme.ndb_seq_num 
_pdbx_nonpoly_scheme.pdb_seq_num 
_pdbx_nonpoly_scheme.auth_seq_num 
_pdbx_nonpoly_scheme.pdb_mon_id 
_pdbx_nonpoly_scheme.auth_mon_id 
_pdbx_nonpoly_scheme.pdb_strand_id 
_pdbx_nonpoly_scheme.pdb_ins_code 
B 2 HPS 1   300 300 HPS INH A . 
C 2 HPS 1   400 400 HPS INH A . 
D 3 HOH 1   401 2   HOH HOH A . 
D 3 HOH 2   402 3   HOH HOH A . 
D 3 HOH 3   403 4   HOH HOH A . 
D 3 HOH 4   404 5   HOH HOH A . 
D 3 HOH 5   405 6   HOH HOH A . 
D 3 HOH 6   406 7   HOH HOH A . 
D 3 HOH 7   407 8   HOH HOH A . 
D 3 HOH 8   408 9   HOH HOH A . 
D 3 HOH 9   409 10  HOH HOH A . 
D 3 HOH 10  410 11  HOH HOH A . 
D 3 HOH 11  411 12  HOH HOH A . 
D 3 HOH 12  412 13  HOH HOH A . 
D 3 HOH 13  413 14  HOH HOH A . 
D 3 HOH 14  414 16  HOH HOH A . 
D 3 HOH 15  415 17  HOH HOH A . 
D 3 HOH 16  416 18  HOH HOH A . 
D 3 HOH 17  417 19  HOH HOH A . 
D 3 HOH 18  418 20  HOH HOH A . 
D 3 HOH 19  419 21  HOH HOH A . 
D 3 HOH 20  420 22  HOH HOH A . 
D 3 HOH 21  421 23  HOH HOH A . 
D 3 HOH 22  422 24  HOH HOH A . 
D 3 HOH 23  423 27  HOH HOH A . 
D 3 HOH 24  424 28  HOH HOH A . 
D 3 HOH 25  425 30  HOH HOH A . 
D 3 HOH 26  426 31  HOH HOH A . 
D 3 HOH 27  427 32  HOH HOH A . 
D 3 HOH 28  428 33  HOH HOH A . 
D 3 HOH 29  429 34  HOH HOH A . 
D 3 HOH 30  430 35  HOH HOH A . 
D 3 HOH 31  431 36  HOH HOH A . 
D 3 HOH 32  432 38  HOH HOH A . 
D 3 HOH 33  433 39  HOH HOH A . 
D 3 HOH 34  434 40  HOH HOH A . 
D 3 HOH 35  435 41  HOH HOH A . 
D 3 HOH 36  436 42  HOH HOH A . 
D 3 HOH 37  437 43  HOH HOH A . 
D 3 HOH 38  438 44  HOH HOH A . 
D 3 HOH 39  439 45  HOH HOH A . 
D 3 HOH 40  440 46  HOH HOH A . 
D 3 HOH 41  441 47  HOH HOH A . 
D 3 HOH 42  442 48  HOH HOH A . 
D 3 HOH 43  443 49  HOH HOH A . 
D 3 HOH 44  444 50  HOH HOH A . 
D 3 HOH 45  445 52  HOH HOH A . 
D 3 HOH 46  446 54  HOH HOH A . 
D 3 HOH 47  447 56  HOH HOH A . 
D 3 HOH 48  448 57  HOH HOH A . 
D 3 HOH 49  449 59  HOH HOH A . 
D 3 HOH 50  450 60  HOH HOH A . 
D 3 HOH 51  451 61  HOH HOH A . 
D 3 HOH 52  452 63  HOH HOH A . 
D 3 HOH 53  453 64  HOH HOH A . 
D 3 HOH 54  454 65  HOH HOH A . 
D 3 HOH 55  455 66  HOH HOH A . 
D 3 HOH 56  456 67  HOH HOH A . 
D 3 HOH 57  457 68  HOH HOH A . 
D 3 HOH 58  458 71  HOH HOH A . 
D 3 HOH 59  459 72  HOH HOH A . 
D 3 HOH 60  460 74  HOH HOH A . 
D 3 HOH 61  461 75  HOH HOH A . 
D 3 HOH 62  462 76  HOH HOH A . 
D 3 HOH 63  463 77  HOH HOH A . 
D 3 HOH 64  464 78  HOH HOH A . 
D 3 HOH 65  465 79  HOH HOH A . 
D 3 HOH 66  466 81  HOH HOH A . 
D 3 HOH 67  467 82  HOH HOH A . 
D 3 HOH 68  468 83  HOH HOH A . 
D 3 HOH 69  469 87  HOH HOH A . 
D 3 HOH 70  470 89  HOH HOH A . 
D 3 HOH 71  471 90  HOH HOH A . 
D 3 HOH 72  472 91  HOH HOH A . 
D 3 HOH 73  473 92  HOH HOH A . 
D 3 HOH 74  474 94  HOH HOH A . 
D 3 HOH 75  475 96  HOH HOH A . 
D 3 HOH 76  476 98  HOH HOH A . 
D 3 HOH 77  477 99  HOH HOH A . 
D 3 HOH 78  478 100 HOH HOH A . 
D 3 HOH 79  479 101 HOH HOH A . 
D 3 HOH 80  480 102 HOH HOH A . 
D 3 HOH 81  481 103 HOH HOH A . 
D 3 HOH 82  482 104 HOH HOH A . 
D 3 HOH 83  483 105 HOH HOH A . 
D 3 HOH 84  484 106 HOH HOH A . 
D 3 HOH 85  485 107 HOH HOH A . 
D 3 HOH 86  486 108 HOH HOH A . 
D 3 HOH 87  487 109 HOH HOH A . 
D 3 HOH 88  488 110 HOH HOH A . 
D 3 HOH 89  489 111 HOH HOH A . 
D 3 HOH 90  490 112 HOH HOH A . 
D 3 HOH 91  491 113 HOH HOH A . 
D 3 HOH 92  492 114 HOH HOH A . 
D 3 HOH 93  493 115 HOH HOH A . 
D 3 HOH 94  494 116 HOH HOH A . 
D 3 HOH 95  495 118 HOH HOH A . 
D 3 HOH 96  496 119 HOH HOH A . 
D 3 HOH 97  497 120 HOH HOH A . 
D 3 HOH 98  498 122 HOH HOH A . 
D 3 HOH 99  499 123 HOH HOH A . 
D 3 HOH 100 500 124 HOH HOH A . 
D 3 HOH 101 501 128 HOH HOH A . 
D 3 HOH 102 502 132 HOH HOH A . 
D 3 HOH 103 503 133 HOH HOH A . 
D 3 HOH 104 504 137 HOH HOH A . 
D 3 HOH 105 505 141 HOH HOH A . 
D 3 HOH 106 506 148 HOH HOH A . 
D 3 HOH 107 507 149 HOH HOH A . 
D 3 HOH 108 508 150 HOH HOH A . 
D 3 HOH 109 509 151 HOH HOH A . 
D 3 HOH 110 510 152 HOH HOH A . 
D 3 HOH 111 511 154 HOH HOH A . 
D 3 HOH 112 512 155 HOH HOH A . 
D 3 HOH 113 513 157 HOH HOH A . 
D 3 HOH 114 514 161 HOH HOH A . 
D 3 HOH 115 515 163 HOH HOH A . 
D 3 HOH 116 516 166 HOH HOH A . 
D 3 HOH 117 517 167 HOH HOH A . 
D 3 HOH 118 518 169 HOH HOH A . 
D 3 HOH 119 519 173 HOH HOH A . 
D 3 HOH 120 520 174 HOH HOH A . 
D 3 HOH 121 521 175 HOH HOH A . 
D 3 HOH 122 522 178 HOH HOH A . 
D 3 HOH 123 523 179 HOH HOH A . 
D 3 HOH 124 524 182 HOH HOH A . 
D 3 HOH 125 525 185 HOH HOH A . 
D 3 HOH 126 526 186 HOH HOH A . 
D 3 HOH 127 527 187 HOH HOH A . 
D 3 HOH 128 528 188 HOH HOH A . 
D 3 HOH 129 529 189 HOH HOH A . 
D 3 HOH 130 530 190 HOH HOH A . 
D 3 HOH 131 531 191 HOH HOH A . 
D 3 HOH 132 532 192 HOH HOH A . 
D 3 HOH 133 533 193 HOH HOH A . 
D 3 HOH 134 534 194 HOH HOH A . 
D 3 HOH 135 535 195 HOH HOH A . 
D 3 HOH 136 536 196 HOH HOH A . 
D 3 HOH 137 537 197 HOH HOH A . 
D 3 HOH 138 538 198 HOH HOH A . 
D 3 HOH 139 539 199 HOH HOH A . 
D 3 HOH 140 540 200 HOH HOH A . 
D 3 HOH 141 541 202 HOH HOH A . 
D 3 HOH 142 542 204 HOH HOH A . 
D 3 HOH 143 543 205 HOH HOH A . 
D 3 HOH 144 544 206 HOH HOH A . 
D 3 HOH 145 545 207 HOH HOH A . 
D 3 HOH 146 546 209 HOH HOH A . 
D 3 HOH 147 547 211 HOH HOH A . 
D 3 HOH 148 548 213 HOH HOH A . 
D 3 HOH 149 549 214 HOH HOH A . 
D 3 HOH 150 550 215 HOH HOH A . 
D 3 HOH 151 551 217 HOH HOH A . 
D 3 HOH 152 552 218 HOH HOH A . 
D 3 HOH 153 553 219 HOH HOH A . 
D 3 HOH 154 554 220 HOH HOH A . 
D 3 HOH 155 555 221 HOH HOH A . 
D 3 HOH 156 556 222 HOH HOH A . 
D 3 HOH 157 557 223 HOH HOH A . 
D 3 HOH 158 558 224 HOH HOH A . 
D 3 HOH 159 559 225 HOH HOH A . 
D 3 HOH 160 560 226 HOH HOH A . 
D 3 HOH 161 561 227 HOH HOH A . 
D 3 HOH 162 562 228 HOH HOH A . 
# 
_pdbx_struct_assembly.id                   1 
_pdbx_struct_assembly.details              author_defined_assembly 
_pdbx_struct_assembly.method_details       ? 
_pdbx_struct_assembly.oligomeric_details   monomeric 
_pdbx_struct_assembly.oligomeric_count     1 
# 
_pdbx_struct_assembly_gen.assembly_id       1 
_pdbx_struct_assembly_gen.oper_expression   1 
_pdbx_struct_assembly_gen.asym_id_list      A,B,C,D 
# 
_pdbx_struct_oper_list.id                   1 
_pdbx_struct_oper_list.type                 'identity operation' 
_pdbx_struct_oper_list.name                 1_555 
_pdbx_struct_oper_list.symmetry_operation   x,y,z 
_pdbx_struct_oper_list.matrix[1][1]         1.0000000000 
_pdbx_struct_oper_list.matrix[1][2]         0.0000000000 
_pdbx_struct_oper_list.matrix[1][3]         0.0000000000 
_pdbx_struct_oper_list.vector[1]            0.0000000000 
_pdbx_struct_oper_list.matrix[2][1]         0.0000000000 
_pdbx_struct_oper_list.matrix[2][2]         1.0000000000 
_pdbx_struct_oper_list.matrix[2][3]         0.0000000000 
_pdbx_struct_oper_list.vector[2]            0.0000000000 
_pdbx_struct_oper_list.matrix[3][1]         0.0000000000 
_pdbx_struct_oper_list.matrix[3][2]         0.0000000000 
_pdbx_struct_oper_list.matrix[3][3]         1.0000000000 
_pdbx_struct_oper_list.vector[3]            0.0000000000 
# 
loop_
_pdbx_audit_revision_history.ordinal 
_pdbx_audit_revision_history.data_content_type 
_pdbx_audit_revision_history.major_revision 
_pdbx_audit_revision_history.minor_revision 
_pdbx_audit_revision_history.revision_date 
1 'Structure model' 1 0 2004-02-17 
2 'Structure model' 1 1 2008-04-26 
3 'Structure model' 1 2 2011-07-13 
4 'Structure model' 1 3 2023-08-16 
# 
_pdbx_audit_revision_details.ordinal             1 
_pdbx_audit_revision_details.revision_ordinal    1 
_pdbx_audit_revision_details.data_content_type   'Structure model' 
_pdbx_audit_revision_details.provider            repository 
_pdbx_audit_revision_details.type                'Initial release' 
_pdbx_audit_revision_details.description         ? 
_pdbx_audit_revision_details.details             ? 
# 
loop_
_pdbx_audit_revision_group.ordinal 
_pdbx_audit_revision_group.revision_ordinal 
_pdbx_audit_revision_group.data_content_type 
_pdbx_audit_revision_group.group 
1 2 'Structure model' 'Version format compliance' 
2 3 'Structure model' 'Version format compliance' 
3 4 'Structure model' 'Data collection'           
4 4 'Structure model' 'Database references'       
5 4 'Structure model' 'Derived calculations'      
6 4 'Structure model' 'Refinement description'    
# 
loop_
_pdbx_audit_revision_category.ordinal 
_pdbx_audit_revision_category.revision_ordinal 
_pdbx_audit_revision_category.data_content_type 
_pdbx_audit_revision_category.category 
1 4 'Structure model' chem_comp_atom                
2 4 'Structure model' chem_comp_bond                
3 4 'Structure model' database_2                    
4 4 'Structure model' pdbx_initial_refinement_model 
5 4 'Structure model' struct_site                   
# 
loop_
_pdbx_audit_revision_item.ordinal 
_pdbx_audit_revision_item.revision_ordinal 
_pdbx_audit_revision_item.data_content_type 
_pdbx_audit_revision_item.item 
1 4 'Structure model' '_database_2.pdbx_DOI'                
2 4 'Structure model' '_database_2.pdbx_database_accession' 
3 4 'Structure model' '_struct_site.pdbx_auth_asym_id'      
4 4 'Structure model' '_struct_site.pdbx_auth_comp_id'      
5 4 'Structure model' '_struct_site.pdbx_auth_seq_id'       
# 
loop_
_software.name 
_software.classification 
_software.version 
_software.citation_id 
_software.pdbx_ordinal 
XDS    'data scaling'   .     ? 1 
XDS    'data reduction' .     ? 2 
X-PLOR 'model building' 3.851 ? 3 
X-PLOR refinement       3.851 ? 4 
X-PLOR phasing          3.851 ? 5 
# 
loop_
_pdbx_validate_torsion.id 
_pdbx_validate_torsion.PDB_model_num 
_pdbx_validate_torsion.auth_comp_id 
_pdbx_validate_torsion.auth_asym_id 
_pdbx_validate_torsion.auth_seq_id 
_pdbx_validate_torsion.PDB_ins_code 
_pdbx_validate_torsion.label_alt_id 
_pdbx_validate_torsion.phi 
_pdbx_validate_torsion.psi 
1 1 LEU A 22  ? ? -90.81  49.84   
2 1 ASP A 94  ? ? 46.19   -121.23 
3 1 THR A 101 ? ? -108.20 -67.58  
# 
loop_
_pdbx_unobs_or_zero_occ_residues.id 
_pdbx_unobs_or_zero_occ_residues.PDB_model_num 
_pdbx_unobs_or_zero_occ_residues.polymer_flag 
_pdbx_unobs_or_zero_occ_residues.occupancy_flag 
_pdbx_unobs_or_zero_occ_residues.auth_asym_id 
_pdbx_unobs_or_zero_occ_residues.auth_comp_id 
_pdbx_unobs_or_zero_occ_residues.auth_seq_id 
_pdbx_unobs_or_zero_occ_residues.PDB_ins_code 
_pdbx_unobs_or_zero_occ_residues.label_asym_id 
_pdbx_unobs_or_zero_occ_residues.label_comp_id 
_pdbx_unobs_or_zero_occ_residues.label_seq_id 
1 1 Y 1 A SER 107 ? A SER 107 
2 1 Y 1 A LYS 108 ? A LYS 108 
# 
loop_
_chem_comp_atom.comp_id 
_chem_comp_atom.atom_id 
_chem_comp_atom.type_symbol 
_chem_comp_atom.pdbx_aromatic_flag 
_chem_comp_atom.pdbx_stereo_config 
_chem_comp_atom.pdbx_ordinal 
ALA N    N N N 1   
ALA CA   C N S 2   
ALA C    C N N 3   
ALA O    O N N 4   
ALA CB   C N N 5   
ALA OXT  O N N 6   
ALA H    H N N 7   
ALA H2   H N N 8   
ALA HA   H N N 9   
ALA HB1  H N N 10  
ALA HB2  H N N 11  
ALA HB3  H N N 12  
ALA HXT  H N N 13  
ARG N    N N N 14  
ARG CA   C N S 15  
ARG C    C N N 16  
ARG O    O N N 17  
ARG CB   C N N 18  
ARG CG   C N N 19  
ARG CD   C N N 20  
ARG NE   N N N 21  
ARG CZ   C N N 22  
ARG NH1  N N N 23  
ARG NH2  N N N 24  
ARG OXT  O N N 25  
ARG H    H N N 26  
ARG H2   H N N 27  
ARG HA   H N N 28  
ARG HB2  H N N 29  
ARG HB3  H N N 30  
ARG HG2  H N N 31  
ARG HG3  H N N 32  
ARG HD2  H N N 33  
ARG HD3  H N N 34  
ARG HE   H N N 35  
ARG HH11 H N N 36  
ARG HH12 H N N 37  
ARG HH21 H N N 38  
ARG HH22 H N N 39  
ARG HXT  H N N 40  
ASN N    N N N 41  
ASN CA   C N S 42  
ASN C    C N N 43  
ASN O    O N N 44  
ASN CB   C N N 45  
ASN CG   C N N 46  
ASN OD1  O N N 47  
ASN ND2  N N N 48  
ASN OXT  O N N 49  
ASN H    H N N 50  
ASN H2   H N N 51  
ASN HA   H N N 52  
ASN HB2  H N N 53  
ASN HB3  H N N 54  
ASN HD21 H N N 55  
ASN HD22 H N N 56  
ASN HXT  H N N 57  
ASP N    N N N 58  
ASP CA   C N S 59  
ASP C    C N N 60  
ASP O    O N N 61  
ASP CB   C N N 62  
ASP CG   C N N 63  
ASP OD1  O N N 64  
ASP OD2  O N N 65  
ASP OXT  O N N 66  
ASP H    H N N 67  
ASP H2   H N N 68  
ASP HA   H N N 69  
ASP HB2  H N N 70  
ASP HB3  H N N 71  
ASP HD2  H N N 72  
ASP HXT  H N N 73  
CYS N    N N N 74  
CYS CA   C N R 75  
CYS C    C N N 76  
CYS O    O N N 77  
CYS CB   C N N 78  
CYS SG   S N N 79  
CYS OXT  O N N 80  
CYS H    H N N 81  
CYS H2   H N N 82  
CYS HA   H N N 83  
CYS HB2  H N N 84  
CYS HB3  H N N 85  
CYS HG   H N N 86  
CYS HXT  H N N 87  
GLN N    N N N 88  
GLN CA   C N S 89  
GLN C    C N N 90  
GLN O    O N N 91  
GLN CB   C N N 92  
GLN CG   C N N 93  
GLN CD   C N N 94  
GLN OE1  O N N 95  
GLN NE2  N N N 96  
GLN OXT  O N N 97  
GLN H    H N N 98  
GLN H2   H N N 99  
GLN HA   H N N 100 
GLN HB2  H N N 101 
GLN HB3  H N N 102 
GLN HG2  H N N 103 
GLN HG3  H N N 104 
GLN HE21 H N N 105 
GLN HE22 H N N 106 
GLN HXT  H N N 107 
GLU N    N N N 108 
GLU CA   C N S 109 
GLU C    C N N 110 
GLU O    O N N 111 
GLU CB   C N N 112 
GLU CG   C N N 113 
GLU CD   C N N 114 
GLU OE1  O N N 115 
GLU OE2  O N N 116 
GLU OXT  O N N 117 
GLU H    H N N 118 
GLU H2   H N N 119 
GLU HA   H N N 120 
GLU HB2  H N N 121 
GLU HB3  H N N 122 
GLU HG2  H N N 123 
GLU HG3  H N N 124 
GLU HE2  H N N 125 
GLU HXT  H N N 126 
GLY N    N N N 127 
GLY CA   C N N 128 
GLY C    C N N 129 
GLY O    O N N 130 
GLY OXT  O N N 131 
GLY H    H N N 132 
GLY H2   H N N 133 
GLY HA2  H N N 134 
GLY HA3  H N N 135 
GLY HXT  H N N 136 
HIS N    N N N 137 
HIS CA   C N S 138 
HIS C    C N N 139 
HIS O    O N N 140 
HIS CB   C N N 141 
HIS CG   C Y N 142 
HIS ND1  N Y N 143 
HIS CD2  C Y N 144 
HIS CE1  C Y N 145 
HIS NE2  N Y N 146 
HIS OXT  O N N 147 
HIS H    H N N 148 
HIS H2   H N N 149 
HIS HA   H N N 150 
HIS HB2  H N N 151 
HIS HB3  H N N 152 
HIS HD1  H N N 153 
HIS HD2  H N N 154 
HIS HE1  H N N 155 
HIS HE2  H N N 156 
HIS HXT  H N N 157 
HOH O    O N N 158 
HOH H1   H N N 159 
HOH H2   H N N 160 
HPS C1   C Y N 161 
HPS C2   C Y N 162 
HPS C3   C Y N 163 
HPS C4   C Y N 164 
HPS C5   C Y N 165 
HPS C6   C Y N 166 
HPS O12  O N N 167 
HPS P13  P N N 168 
HPS O14  O N N 169 
HPS O15  O N N 170 
HPS O16  O N N 171 
HPS H1   H N N 172 
HPS H2   H N N 173 
HPS H3   H N N 174 
HPS H4   H N N 175 
HPS H6   H N N 176 
HPS H14  H N N 177 
HPS H15  H N N 178 
ILE N    N N N 179 
ILE CA   C N S 180 
ILE C    C N N 181 
ILE O    O N N 182 
ILE CB   C N S 183 
ILE CG1  C N N 184 
ILE CG2  C N N 185 
ILE CD1  C N N 186 
ILE OXT  O N N 187 
ILE H    H N N 188 
ILE H2   H N N 189 
ILE HA   H N N 190 
ILE HB   H N N 191 
ILE HG12 H N N 192 
ILE HG13 H N N 193 
ILE HG21 H N N 194 
ILE HG22 H N N 195 
ILE HG23 H N N 196 
ILE HD11 H N N 197 
ILE HD12 H N N 198 
ILE HD13 H N N 199 
ILE HXT  H N N 200 
LEU N    N N N 201 
LEU CA   C N S 202 
LEU C    C N N 203 
LEU O    O N N 204 
LEU CB   C N N 205 
LEU CG   C N N 206 
LEU CD1  C N N 207 
LEU CD2  C N N 208 
LEU OXT  O N N 209 
LEU H    H N N 210 
LEU H2   H N N 211 
LEU HA   H N N 212 
LEU HB2  H N N 213 
LEU HB3  H N N 214 
LEU HG   H N N 215 
LEU HD11 H N N 216 
LEU HD12 H N N 217 
LEU HD13 H N N 218 
LEU HD21 H N N 219 
LEU HD22 H N N 220 
LEU HD23 H N N 221 
LEU HXT  H N N 222 
LYS N    N N N 223 
LYS CA   C N S 224 
LYS C    C N N 225 
LYS O    O N N 226 
LYS CB   C N N 227 
LYS CG   C N N 228 
LYS CD   C N N 229 
LYS CE   C N N 230 
LYS NZ   N N N 231 
LYS OXT  O N N 232 
LYS H    H N N 233 
LYS H2   H N N 234 
LYS HA   H N N 235 
LYS HB2  H N N 236 
LYS HB3  H N N 237 
LYS HG2  H N N 238 
LYS HG3  H N N 239 
LYS HD2  H N N 240 
LYS HD3  H N N 241 
LYS HE2  H N N 242 
LYS HE3  H N N 243 
LYS HZ1  H N N 244 
LYS HZ2  H N N 245 
LYS HZ3  H N N 246 
LYS HXT  H N N 247 
PHE N    N N N 248 
PHE CA   C N S 249 
PHE C    C N N 250 
PHE O    O N N 251 
PHE CB   C N N 252 
PHE CG   C Y N 253 
PHE CD1  C Y N 254 
PHE CD2  C Y N 255 
PHE CE1  C Y N 256 
PHE CE2  C Y N 257 
PHE CZ   C Y N 258 
PHE OXT  O N N 259 
PHE H    H N N 260 
PHE H2   H N N 261 
PHE HA   H N N 262 
PHE HB2  H N N 263 
PHE HB3  H N N 264 
PHE HD1  H N N 265 
PHE HD2  H N N 266 
PHE HE1  H N N 267 
PHE HE2  H N N 268 
PHE HZ   H N N 269 
PHE HXT  H N N 270 
PRO N    N N N 271 
PRO CA   C N S 272 
PRO C    C N N 273 
PRO O    O N N 274 
PRO CB   C N N 275 
PRO CG   C N N 276 
PRO CD   C N N 277 
PRO OXT  O N N 278 
PRO H    H N N 279 
PRO HA   H N N 280 
PRO HB2  H N N 281 
PRO HB3  H N N 282 
PRO HG2  H N N 283 
PRO HG3  H N N 284 
PRO HD2  H N N 285 
PRO HD3  H N N 286 
PRO HXT  H N N 287 
SER N    N N N 288 
SER CA   C N S 289 
SER C    C N N 290 
SER O    O N N 291 
SER CB   C N N 292 
SER OG   O N N 293 
SER OXT  O N N 294 
SER H    H N N 295 
SER H2   H N N 296 
SER HA   H N N 297 
SER HB2  H N N 298 
SER HB3  H N N 299 
SER HG   H N N 300 
SER HXT  H N N 301 
THR N    N N N 302 
THR CA   C N S 303 
THR C    C N N 304 
THR O    O N N 305 
THR CB   C N R 306 
THR OG1  O N N 307 
THR CG2  C N N 308 
THR OXT  O N N 309 
THR H    H N N 310 
THR H2   H N N 311 
THR HA   H N N 312 
THR HB   H N N 313 
THR HG1  H N N 314 
THR HG21 H N N 315 
THR HG22 H N N 316 
THR HG23 H N N 317 
THR HXT  H N N 318 
TRP N    N N N 319 
TRP CA   C N S 320 
TRP C    C N N 321 
TRP O    O N N 322 
TRP CB   C N N 323 
TRP CG   C Y N 324 
TRP CD1  C Y N 325 
TRP CD2  C Y N 326 
TRP NE1  N Y N 327 
TRP CE2  C Y N 328 
TRP CE3  C Y N 329 
TRP CZ2  C Y N 330 
TRP CZ3  C Y N 331 
TRP CH2  C Y N 332 
TRP OXT  O N N 333 
TRP H    H N N 334 
TRP H2   H N N 335 
TRP HA   H N N 336 
TRP HB2  H N N 337 
TRP HB3  H N N 338 
TRP HD1  H N N 339 
TRP HE1  H N N 340 
TRP HE3  H N N 341 
TRP HZ2  H N N 342 
TRP HZ3  H N N 343 
TRP HH2  H N N 344 
TRP HXT  H N N 345 
TYR N    N N N 346 
TYR CA   C N S 347 
TYR C    C N N 348 
TYR O    O N N 349 
TYR CB   C N N 350 
TYR CG   C Y N 351 
TYR CD1  C Y N 352 
TYR CD2  C Y N 353 
TYR CE1  C Y N 354 
TYR CE2  C Y N 355 
TYR CZ   C Y N 356 
TYR OH   O N N 357 
TYR OXT  O N N 358 
TYR H    H N N 359 
TYR H2   H N N 360 
TYR HA   H N N 361 
TYR HB2  H N N 362 
TYR HB3  H N N 363 
TYR HD1  H N N 364 
TYR HD2  H N N 365 
TYR HE1  H N N 366 
TYR HE2  H N N 367 
TYR HH   H N N 368 
TYR HXT  H N N 369 
VAL N    N N N 370 
VAL CA   C N S 371 
VAL C    C N N 372 
VAL O    O N N 373 
VAL CB   C N N 374 
VAL CG1  C N N 375 
VAL CG2  C N N 376 
VAL OXT  O N N 377 
VAL H    H N N 378 
VAL H2   H N N 379 
VAL HA   H N N 380 
VAL HB   H N N 381 
VAL HG11 H N N 382 
VAL HG12 H N N 383 
VAL HG13 H N N 384 
VAL HG21 H N N 385 
VAL HG22 H N N 386 
VAL HG23 H N N 387 
VAL HXT  H N N 388 
# 
loop_
_chem_comp_bond.comp_id 
_chem_comp_bond.atom_id_1 
_chem_comp_bond.atom_id_2 
_chem_comp_bond.value_order 
_chem_comp_bond.pdbx_aromatic_flag 
_chem_comp_bond.pdbx_stereo_config 
_chem_comp_bond.pdbx_ordinal 
ALA N   CA   sing N N 1   
ALA N   H    sing N N 2   
ALA N   H2   sing N N 3   
ALA CA  C    sing N N 4   
ALA CA  CB   sing N N 5   
ALA CA  HA   sing N N 6   
ALA C   O    doub N N 7   
ALA C   OXT  sing N N 8   
ALA CB  HB1  sing N N 9   
ALA CB  HB2  sing N N 10  
ALA CB  HB3  sing N N 11  
ALA OXT HXT  sing N N 12  
ARG N   CA   sing N N 13  
ARG N   H    sing N N 14  
ARG N   H2   sing N N 15  
ARG CA  C    sing N N 16  
ARG CA  CB   sing N N 17  
ARG CA  HA   sing N N 18  
ARG C   O    doub N N 19  
ARG C   OXT  sing N N 20  
ARG CB  CG   sing N N 21  
ARG CB  HB2  sing N N 22  
ARG CB  HB3  sing N N 23  
ARG CG  CD   sing N N 24  
ARG CG  HG2  sing N N 25  
ARG CG  HG3  sing N N 26  
ARG CD  NE   sing N N 27  
ARG CD  HD2  sing N N 28  
ARG CD  HD3  sing N N 29  
ARG NE  CZ   sing N N 30  
ARG NE  HE   sing N N 31  
ARG CZ  NH1  sing N N 32  
ARG CZ  NH2  doub N N 33  
ARG NH1 HH11 sing N N 34  
ARG NH1 HH12 sing N N 35  
ARG NH2 HH21 sing N N 36  
ARG NH2 HH22 sing N N 37  
ARG OXT HXT  sing N N 38  
ASN N   CA   sing N N 39  
ASN N   H    sing N N 40  
ASN N   H2   sing N N 41  
ASN CA  C    sing N N 42  
ASN CA  CB   sing N N 43  
ASN CA  HA   sing N N 44  
ASN C   O    doub N N 45  
ASN C   OXT  sing N N 46  
ASN CB  CG   sing N N 47  
ASN CB  HB2  sing N N 48  
ASN CB  HB3  sing N N 49  
ASN CG  OD1  doub N N 50  
ASN CG  ND2  sing N N 51  
ASN ND2 HD21 sing N N 52  
ASN ND2 HD22 sing N N 53  
ASN OXT HXT  sing N N 54  
ASP N   CA   sing N N 55  
ASP N   H    sing N N 56  
ASP N   H2   sing N N 57  
ASP CA  C    sing N N 58  
ASP CA  CB   sing N N 59  
ASP CA  HA   sing N N 60  
ASP C   O    doub N N 61  
ASP C   OXT  sing N N 62  
ASP CB  CG   sing N N 63  
ASP CB  HB2  sing N N 64  
ASP CB  HB3  sing N N 65  
ASP CG  OD1  doub N N 66  
ASP CG  OD2  sing N N 67  
ASP OD2 HD2  sing N N 68  
ASP OXT HXT  sing N N 69  
CYS N   CA   sing N N 70  
CYS N   H    sing N N 71  
CYS N   H2   sing N N 72  
CYS CA  C    sing N N 73  
CYS CA  CB   sing N N 74  
CYS CA  HA   sing N N 75  
CYS C   O    doub N N 76  
CYS C   OXT  sing N N 77  
CYS CB  SG   sing N N 78  
CYS CB  HB2  sing N N 79  
CYS CB  HB3  sing N N 80  
CYS SG  HG   sing N N 81  
CYS OXT HXT  sing N N 82  
GLN N   CA   sing N N 83  
GLN N   H    sing N N 84  
GLN N   H2   sing N N 85  
GLN CA  C    sing N N 86  
GLN CA  CB   sing N N 87  
GLN CA  HA   sing N N 88  
GLN C   O    doub N N 89  
GLN C   OXT  sing N N 90  
GLN CB  CG   sing N N 91  
GLN CB  HB2  sing N N 92  
GLN CB  HB3  sing N N 93  
GLN CG  CD   sing N N 94  
GLN CG  HG2  sing N N 95  
GLN CG  HG3  sing N N 96  
GLN CD  OE1  doub N N 97  
GLN CD  NE2  sing N N 98  
GLN NE2 HE21 sing N N 99  
GLN NE2 HE22 sing N N 100 
GLN OXT HXT  sing N N 101 
GLU N   CA   sing N N 102 
GLU N   H    sing N N 103 
GLU N   H2   sing N N 104 
GLU CA  C    sing N N 105 
GLU CA  CB   sing N N 106 
GLU CA  HA   sing N N 107 
GLU C   O    doub N N 108 
GLU C   OXT  sing N N 109 
GLU CB  CG   sing N N 110 
GLU CB  HB2  sing N N 111 
GLU CB  HB3  sing N N 112 
GLU CG  CD   sing N N 113 
GLU CG  HG2  sing N N 114 
GLU CG  HG3  sing N N 115 
GLU CD  OE1  doub N N 116 
GLU CD  OE2  sing N N 117 
GLU OE2 HE2  sing N N 118 
GLU OXT HXT  sing N N 119 
GLY N   CA   sing N N 120 
GLY N   H    sing N N 121 
GLY N   H2   sing N N 122 
GLY CA  C    sing N N 123 
GLY CA  HA2  sing N N 124 
GLY CA  HA3  sing N N 125 
GLY C   O    doub N N 126 
GLY C   OXT  sing N N 127 
GLY OXT HXT  sing N N 128 
HIS N   CA   sing N N 129 
HIS N   H    sing N N 130 
HIS N   H2   sing N N 131 
HIS CA  C    sing N N 132 
HIS CA  CB   sing N N 133 
HIS CA  HA   sing N N 134 
HIS C   O    doub N N 135 
HIS C   OXT  sing N N 136 
HIS CB  CG   sing N N 137 
HIS CB  HB2  sing N N 138 
HIS CB  HB3  sing N N 139 
HIS CG  ND1  sing Y N 140 
HIS CG  CD2  doub Y N 141 
HIS ND1 CE1  doub Y N 142 
HIS ND1 HD1  sing N N 143 
HIS CD2 NE2  sing Y N 144 
HIS CD2 HD2  sing N N 145 
HIS CE1 NE2  sing Y N 146 
HIS CE1 HE1  sing N N 147 
HIS NE2 HE2  sing N N 148 
HIS OXT HXT  sing N N 149 
HOH O   H1   sing N N 150 
HOH O   H2   sing N N 151 
HPS C1  C2   sing Y N 152 
HPS C1  C6   doub Y N 153 
HPS C1  H1   sing N N 154 
HPS C2  C3   doub Y N 155 
HPS C2  H2   sing N N 156 
HPS C3  C4   sing Y N 157 
HPS C3  H3   sing N N 158 
HPS C4  C5   doub Y N 159 
HPS C4  H4   sing N N 160 
HPS C5  C6   sing Y N 161 
HPS C5  O12  sing N N 162 
HPS C6  H6   sing N N 163 
HPS O12 P13  sing N N 164 
HPS P13 O14  sing N N 165 
HPS P13 O15  sing N N 166 
HPS P13 O16  doub N N 167 
HPS O14 H14  sing N N 168 
HPS O15 H15  sing N N 169 
ILE N   CA   sing N N 170 
ILE N   H    sing N N 171 
ILE N   H2   sing N N 172 
ILE CA  C    sing N N 173 
ILE CA  CB   sing N N 174 
ILE CA  HA   sing N N 175 
ILE C   O    doub N N 176 
ILE C   OXT  sing N N 177 
ILE CB  CG1  sing N N 178 
ILE CB  CG2  sing N N 179 
ILE CB  HB   sing N N 180 
ILE CG1 CD1  sing N N 181 
ILE CG1 HG12 sing N N 182 
ILE CG1 HG13 sing N N 183 
ILE CG2 HG21 sing N N 184 
ILE CG2 HG22 sing N N 185 
ILE CG2 HG23 sing N N 186 
ILE CD1 HD11 sing N N 187 
ILE CD1 HD12 sing N N 188 
ILE CD1 HD13 sing N N 189 
ILE OXT HXT  sing N N 190 
LEU N   CA   sing N N 191 
LEU N   H    sing N N 192 
LEU N   H2   sing N N 193 
LEU CA  C    sing N N 194 
LEU CA  CB   sing N N 195 
LEU CA  HA   sing N N 196 
LEU C   O    doub N N 197 
LEU C   OXT  sing N N 198 
LEU CB  CG   sing N N 199 
LEU CB  HB2  sing N N 200 
LEU CB  HB3  sing N N 201 
LEU CG  CD1  sing N N 202 
LEU CG  CD2  sing N N 203 
LEU CG  HG   sing N N 204 
LEU CD1 HD11 sing N N 205 
LEU CD1 HD12 sing N N 206 
LEU CD1 HD13 sing N N 207 
LEU CD2 HD21 sing N N 208 
LEU CD2 HD22 sing N N 209 
LEU CD2 HD23 sing N N 210 
LEU OXT HXT  sing N N 211 
LYS N   CA   sing N N 212 
LYS N   H    sing N N 213 
LYS N   H2   sing N N 214 
LYS CA  C    sing N N 215 
LYS CA  CB   sing N N 216 
LYS CA  HA   sing N N 217 
LYS C   O    doub N N 218 
LYS C   OXT  sing N N 219 
LYS CB  CG   sing N N 220 
LYS CB  HB2  sing N N 221 
LYS CB  HB3  sing N N 222 
LYS CG  CD   sing N N 223 
LYS CG  HG2  sing N N 224 
LYS CG  HG3  sing N N 225 
LYS CD  CE   sing N N 226 
LYS CD  HD2  sing N N 227 
LYS CD  HD3  sing N N 228 
LYS CE  NZ   sing N N 229 
LYS CE  HE2  sing N N 230 
LYS CE  HE3  sing N N 231 
LYS NZ  HZ1  sing N N 232 
LYS NZ  HZ2  sing N N 233 
LYS NZ  HZ3  sing N N 234 
LYS OXT HXT  sing N N 235 
PHE N   CA   sing N N 236 
PHE N   H    sing N N 237 
PHE N   H2   sing N N 238 
PHE CA  C    sing N N 239 
PHE CA  CB   sing N N 240 
PHE CA  HA   sing N N 241 
PHE C   O    doub N N 242 
PHE C   OXT  sing N N 243 
PHE CB  CG   sing N N 244 
PHE CB  HB2  sing N N 245 
PHE CB  HB3  sing N N 246 
PHE CG  CD1  doub Y N 247 
PHE CG  CD2  sing Y N 248 
PHE CD1 CE1  sing Y N 249 
PHE CD1 HD1  sing N N 250 
PHE CD2 CE2  doub Y N 251 
PHE CD2 HD2  sing N N 252 
PHE CE1 CZ   doub Y N 253 
PHE CE1 HE1  sing N N 254 
PHE CE2 CZ   sing Y N 255 
PHE CE2 HE2  sing N N 256 
PHE CZ  HZ   sing N N 257 
PHE OXT HXT  sing N N 258 
PRO N   CA   sing N N 259 
PRO N   CD   sing N N 260 
PRO N   H    sing N N 261 
PRO CA  C    sing N N 262 
PRO CA  CB   sing N N 263 
PRO CA  HA   sing N N 264 
PRO C   O    doub N N 265 
PRO C   OXT  sing N N 266 
PRO CB  CG   sing N N 267 
PRO CB  HB2  sing N N 268 
PRO CB  HB3  sing N N 269 
PRO CG  CD   sing N N 270 
PRO CG  HG2  sing N N 271 
PRO CG  HG3  sing N N 272 
PRO CD  HD2  sing N N 273 
PRO CD  HD3  sing N N 274 
PRO OXT HXT  sing N N 275 
SER N   CA   sing N N 276 
SER N   H    sing N N 277 
SER N   H2   sing N N 278 
SER CA  C    sing N N 279 
SER CA  CB   sing N N 280 
SER CA  HA   sing N N 281 
SER C   O    doub N N 282 
SER C   OXT  sing N N 283 
SER CB  OG   sing N N 284 
SER CB  HB2  sing N N 285 
SER CB  HB3  sing N N 286 
SER OG  HG   sing N N 287 
SER OXT HXT  sing N N 288 
THR N   CA   sing N N 289 
THR N   H    sing N N 290 
THR N   H2   sing N N 291 
THR CA  C    sing N N 292 
THR CA  CB   sing N N 293 
THR CA  HA   sing N N 294 
THR C   O    doub N N 295 
THR C   OXT  sing N N 296 
THR CB  OG1  sing N N 297 
THR CB  CG2  sing N N 298 
THR CB  HB   sing N N 299 
THR OG1 HG1  sing N N 300 
THR CG2 HG21 sing N N 301 
THR CG2 HG22 sing N N 302 
THR CG2 HG23 sing N N 303 
THR OXT HXT  sing N N 304 
TRP N   CA   sing N N 305 
TRP N   H    sing N N 306 
TRP N   H2   sing N N 307 
TRP CA  C    sing N N 308 
TRP CA  CB   sing N N 309 
TRP CA  HA   sing N N 310 
TRP C   O    doub N N 311 
TRP C   OXT  sing N N 312 
TRP CB  CG   sing N N 313 
TRP CB  HB2  sing N N 314 
TRP CB  HB3  sing N N 315 
TRP CG  CD1  doub Y N 316 
TRP CG  CD2  sing Y N 317 
TRP CD1 NE1  sing Y N 318 
TRP CD1 HD1  sing N N 319 
TRP CD2 CE2  doub Y N 320 
TRP CD2 CE3  sing Y N 321 
TRP NE1 CE2  sing Y N 322 
TRP NE1 HE1  sing N N 323 
TRP CE2 CZ2  sing Y N 324 
TRP CE3 CZ3  doub Y N 325 
TRP CE3 HE3  sing N N 326 
TRP CZ2 CH2  doub Y N 327 
TRP CZ2 HZ2  sing N N 328 
TRP CZ3 CH2  sing Y N 329 
TRP CZ3 HZ3  sing N N 330 
TRP CH2 HH2  sing N N 331 
TRP OXT HXT  sing N N 332 
TYR N   CA   sing N N 333 
TYR N   H    sing N N 334 
TYR N   H2   sing N N 335 
TYR CA  C    sing N N 336 
TYR CA  CB   sing N N 337 
TYR CA  HA   sing N N 338 
TYR C   O    doub N N 339 
TYR C   OXT  sing N N 340 
TYR CB  CG   sing N N 341 
TYR CB  HB2  sing N N 342 
TYR CB  HB3  sing N N 343 
TYR CG  CD1  doub Y N 344 
TYR CG  CD2  sing Y N 345 
TYR CD1 CE1  sing Y N 346 
TYR CD1 HD1  sing N N 347 
TYR CD2 CE2  doub Y N 348 
TYR CD2 HD2  sing N N 349 
TYR CE1 CZ   doub Y N 350 
TYR CE1 HE1  sing N N 351 
TYR CE2 CZ   sing Y N 352 
TYR CE2 HE2  sing N N 353 
TYR CZ  OH   sing N N 354 
TYR OH  HH   sing N N 355 
TYR OXT HXT  sing N N 356 
VAL N   CA   sing N N 357 
VAL N   H    sing N N 358 
VAL N   H2   sing N N 359 
VAL CA  C    sing N N 360 
VAL CA  CB   sing N N 361 
VAL CA  HA   sing N N 362 
VAL C   O    doub N N 363 
VAL C   OXT  sing N N 364 
VAL CB  CG1  sing N N 365 
VAL CB  CG2  sing N N 366 
VAL CB  HB   sing N N 367 
VAL CG1 HG11 sing N N 368 
VAL CG1 HG12 sing N N 369 
VAL CG1 HG13 sing N N 370 
VAL CG2 HG21 sing N N 371 
VAL CG2 HG22 sing N N 372 
VAL CG2 HG23 sing N N 373 
VAL OXT HXT  sing N N 374 
# 
loop_
_pdbx_entity_nonpoly.entity_id 
_pdbx_entity_nonpoly.name 
_pdbx_entity_nonpoly.comp_id 
2 'PHENYL DIHYDROGEN PHOSPHATE' HPS 
3 water                         HOH 
# 
_pdbx_initial_refinement_model.id               1 
_pdbx_initial_refinement_model.entity_id_list   ? 
_pdbx_initial_refinement_model.type             'experimental model' 
_pdbx_initial_refinement_model.source_name      PDB 
_pdbx_initial_refinement_model.accession_code   1SHD 
_pdbx_initial_refinement_model.details          ? 
# 
